data_4MCJ
#
_entry.id   4MCJ
#
_cell.length_a   323.850
_cell.length_b   65.629
_cell.length_c   102.710
_cell.angle_alpha   90.000
_cell.angle_beta   90.480
_cell.angle_gamma   90.000
#
_symmetry.space_group_name_H-M   'C 1 2 1'
#
loop_
_entity.id
_entity.type
_entity.pdbx_description
1 polymer 'Uncharacterized protein'
2 non-polymer 'CHLORIDE ION'
3 water water
#
_entity_poly.entity_id   1
_entity_poly.type   'polypeptide(L)'
_entity_poly.pdbx_seq_one_letter_code
;GAQSEVVVLYPDTENKDLDEAVYQKIFLAGTID(MSE)GKSVDWQKATCDWFRALPEGRYLLFNPRRDKGLSGE(MSE)S
DFEHQVNWELEHLEKADLII(MSE)NILASSKSPITLLE(MSE)GLF(MSE)RSGKLRVICEPGFYRYDNVRLTCARYGV
PLYQN(MSE)DDFLKT(MSE)R
;
_entity_poly.pdbx_strand_id   A,B,C,D,E,F,G,H,I,J
#
loop_
_chem_comp.id
_chem_comp.type
_chem_comp.name
_chem_comp.formula
CL non-polymer 'CHLORIDE ION' 'Cl -1'
#
# COMPACT_ATOMS: atom_id res chain seq x y z
N GLY A 1 36.38 4.09 2.74
CA GLY A 1 37.81 4.33 2.61
C GLY A 1 38.55 3.16 1.99
N ALA A 2 39.88 3.32 1.91
CA ALA A 2 40.83 2.31 1.42
C ALA A 2 40.77 1.09 2.36
N GLN A 3 40.57 -0.12 1.79
CA GLN A 3 40.45 -1.36 2.56
C GLN A 3 41.22 -2.52 1.96
N SER A 4 41.84 -2.31 0.80
CA SER A 4 42.66 -3.34 0.15
C SER A 4 43.95 -3.63 0.96
N GLU A 5 44.48 -4.84 0.83
CA GLU A 5 45.78 -5.17 1.41
C GLU A 5 46.79 -5.23 0.26
N VAL A 6 47.79 -4.35 0.30
CA VAL A 6 48.77 -4.23 -0.76
C VAL A 6 50.16 -4.40 -0.19
N VAL A 7 50.86 -5.43 -0.68
CA VAL A 7 52.24 -5.74 -0.38
C VAL A 7 53.03 -5.51 -1.66
N VAL A 8 54.08 -4.67 -1.59
CA VAL A 8 54.93 -4.42 -2.74
C VAL A 8 56.33 -5.10 -2.52
N LEU A 9 56.73 -5.94 -3.50
CA LEU A 9 58.03 -6.63 -3.56
C LEU A 9 58.95 -5.95 -4.57
N TYR A 10 60.16 -5.64 -4.12
CA TYR A 10 61.22 -5.01 -4.95
C TYR A 10 62.38 -5.98 -5.14
N PRO A 11 63.26 -5.78 -6.17
CA PRO A 11 64.41 -6.69 -6.32
C PRO A 11 65.38 -6.67 -5.12
N ASP A 12 65.45 -5.56 -4.39
CA ASP A 12 66.34 -5.37 -3.24
C ASP A 12 65.60 -5.47 -1.86
N THR A 13 64.38 -6.03 -1.82
CA THR A 13 63.62 -6.25 -0.58
C THR A 13 63.19 -7.71 -0.53
N GLU A 14 62.93 -8.21 0.69
CA GLU A 14 62.52 -9.58 0.99
C GLU A 14 61.33 -9.57 1.94
N ASN A 15 60.27 -10.33 1.63
CA ASN A 15 59.11 -10.41 2.53
C ASN A 15 58.93 -11.90 2.92
N LYS A 16 59.92 -12.42 3.64
CA LYS A 16 59.97 -13.81 4.09
C LYS A 16 58.71 -14.19 4.91
N ASP A 17 58.32 -15.48 4.83
CA ASP A 17 57.17 -16.09 5.50
C ASP A 17 55.81 -15.42 5.02
N LEU A 18 55.73 -15.08 3.72
CA LEU A 18 54.50 -14.57 3.09
C LEU A 18 53.96 -15.64 2.12
N ASP A 19 52.66 -15.96 2.23
CA ASP A 19 52.01 -16.96 1.36
C ASP A 19 51.55 -16.26 0.09
N GLU A 20 52.37 -16.35 -0.97
CA GLU A 20 52.12 -15.72 -2.28
C GLU A 20 50.80 -16.23 -2.94
N ALA A 21 50.32 -17.41 -2.54
CA ALA A 21 49.13 -18.04 -3.10
C ALA A 21 47.82 -17.31 -2.76
N VAL A 22 47.76 -16.58 -1.62
CA VAL A 22 46.49 -15.93 -1.20
C VAL A 22 46.38 -14.49 -1.78
N TYR A 23 47.39 -14.05 -2.55
CA TYR A 23 47.42 -12.73 -3.17
C TYR A 23 47.25 -12.78 -4.70
N GLN A 24 46.68 -11.70 -5.24
CA GLN A 24 46.67 -11.45 -6.68
C GLN A 24 48.05 -10.89 -7.00
N LYS A 25 48.90 -11.65 -7.72
CA LYS A 25 50.27 -11.27 -8.01
C LYS A 25 50.32 -10.52 -9.32
N ILE A 26 50.75 -9.24 -9.26
CA ILE A 26 50.78 -8.36 -10.43
C ILE A 26 52.17 -7.83 -10.63
N PHE A 27 52.71 -8.03 -11.84
CA PHE A 27 54.04 -7.52 -12.18
C PHE A 27 53.91 -6.19 -12.88
N LEU A 28 54.62 -5.16 -12.39
CA LEU A 28 54.59 -3.82 -13.00
C LEU A 28 55.71 -3.70 -14.01
N ALA A 29 55.44 -4.10 -15.26
CA ALA A 29 56.41 -4.06 -16.36
C ALA A 29 56.35 -2.72 -17.09
N GLY A 30 57.43 -2.33 -17.72
CA GLY A 30 57.44 -1.07 -18.46
C GLY A 30 58.52 -0.08 -18.09
N THR A 31 58.35 1.17 -18.53
CA THR A 31 59.34 2.24 -18.46
C THR A 31 59.87 2.46 -17.04
N ILE A 32 61.21 2.40 -16.90
CA ILE A 32 61.90 2.71 -15.65
C ILE A 32 62.66 4.03 -15.91
N ASP A 33 62.11 5.12 -15.36
CA ASP A 33 62.62 6.48 -15.39
C ASP A 33 63.05 6.87 -13.96
N MSE A 34 64.36 7.08 -13.76
CA MSE A 34 64.89 7.40 -12.44
C MSE A 34 64.95 8.91 -12.25
O MSE A 34 63.93 9.58 -12.33
CB MSE A 34 66.28 6.77 -12.25
CG MSE A 34 66.26 5.23 -12.16
SE MSE A 34 65.23 4.52 -10.63
CE MSE A 34 65.84 2.64 -10.76
N ASP A 39 57.65 7.68 -12.76
CA ASP A 39 57.37 6.77 -11.63
C ASP A 39 55.87 6.52 -11.50
N TRP A 40 55.33 5.99 -12.59
CA TRP A 40 53.96 5.54 -12.74
C TRP A 40 53.75 4.29 -11.82
N GLN A 41 54.85 3.56 -11.52
CA GLN A 41 54.85 2.36 -10.69
C GLN A 41 54.35 2.65 -9.29
N LYS A 42 54.83 3.76 -8.65
CA LYS A 42 54.40 4.14 -7.30
C LYS A 42 52.94 4.58 -7.34
N ALA A 43 52.55 5.38 -8.36
CA ALA A 43 51.17 5.84 -8.54
C ALA A 43 50.21 4.65 -8.74
N THR A 44 50.68 3.57 -9.40
CA THR A 44 49.90 2.34 -9.64
C THR A 44 49.75 1.61 -8.30
N CYS A 45 50.82 1.50 -7.50
CA CYS A 45 50.80 0.89 -6.16
C CYS A 45 49.82 1.64 -5.30
N ASP A 46 49.85 2.99 -5.31
CA ASP A 46 48.93 3.85 -4.55
C ASP A 46 47.48 3.63 -4.99
N TRP A 47 47.26 3.39 -6.29
CA TRP A 47 45.92 3.14 -6.84
C TRP A 47 45.34 1.85 -6.23
N PHE A 48 46.15 0.79 -6.15
CA PHE A 48 45.75 -0.48 -5.55
C PHE A 48 45.52 -0.34 -4.04
N ARG A 49 46.31 0.51 -3.38
CA ARG A 49 46.17 0.78 -1.94
C ARG A 49 44.84 1.47 -1.63
N ALA A 50 44.32 2.27 -2.59
CA ALA A 50 43.09 3.06 -2.46
C ALA A 50 41.83 2.22 -2.72
N LEU A 51 41.96 0.97 -3.20
CA LEU A 51 40.84 0.10 -3.50
C LEU A 51 40.08 -0.32 -2.21
N PRO A 52 38.75 -0.55 -2.31
CA PRO A 52 37.97 -0.91 -1.10
C PRO A 52 38.00 -2.42 -0.77
N GLU A 53 38.60 -3.26 -1.61
CA GLU A 53 38.73 -4.69 -1.33
C GLU A 53 39.94 -5.31 -2.11
N GLY A 54 40.36 -6.52 -1.67
CA GLY A 54 41.39 -7.29 -2.35
C GLY A 54 42.74 -7.39 -1.67
N ARG A 55 43.47 -8.48 -1.97
CA ARG A 55 44.81 -8.78 -1.49
C ARG A 55 45.73 -8.80 -2.68
N TYR A 56 46.62 -7.80 -2.76
CA TYR A 56 47.52 -7.63 -3.90
C TYR A 56 48.95 -7.71 -3.50
N LEU A 57 49.70 -8.49 -4.27
CA LEU A 57 51.14 -8.61 -4.16
C LEU A 57 51.69 -8.04 -5.45
N LEU A 58 52.28 -6.85 -5.37
CA LEU A 58 52.78 -6.16 -6.55
C LEU A 58 54.29 -6.33 -6.65
N PHE A 59 54.74 -6.86 -7.81
CA PHE A 59 56.16 -7.02 -8.10
C PHE A 59 56.62 -5.79 -8.82
N ASN A 60 57.34 -4.90 -8.12
CA ASN A 60 57.82 -3.65 -8.67
C ASN A 60 59.34 -3.77 -8.94
N PRO A 61 59.75 -3.85 -10.25
CA PRO A 61 61.19 -4.00 -10.55
C PRO A 61 61.99 -2.69 -10.41
N ARG A 62 61.31 -1.57 -10.18
CA ARG A 62 61.91 -0.26 -10.05
C ARG A 62 62.37 -0.05 -8.61
N ARG A 63 63.68 -0.03 -8.42
CA ARG A 63 64.30 0.21 -7.12
C ARG A 63 64.28 1.70 -6.83
N ASP A 64 64.28 2.11 -5.53
CA ASP A 64 64.29 3.53 -5.17
C ASP A 64 65.61 4.18 -5.63
N LYS A 65 66.74 3.47 -5.48
CA LYS A 65 68.06 3.92 -5.97
C LYS A 65 68.43 3.10 -7.21
N GLY A 66 69.00 3.75 -8.22
CA GLY A 66 69.40 3.08 -9.46
C GLY A 66 70.42 1.96 -9.26
N LEU A 67 70.70 1.19 -10.31
CA LEU A 67 71.66 0.09 -10.22
C LEU A 67 73.07 0.63 -10.16
N SER A 68 73.94 0.00 -9.34
CA SER A 68 75.38 0.35 -9.20
C SER A 68 76.14 0.19 -10.52
N GLY A 69 75.75 -0.79 -11.32
CA GLY A 69 76.47 -1.09 -12.56
C GLY A 69 77.35 -2.32 -12.37
N GLU A 70 77.47 -2.80 -11.11
CA GLU A 70 78.21 -4.04 -10.80
C GLU A 70 77.42 -5.22 -11.44
N MSE A 71 78.12 -6.16 -12.08
CA MSE A 71 77.56 -7.28 -12.85
C MSE A 71 76.66 -8.21 -12.04
O MSE A 71 75.54 -8.49 -12.49
CB MSE A 71 78.71 -8.14 -13.45
CG MSE A 71 78.24 -9.31 -14.33
SE MSE A 71 77.09 -8.81 -15.90
CE MSE A 71 78.45 -8.22 -17.11
N SER A 72 77.11 -8.69 -10.86
CA SER A 72 76.28 -9.66 -10.12
C SER A 72 74.93 -9.03 -9.70
N ASP A 73 74.94 -7.71 -9.40
CA ASP A 73 73.75 -6.96 -9.06
C ASP A 73 72.81 -6.87 -10.26
N PHE A 74 73.39 -6.69 -11.47
CA PHE A 74 72.64 -6.58 -12.71
C PHE A 74 71.97 -7.93 -13.03
N GLU A 75 72.71 -9.04 -12.87
CA GLU A 75 72.20 -10.38 -13.11
C GLU A 75 71.07 -10.67 -12.16
N HIS A 76 71.21 -10.25 -10.89
CA HIS A 76 70.14 -10.40 -9.92
C HIS A 76 68.88 -9.65 -10.39
N GLN A 77 69.04 -8.44 -10.93
CA GLN A 77 67.92 -7.64 -11.45
C GLN A 77 67.18 -8.38 -12.57
N VAL A 78 67.90 -8.89 -13.58
CA VAL A 78 67.29 -9.55 -14.75
C VAL A 78 66.61 -10.85 -14.32
N ASN A 79 67.27 -11.64 -13.47
CA ASN A 79 66.73 -12.90 -12.98
C ASN A 79 65.50 -12.66 -12.09
N TRP A 80 65.51 -11.58 -11.25
CA TRP A 80 64.37 -11.21 -10.42
C TRP A 80 63.18 -10.86 -11.31
N GLU A 81 63.42 -10.06 -12.37
CA GLU A 81 62.41 -9.64 -13.34
C GLU A 81 61.78 -10.87 -14.03
N LEU A 82 62.58 -11.77 -14.60
CA LEU A 82 62.09 -12.94 -15.33
C LEU A 82 61.33 -13.89 -14.41
N GLU A 83 61.83 -14.13 -13.20
CA GLU A 83 61.20 -15.04 -12.23
C GLU A 83 59.82 -14.50 -11.79
N HIS A 84 59.70 -13.18 -11.57
CA HIS A 84 58.48 -12.59 -11.07
C HIS A 84 57.51 -12.29 -12.23
N LEU A 85 57.99 -12.21 -13.48
CA LEU A 85 57.13 -12.12 -14.65
C LEU A 85 56.42 -13.46 -14.82
N GLU A 86 57.15 -14.55 -14.57
CA GLU A 86 56.63 -15.92 -14.60
C GLU A 86 55.64 -16.18 -13.46
N LYS A 87 55.95 -15.71 -12.21
CA LYS A 87 55.10 -15.94 -11.01
C LYS A 87 53.77 -15.15 -11.03
N ALA A 88 53.77 -13.99 -11.70
CA ALA A 88 52.63 -13.06 -11.75
C ALA A 88 51.37 -13.69 -12.35
N ASP A 89 50.23 -13.32 -11.79
CA ASP A 89 48.90 -13.69 -12.27
C ASP A 89 48.54 -12.78 -13.44
N LEU A 90 49.06 -11.54 -13.37
CA LEU A 90 48.81 -10.48 -14.32
C LEU A 90 50.05 -9.62 -14.49
N ILE A 91 50.31 -9.21 -15.73
CA ILE A 91 51.40 -8.30 -16.06
C ILE A 91 50.79 -6.99 -16.59
N ILE A 92 51.00 -5.90 -15.83
CA ILE A 92 50.60 -4.55 -16.25
C ILE A 92 51.82 -3.95 -16.90
N MSE A 93 51.77 -3.77 -18.24
CA MSE A 93 52.93 -3.24 -18.95
C MSE A 93 52.65 -1.83 -19.43
O MSE A 93 51.88 -1.63 -20.35
CB MSE A 93 53.30 -4.15 -20.10
CG MSE A 93 54.48 -3.61 -20.90
SE MSE A 93 55.08 -4.95 -22.14
CE MSE A 93 55.90 -6.31 -20.86
N ASN A 94 53.33 -0.84 -18.82
CA ASN A 94 53.08 0.55 -19.16
C ASN A 94 54.31 1.16 -19.86
N ILE A 95 54.11 1.66 -21.07
CA ILE A 95 55.14 2.21 -21.95
C ILE A 95 54.87 3.68 -22.23
N LEU A 96 55.76 4.54 -21.76
CA LEU A 96 55.63 5.98 -21.92
C LEU A 96 56.18 6.41 -23.26
N ALA A 97 55.59 7.47 -23.86
CA ALA A 97 55.95 7.98 -25.20
C ALA A 97 57.42 8.39 -25.30
N SER A 98 58.00 8.93 -24.20
CA SER A 98 59.38 9.42 -24.16
C SER A 98 60.43 8.28 -24.09
N SER A 99 60.01 7.08 -23.67
CA SER A 99 60.93 5.94 -23.50
C SER A 99 61.31 5.21 -24.79
N LYS A 100 62.44 4.52 -24.72
CA LYS A 100 62.91 3.65 -25.76
C LYS A 100 62.52 2.21 -25.39
N SER A 101 62.40 1.92 -24.05
CA SER A 101 61.96 0.64 -23.45
C SER A 101 62.39 -0.66 -24.25
N PRO A 102 63.69 -0.90 -24.58
CA PRO A 102 64.01 -2.09 -25.41
C PRO A 102 63.79 -3.44 -24.69
N ILE A 103 63.96 -3.48 -23.36
CA ILE A 103 63.81 -4.75 -22.61
C ILE A 103 62.35 -4.94 -22.31
N THR A 104 61.55 -3.87 -22.27
CA THR A 104 60.10 -3.97 -22.12
C THR A 104 59.54 -4.75 -23.32
N LEU A 105 60.06 -4.46 -24.54
CA LEU A 105 59.62 -5.11 -25.78
C LEU A 105 60.02 -6.58 -25.79
N LEU A 106 61.19 -6.92 -25.20
CA LEU A 106 61.66 -8.31 -25.05
C LEU A 106 60.66 -9.06 -24.15
N GLU A 107 60.31 -8.47 -23.00
CA GLU A 107 59.36 -9.02 -22.02
C GLU A 107 57.97 -9.13 -22.63
N MSE A 108 57.58 -8.17 -23.50
CA MSE A 108 56.29 -8.20 -24.17
C MSE A 108 56.20 -9.42 -25.09
O MSE A 108 55.23 -10.15 -25.01
CB MSE A 108 56.06 -6.93 -24.97
CG MSE A 108 54.62 -6.79 -25.44
SE MSE A 108 54.39 -5.39 -26.82
CE MSE A 108 54.79 -3.90 -25.68
N GLY A 109 57.26 -9.67 -25.87
CA GLY A 109 57.37 -10.85 -26.74
C GLY A 109 57.28 -12.13 -25.95
N LEU A 110 58.00 -12.19 -24.81
CA LEU A 110 58.05 -13.34 -23.93
C LEU A 110 56.71 -13.71 -23.35
N PHE A 111 55.85 -12.73 -23.03
CA PHE A 111 54.59 -13.05 -22.38
C PHE A 111 53.39 -12.69 -23.26
N MSE A 112 53.64 -12.40 -24.54
CA MSE A 112 52.61 -12.09 -25.52
C MSE A 112 51.50 -13.17 -25.57
O MSE A 112 50.31 -12.82 -25.62
CB MSE A 112 53.25 -11.96 -26.91
CG MSE A 112 52.32 -11.41 -27.97
SE MSE A 112 52.06 -9.49 -27.87
CE MSE A 112 53.88 -8.93 -28.17
N ARG A 113 51.88 -14.48 -25.55
CA ARG A 113 50.90 -15.56 -25.70
C ARG A 113 50.44 -16.16 -24.36
N SER A 114 50.88 -15.62 -23.22
CA SER A 114 50.55 -16.11 -21.88
C SER A 114 49.08 -15.92 -21.49
N GLY A 115 48.41 -14.93 -22.07
CA GLY A 115 47.06 -14.54 -21.70
C GLY A 115 46.97 -13.63 -20.48
N LYS A 116 48.13 -13.35 -19.80
CA LYS A 116 48.10 -12.55 -18.56
C LYS A 116 48.73 -11.13 -18.78
N LEU A 117 49.09 -10.80 -20.01
CA LEU A 117 49.68 -9.51 -20.35
C LEU A 117 48.59 -8.48 -20.76
N ARG A 118 48.71 -7.26 -20.21
CA ARG A 118 47.91 -6.08 -20.50
C ARG A 118 48.86 -4.97 -20.85
N VAL A 119 48.80 -4.48 -22.10
CA VAL A 119 49.73 -3.45 -22.56
C VAL A 119 49.05 -2.07 -22.59
N ILE A 120 49.74 -1.10 -22.01
CA ILE A 120 49.37 0.32 -21.99
C ILE A 120 50.50 1.02 -22.72
N CYS A 121 50.23 1.50 -23.93
CA CYS A 121 51.27 2.11 -24.74
C CYS A 121 50.81 3.46 -25.19
N GLU A 122 51.51 4.48 -24.69
CA GLU A 122 51.20 5.87 -24.96
C GLU A 122 51.48 6.22 -26.44
N PRO A 123 50.48 6.80 -27.15
CA PRO A 123 50.73 7.27 -28.53
C PRO A 123 51.88 8.27 -28.51
N GLY A 124 52.77 8.16 -29.47
CA GLY A 124 53.97 8.98 -29.50
C GLY A 124 55.20 8.14 -29.24
N PHE A 125 55.00 6.91 -28.69
CA PHE A 125 56.08 5.94 -28.47
C PHE A 125 56.70 5.62 -29.85
N TYR A 126 58.04 5.66 -29.99
CA TYR A 126 58.75 5.54 -31.27
C TYR A 126 58.48 4.17 -32.00
N ARG A 127 57.99 3.13 -31.32
CA ARG A 127 57.67 1.86 -31.98
C ARG A 127 56.20 1.48 -31.69
N TYR A 128 55.32 2.46 -31.59
CA TYR A 128 53.91 2.29 -31.27
C TYR A 128 53.19 1.36 -32.26
N ASP A 129 53.38 1.56 -33.57
CA ASP A 129 52.69 0.77 -34.60
C ASP A 129 53.11 -0.68 -34.55
N ASN A 130 54.37 -0.99 -34.20
CA ASN A 130 54.82 -2.35 -33.97
C ASN A 130 54.07 -2.97 -32.80
N VAL A 131 53.93 -2.23 -31.69
CA VAL A 131 53.25 -2.72 -30.49
C VAL A 131 51.78 -2.98 -30.83
N ARG A 132 51.11 -2.00 -31.49
CA ARG A 132 49.70 -2.10 -31.89
C ARG A 132 49.45 -3.31 -32.81
N LEU A 133 50.27 -3.49 -33.85
CA LEU A 133 50.12 -4.56 -34.83
C LEU A 133 50.42 -5.94 -34.23
N THR A 134 51.38 -6.05 -33.31
CA THR A 134 51.75 -7.32 -32.69
C THR A 134 50.67 -7.73 -31.67
N CYS A 135 50.21 -6.81 -30.82
CA CYS A 135 49.12 -7.09 -29.87
C CYS A 135 47.84 -7.50 -30.62
N ALA A 136 47.53 -6.84 -31.74
CA ALA A 136 46.36 -7.15 -32.56
C ALA A 136 46.44 -8.58 -33.08
N ARG A 137 47.64 -8.98 -33.62
CA ARG A 137 47.87 -10.31 -34.15
C ARG A 137 47.68 -11.39 -33.07
N TYR A 138 48.15 -11.15 -31.85
CA TYR A 138 48.12 -12.19 -30.83
C TYR A 138 47.00 -11.96 -29.79
N GLY A 139 46.10 -11.04 -30.05
CA GLY A 139 44.95 -10.78 -29.19
C GLY A 139 45.26 -10.28 -27.79
N VAL A 140 46.26 -9.41 -27.66
CA VAL A 140 46.63 -8.86 -26.36
C VAL A 140 45.93 -7.51 -26.16
N PRO A 141 45.19 -7.32 -25.04
CA PRO A 141 44.53 -6.01 -24.79
C PRO A 141 45.55 -4.88 -24.76
N LEU A 142 45.25 -3.82 -25.54
CA LEU A 142 46.10 -2.65 -25.69
C LEU A 142 45.30 -1.39 -25.36
N TYR A 143 45.82 -0.59 -24.41
CA TYR A 143 45.23 0.66 -23.94
C TYR A 143 46.18 1.82 -24.22
N GLN A 144 45.66 3.05 -24.24
CA GLN A 144 46.48 4.23 -24.52
C GLN A 144 46.92 4.97 -23.26
N ASN A 145 46.27 4.68 -22.14
CA ASN A 145 46.61 5.30 -20.85
C ASN A 145 46.18 4.39 -19.71
N MSE A 146 46.74 4.65 -18.51
CA MSE A 146 46.53 3.85 -17.32
C MSE A 146 45.19 4.07 -16.75
O MSE A 146 44.65 3.12 -16.20
CB MSE A 146 47.60 4.15 -16.27
CG MSE A 146 48.95 3.53 -16.64
SE MSE A 146 48.90 1.56 -16.54
CE MSE A 146 48.78 1.35 -14.55
N ASP A 147 44.58 5.26 -16.93
CA ASP A 147 43.22 5.50 -16.44
C ASP A 147 42.22 4.56 -17.12
N ASP A 148 42.28 4.44 -18.45
CA ASP A 148 41.38 3.56 -19.20
C ASP A 148 41.58 2.10 -18.78
N PHE A 149 42.85 1.66 -18.62
CA PHE A 149 43.12 0.29 -18.22
C PHE A 149 42.65 0.01 -16.76
N LEU A 150 43.03 0.86 -15.79
CA LEU A 150 42.72 0.64 -14.37
C LEU A 150 41.19 0.74 -14.09
N LYS A 151 40.39 1.36 -14.99
CA LYS A 151 38.91 1.34 -14.86
C LYS A 151 38.39 -0.07 -15.11
N THR A 152 39.11 -0.87 -15.92
CA THR A 152 38.67 -2.23 -16.26
C THR A 152 38.89 -3.15 -15.00
N MSE A 153 39.46 -2.62 -13.90
CA MSE A 153 39.68 -3.38 -12.65
C MSE A 153 39.07 -2.73 -11.38
O MSE A 153 39.53 -3.07 -10.27
CB MSE A 153 41.18 -3.54 -12.44
CG MSE A 153 41.84 -4.31 -13.54
SE MSE A 153 43.66 -4.53 -13.16
CE MSE A 153 43.58 -5.94 -11.76
N ARG A 154 38.07 -1.81 -11.52
CA ARG A 154 37.28 -1.05 -10.52
C ARG A 154 37.85 0.38 -10.27
N ALA B 2 77.34 -30.13 -58.22
CA ALA B 2 76.57 -30.33 -57.00
C ALA B 2 76.42 -29.00 -56.26
N GLN B 3 75.24 -28.40 -56.37
CA GLN B 3 74.94 -27.13 -55.73
C GLN B 3 73.62 -27.22 -55.00
N SER B 4 73.46 -26.38 -53.99
CA SER B 4 72.22 -26.30 -53.23
C SER B 4 71.15 -25.50 -54.00
N GLU B 5 69.86 -25.72 -53.68
CA GLU B 5 68.79 -24.91 -54.22
C GLU B 5 68.44 -23.84 -53.18
N VAL B 6 68.62 -22.56 -53.53
CA VAL B 6 68.31 -21.49 -52.61
C VAL B 6 67.33 -20.53 -53.29
N VAL B 7 66.18 -20.30 -52.62
CA VAL B 7 65.14 -19.38 -53.01
C VAL B 7 65.03 -18.35 -51.89
N VAL B 8 65.09 -17.05 -52.25
CA VAL B 8 64.99 -15.96 -51.27
C VAL B 8 63.68 -15.21 -51.52
N LEU B 9 62.86 -15.09 -50.46
CA LEU B 9 61.57 -14.41 -50.47
C LEU B 9 61.68 -13.13 -49.66
N TYR B 10 61.30 -11.99 -50.27
CA TYR B 10 61.34 -10.66 -49.66
C TYR B 10 59.93 -10.13 -49.41
N PRO B 11 59.73 -9.09 -48.54
CA PRO B 11 58.36 -8.58 -48.34
C PRO B 11 57.72 -8.02 -49.63
N ASP B 12 58.52 -7.54 -50.60
CA ASP B 12 58.07 -6.94 -51.86
C ASP B 12 58.25 -7.90 -53.06
N THR B 13 58.40 -9.23 -52.82
CA THR B 13 58.52 -10.21 -53.91
C THR B 13 57.54 -11.35 -53.69
N GLU B 14 57.25 -12.11 -54.75
CA GLU B 14 56.33 -13.25 -54.67
C GLU B 14 56.87 -14.40 -55.54
N ASN B 15 56.82 -15.63 -55.00
CA ASN B 15 57.18 -16.88 -55.69
C ASN B 15 56.00 -17.84 -55.50
N LYS B 16 54.87 -17.55 -56.20
CA LYS B 16 53.58 -18.23 -56.07
C LYS B 16 53.58 -19.70 -56.61
N ASP B 17 54.51 -20.08 -57.51
CA ASP B 17 54.57 -21.45 -58.05
C ASP B 17 55.43 -22.38 -57.17
N LEU B 18 55.71 -21.95 -55.91
CA LEU B 18 56.58 -22.68 -54.98
C LEU B 18 55.82 -23.30 -53.79
N ASP B 19 56.08 -24.62 -53.56
CA ASP B 19 55.57 -25.41 -52.43
C ASP B 19 56.53 -25.24 -51.29
N GLU B 20 56.14 -24.45 -50.30
CA GLU B 20 57.00 -24.11 -49.15
C GLU B 20 57.31 -25.33 -48.26
N ALA B 21 56.48 -26.38 -48.33
CA ALA B 21 56.59 -27.57 -47.51
C ALA B 21 57.82 -28.43 -47.87
N VAL B 22 58.43 -28.27 -49.06
CA VAL B 22 59.55 -29.17 -49.43
C VAL B 22 60.91 -28.48 -49.18
N TYR B 23 60.89 -27.23 -48.68
CA TYR B 23 62.07 -26.41 -48.37
C TYR B 23 62.31 -26.28 -46.89
N GLN B 24 63.60 -26.17 -46.54
CA GLN B 24 64.00 -25.81 -45.20
C GLN B 24 63.83 -24.28 -45.17
N LYS B 25 62.84 -23.79 -44.39
CA LYS B 25 62.45 -22.39 -44.30
C LYS B 25 63.21 -21.71 -43.16
N ILE B 26 64.01 -20.69 -43.52
CA ILE B 26 64.86 -19.98 -42.56
C ILE B 26 64.55 -18.51 -42.63
N PHE B 27 64.20 -17.92 -41.48
CA PHE B 27 63.95 -16.50 -41.38
C PHE B 27 65.22 -15.78 -40.93
N LEU B 28 65.64 -14.74 -41.68
CA LEU B 28 66.82 -13.94 -41.34
C LEU B 28 66.42 -12.73 -40.49
N ALA B 29 66.33 -12.95 -39.15
CA ALA B 29 65.96 -11.87 -38.21
C ALA B 29 67.17 -11.13 -37.72
N GLY B 30 66.97 -9.91 -37.29
CA GLY B 30 68.08 -9.10 -36.79
C GLY B 30 68.26 -7.77 -37.46
N THR B 31 69.42 -7.18 -37.27
CA THR B 31 69.77 -5.82 -37.67
C THR B 31 69.55 -5.56 -39.16
N ILE B 32 68.74 -4.53 -39.46
CA ILE B 32 68.52 -4.05 -40.83
C ILE B 32 69.20 -2.67 -40.92
N ASP B 33 70.35 -2.66 -41.62
CA ASP B 33 71.16 -1.50 -41.89
C ASP B 33 71.05 -1.20 -43.39
N MSE B 34 70.48 -0.03 -43.74
CA MSE B 34 70.26 0.30 -45.16
C MSE B 34 71.50 1.03 -45.76
O MSE B 34 71.38 1.94 -46.58
CB MSE B 34 68.96 1.11 -45.32
CG MSE B 34 67.69 0.26 -45.07
SE MSE B 34 67.46 -1.36 -46.25
CE MSE B 34 65.64 -1.73 -45.88
N GLY B 35 72.66 0.46 -45.43
CA GLY B 35 73.99 0.83 -45.93
C GLY B 35 74.57 -0.36 -46.65
N LYS B 36 75.18 -0.12 -47.84
CA LYS B 36 75.78 -1.14 -48.73
C LYS B 36 76.77 -2.09 -47.99
N SER B 37 77.52 -1.56 -47.00
CA SER B 37 78.54 -2.29 -46.22
C SER B 37 77.93 -3.38 -45.26
N VAL B 38 76.90 -3.05 -44.40
CA VAL B 38 76.35 -4.01 -43.41
C VAL B 38 75.05 -4.69 -43.92
N ASP B 39 75.19 -5.46 -45.03
CA ASP B 39 74.15 -6.32 -45.60
C ASP B 39 74.58 -7.80 -45.33
N TRP B 40 74.53 -8.19 -44.06
CA TRP B 40 74.87 -9.52 -43.60
C TRP B 40 73.85 -10.55 -44.14
N GLN B 41 72.59 -10.12 -44.40
CA GLN B 41 71.55 -11.01 -44.93
C GLN B 41 71.95 -11.53 -46.31
N LYS B 42 72.47 -10.65 -47.21
CA LYS B 42 72.91 -11.08 -48.54
C LYS B 42 74.08 -12.06 -48.41
N ALA B 43 75.06 -11.77 -47.51
CA ALA B 43 76.21 -12.64 -47.31
C ALA B 43 75.80 -14.00 -46.77
N THR B 44 74.72 -14.06 -45.96
CA THR B 44 74.16 -15.30 -45.41
C THR B 44 73.50 -16.09 -46.55
N CYS B 45 72.71 -15.40 -47.42
CA CYS B 45 72.07 -15.99 -48.59
C CYS B 45 73.15 -16.59 -49.50
N ASP B 46 74.24 -15.84 -49.75
CA ASP B 46 75.37 -16.30 -50.58
C ASP B 46 76.05 -17.53 -49.96
N TRP B 47 76.14 -17.59 -48.61
CA TRP B 47 76.73 -18.72 -47.89
C TRP B 47 75.92 -20.01 -48.19
N PHE B 48 74.57 -19.93 -48.13
CA PHE B 48 73.68 -21.03 -48.43
C PHE B 48 73.79 -21.43 -49.90
N ARG B 49 73.94 -20.44 -50.80
CA ARG B 49 74.08 -20.69 -52.24
C ARG B 49 75.38 -21.48 -52.57
N ALA B 50 76.43 -21.31 -51.72
CA ALA B 50 77.74 -21.96 -51.91
C ALA B 50 77.78 -23.40 -51.34
N LEU B 51 76.73 -23.83 -50.61
CA LEU B 51 76.62 -25.19 -50.07
C LEU B 51 76.47 -26.23 -51.20
N PRO B 52 77.02 -27.45 -51.04
CA PRO B 52 76.92 -28.42 -52.15
C PRO B 52 75.56 -29.16 -52.22
N GLU B 53 74.73 -29.10 -51.14
CA GLU B 53 73.45 -29.80 -51.09
C GLU B 53 72.39 -29.03 -50.30
N GLY B 54 71.12 -29.42 -50.48
CA GLY B 54 69.98 -28.85 -49.76
C GLY B 54 69.05 -27.95 -50.54
N ARG B 55 67.80 -27.84 -50.04
CA ARG B 55 66.73 -26.97 -50.53
C ARG B 55 66.38 -25.96 -49.44
N TYR B 56 66.71 -24.68 -49.68
CA TYR B 56 66.53 -23.62 -48.71
C TYR B 56 65.63 -22.51 -49.22
N LEU B 57 64.68 -22.13 -48.38
CA LEU B 57 63.77 -21.03 -48.63
C LEU B 57 64.07 -20.01 -47.56
N LEU B 58 64.75 -18.92 -47.95
CA LEU B 58 65.17 -17.92 -47.00
C LEU B 58 64.21 -16.74 -47.01
N PHE B 59 63.66 -16.40 -45.84
CA PHE B 59 62.79 -15.26 -45.68
C PHE B 59 63.64 -14.09 -45.26
N ASN B 60 63.89 -13.18 -46.19
CA ASN B 60 64.72 -12.01 -45.93
C ASN B 60 63.81 -10.77 -45.79
N PRO B 61 63.67 -10.21 -44.57
CA PRO B 61 62.79 -9.04 -44.39
C PRO B 61 63.44 -7.72 -44.86
N ARG B 62 64.73 -7.77 -45.22
CA ARG B 62 65.47 -6.61 -45.68
C ARG B 62 65.21 -6.37 -47.19
N ARG B 63 64.48 -5.28 -47.50
CA ARG B 63 64.21 -4.85 -48.87
C ARG B 63 65.41 -4.13 -49.46
N ASP B 64 65.54 -4.13 -50.79
CA ASP B 64 66.66 -3.44 -51.43
C ASP B 64 66.55 -1.94 -51.18
N LYS B 65 65.32 -1.38 -51.24
CA LYS B 65 65.05 0.03 -50.95
C LYS B 65 64.35 0.13 -49.59
N GLY B 66 64.69 1.14 -48.82
CA GLY B 66 64.07 1.37 -47.52
C GLY B 66 62.57 1.63 -47.57
N LEU B 67 61.92 1.67 -46.41
CA LEU B 67 60.47 1.89 -46.38
C LEU B 67 60.14 3.35 -46.67
N SER B 68 59.03 3.59 -47.38
CA SER B 68 58.55 4.94 -47.75
C SER B 68 58.12 5.77 -46.55
N GLY B 69 57.62 5.10 -45.53
CA GLY B 69 57.08 5.75 -44.35
C GLY B 69 55.57 5.80 -44.39
N GLU B 70 54.97 5.36 -45.55
CA GLU B 70 53.50 5.27 -45.74
C GLU B 70 53.03 4.13 -44.84
N MSE B 71 51.92 4.36 -44.11
CA MSE B 71 51.38 3.46 -43.09
C MSE B 71 51.02 2.03 -43.60
O MSE B 71 51.35 1.09 -42.92
CB MSE B 71 50.12 4.08 -42.47
CG MSE B 71 49.45 3.22 -41.34
SE MSE B 71 50.62 2.77 -39.79
CE MSE B 71 50.51 4.39 -38.87
N SER B 72 50.32 1.88 -44.74
CA SER B 72 49.88 0.56 -45.20
C SER B 72 51.09 -0.28 -45.61
N ASP B 73 52.13 0.37 -46.17
CA ASP B 73 53.40 -0.28 -46.51
C ASP B 73 54.10 -0.78 -45.26
N PHE B 74 54.06 0.01 -44.18
CA PHE B 74 54.68 -0.34 -42.89
C PHE B 74 53.96 -1.55 -42.28
N GLU B 75 52.61 -1.53 -42.29
CA GLU B 75 51.80 -2.64 -41.77
C GLU B 75 52.08 -3.91 -42.55
N HIS B 76 52.25 -3.80 -43.87
CA HIS B 76 52.60 -4.94 -44.70
C HIS B 76 53.93 -5.53 -44.24
N GLN B 77 54.91 -4.66 -43.94
CA GLN B 77 56.21 -5.09 -43.49
C GLN B 77 56.11 -5.90 -42.18
N VAL B 78 55.40 -5.38 -41.17
CA VAL B 78 55.31 -6.00 -39.85
C VAL B 78 54.55 -7.35 -39.96
N ASN B 79 53.45 -7.37 -40.70
CA ASN B 79 52.65 -8.58 -40.87
C ASN B 79 53.43 -9.63 -41.67
N TRP B 80 54.23 -9.21 -42.66
CA TRP B 80 55.07 -10.13 -43.45
C TRP B 80 56.12 -10.78 -42.53
N GLU B 81 56.76 -9.96 -41.67
CA GLU B 81 57.75 -10.40 -40.70
C GLU B 81 57.16 -11.44 -39.72
N LEU B 82 56.05 -11.12 -39.05
CA LEU B 82 55.42 -12.00 -38.06
C LEU B 82 54.90 -13.28 -38.70
N GLU B 83 54.34 -13.21 -39.90
CA GLU B 83 53.84 -14.39 -40.61
C GLU B 83 54.98 -15.37 -40.98
N HIS B 84 56.13 -14.84 -41.45
CA HIS B 84 57.22 -15.66 -41.94
C HIS B 84 58.11 -16.11 -40.78
N LEU B 85 58.05 -15.42 -39.65
CA LEU B 85 58.70 -15.86 -38.41
C LEU B 85 57.98 -17.10 -37.91
N GLU B 86 56.64 -17.11 -38.01
CA GLU B 86 55.80 -18.22 -37.65
C GLU B 86 56.00 -19.41 -38.60
N LYS B 87 56.07 -19.18 -39.94
CA LYS B 87 56.25 -20.21 -40.98
C LYS B 87 57.63 -20.89 -40.93
N ALA B 88 58.68 -20.14 -40.55
CA ALA B 88 60.07 -20.60 -40.54
C ALA B 88 60.28 -21.85 -39.70
N ASP B 89 61.18 -22.72 -40.19
CA ASP B 89 61.62 -23.93 -39.50
C ASP B 89 62.72 -23.56 -38.55
N LEU B 90 63.45 -22.49 -38.89
CA LEU B 90 64.58 -21.94 -38.15
C LEU B 90 64.64 -20.43 -38.27
N ILE B 91 64.94 -19.76 -37.17
CA ILE B 91 65.13 -18.31 -37.14
C ILE B 91 66.59 -18.03 -36.81
N ILE B 92 67.31 -17.44 -37.77
CA ILE B 92 68.69 -16.99 -37.60
C ILE B 92 68.59 -15.56 -37.18
N MSE B 93 68.90 -15.26 -35.92
CA MSE B 93 68.78 -13.88 -35.45
C MSE B 93 70.16 -13.28 -35.20
O MSE B 93 70.83 -13.66 -34.23
CB MSE B 93 67.92 -13.82 -34.19
CG MSE B 93 67.81 -12.43 -33.64
SE MSE B 93 66.50 -12.41 -32.25
CE MSE B 93 64.80 -12.64 -33.30
N ASN B 94 70.57 -12.34 -36.07
CA ASN B 94 71.88 -11.72 -36.00
C ASN B 94 71.78 -10.29 -35.56
N ILE B 95 72.43 -9.97 -34.42
CA ILE B 95 72.39 -8.66 -33.80
C ILE B 95 73.78 -8.07 -33.78
N LEU B 96 73.96 -6.97 -34.51
CA LEU B 96 75.25 -6.28 -34.59
C LEU B 96 75.43 -5.34 -33.39
N ALA B 97 76.68 -5.15 -32.95
CA ALA B 97 77.04 -4.34 -31.77
C ALA B 97 76.57 -2.89 -31.90
N SER B 98 76.60 -2.31 -33.10
CA SER B 98 76.25 -0.92 -33.35
C SER B 98 74.72 -0.66 -33.31
N SER B 99 73.90 -1.71 -33.47
CA SER B 99 72.45 -1.59 -33.55
C SER B 99 71.77 -1.40 -32.21
N LYS B 100 70.57 -0.82 -32.28
CA LYS B 100 69.70 -0.69 -31.13
C LYS B 100 68.68 -1.83 -31.17
N SER B 101 68.36 -2.34 -32.39
CA SER B 101 67.51 -3.51 -32.69
C SER B 101 66.29 -3.67 -31.70
N PRO B 102 65.39 -2.66 -31.47
CA PRO B 102 64.31 -2.86 -30.47
C PRO B 102 63.27 -3.90 -30.88
N ILE B 103 62.97 -4.03 -32.19
CA ILE B 103 61.95 -4.94 -32.70
C ILE B 103 62.56 -6.33 -32.80
N THR B 104 63.88 -6.43 -32.96
CA THR B 104 64.58 -7.71 -32.94
C THR B 104 64.37 -8.36 -31.54
N LEU B 105 64.46 -7.56 -30.47
CA LEU B 105 64.29 -8.03 -29.10
C LEU B 105 62.85 -8.45 -28.85
N LEU B 106 61.86 -7.74 -29.46
CA LEU B 106 60.45 -8.12 -29.40
C LEU B 106 60.26 -9.52 -30.05
N GLU B 107 60.84 -9.71 -31.24
CA GLU B 107 60.80 -10.97 -32.01
C GLU B 107 61.52 -12.08 -31.25
N MSE B 108 62.61 -11.74 -30.54
CA MSE B 108 63.35 -12.71 -29.74
C MSE B 108 62.46 -13.24 -28.61
O MSE B 108 62.39 -14.46 -28.41
CB MSE B 108 64.63 -12.09 -29.19
CG MSE B 108 65.56 -13.11 -28.56
SE MSE B 108 66.96 -12.25 -27.50
CE MSE B 108 67.90 -11.42 -28.92
N GLY B 109 61.77 -12.34 -27.90
CA GLY B 109 60.84 -12.73 -26.85
C GLY B 109 59.72 -13.61 -27.39
N LEU B 110 59.17 -13.24 -28.56
CA LEU B 110 58.09 -13.98 -29.24
C LEU B 110 58.46 -15.40 -29.59
N PHE B 111 59.72 -15.65 -29.99
CA PHE B 111 60.09 -17.00 -30.43
C PHE B 111 61.12 -17.63 -29.48
N MSE B 112 61.34 -17.03 -28.31
CA MSE B 112 62.24 -17.53 -27.29
C MSE B 112 61.98 -19.01 -26.94
O MSE B 112 62.92 -19.79 -26.82
CB MSE B 112 62.10 -16.68 -26.02
CG MSE B 112 63.20 -16.96 -24.98
SE MSE B 112 65.01 -16.24 -25.42
CE MSE B 112 64.49 -14.31 -25.43
N ARG B 113 60.70 -19.41 -26.75
CA ARG B 113 60.38 -20.77 -26.31
C ARG B 113 60.05 -21.73 -27.47
N SER B 114 60.13 -21.28 -28.74
CA SER B 114 59.74 -22.05 -29.92
C SER B 114 60.67 -23.25 -30.19
N GLY B 115 61.91 -23.15 -29.75
CA GLY B 115 62.92 -24.17 -30.01
C GLY B 115 63.61 -23.99 -31.34
N LYS B 116 63.14 -23.06 -32.22
CA LYS B 116 63.70 -22.85 -33.55
C LYS B 116 64.53 -21.54 -33.67
N LEU B 117 64.73 -20.82 -32.56
CA LEU B 117 65.49 -19.59 -32.53
C LEU B 117 66.95 -19.86 -32.22
N ARG B 118 67.83 -19.23 -33.01
CA ARG B 118 69.29 -19.24 -32.87
C ARG B 118 69.73 -17.80 -32.80
N VAL B 119 70.36 -17.40 -31.70
CA VAL B 119 70.71 -16.00 -31.52
C VAL B 119 72.21 -15.84 -31.70
N ILE B 120 72.59 -14.86 -32.53
CA ILE B 120 73.95 -14.42 -32.79
C ILE B 120 74.00 -12.99 -32.31
N CYS B 121 74.67 -12.72 -31.20
CA CYS B 121 74.70 -11.38 -30.63
C CYS B 121 76.12 -10.98 -30.41
N GLU B 122 76.52 -9.95 -31.14
CA GLU B 122 77.88 -9.43 -31.14
C GLU B 122 78.19 -8.75 -29.80
N PRO B 123 79.30 -9.14 -29.14
CA PRO B 123 79.69 -8.44 -27.89
C PRO B 123 79.88 -6.95 -28.18
N GLY B 124 79.37 -6.11 -27.30
CA GLY B 124 79.39 -4.69 -27.54
C GLY B 124 78.00 -4.16 -27.78
N PHE B 125 77.05 -5.05 -28.07
CA PHE B 125 75.62 -4.70 -28.21
C PHE B 125 75.17 -4.12 -26.86
N TYR B 126 74.47 -2.97 -26.88
CA TYR B 126 74.13 -2.19 -25.67
C TYR B 126 73.23 -2.98 -24.66
N ARG B 127 72.56 -4.07 -25.09
CA ARG B 127 71.75 -4.87 -24.17
C ARG B 127 72.18 -6.34 -24.22
N TYR B 128 73.48 -6.58 -24.42
CA TYR B 128 74.07 -7.89 -24.54
C TYR B 128 73.80 -8.78 -23.31
N ASP B 129 73.97 -8.25 -22.09
CA ASP B 129 73.80 -9.05 -20.88
C ASP B 129 72.36 -9.48 -20.71
N ASN B 130 71.38 -8.66 -21.14
CA ASN B 130 69.98 -9.05 -21.12
C ASN B 130 69.74 -10.22 -22.06
N VAL B 131 70.30 -10.16 -23.28
CA VAL B 131 70.18 -11.22 -24.27
C VAL B 131 70.81 -12.49 -23.72
N ARG B 132 72.04 -12.40 -23.17
CA ARG B 132 72.79 -13.54 -22.62
C ARG B 132 72.03 -14.21 -21.47
N LEU B 133 71.53 -13.42 -20.52
CA LEU B 133 70.82 -13.91 -19.33
C LEU B 133 69.46 -14.53 -19.66
N THR B 134 68.73 -13.97 -20.65
CA THR B 134 67.40 -14.45 -21.05
C THR B 134 67.56 -15.76 -21.87
N CYS B 135 68.49 -15.81 -22.83
CA CYS B 135 68.76 -17.03 -23.60
C CYS B 135 69.19 -18.15 -22.68
N ALA B 136 70.02 -17.85 -21.65
CA ALA B 136 70.48 -18.86 -20.69
C ALA B 136 69.30 -19.44 -19.92
N ARG B 137 68.38 -18.58 -19.46
CA ARG B 137 67.20 -19.00 -18.71
C ARG B 137 66.28 -19.90 -19.56
N TYR B 138 66.09 -19.59 -20.86
CA TYR B 138 65.14 -20.34 -21.65
C TYR B 138 65.82 -21.35 -22.60
N GLY B 139 67.11 -21.57 -22.42
CA GLY B 139 67.89 -22.56 -23.16
C GLY B 139 68.02 -22.32 -24.65
N VAL B 140 68.17 -21.02 -25.05
CA VAL B 140 68.29 -20.67 -26.46
C VAL B 140 69.79 -20.59 -26.81
N PRO B 141 70.24 -21.30 -27.88
CA PRO B 141 71.66 -21.20 -28.27
C PRO B 141 72.02 -19.75 -28.63
N LEU B 142 73.14 -19.29 -28.07
CA LEU B 142 73.69 -17.96 -28.24
C LEU B 142 75.15 -18.04 -28.74
N TYR B 143 75.41 -17.37 -29.87
CA TYR B 143 76.71 -17.32 -30.53
C TYR B 143 77.18 -15.87 -30.58
N GLN B 144 78.49 -15.66 -30.76
CA GLN B 144 79.07 -14.30 -30.80
C GLN B 144 79.31 -13.83 -32.22
N ASN B 145 79.30 -14.75 -33.18
CA ASN B 145 79.49 -14.43 -34.59
C ASN B 145 78.83 -15.49 -35.47
N MSE B 146 78.52 -15.10 -36.71
CA MSE B 146 77.87 -15.91 -37.72
C MSE B 146 78.74 -17.10 -38.13
O MSE B 146 78.18 -18.17 -38.38
CB MSE B 146 77.53 -15.06 -38.94
CG MSE B 146 76.30 -14.19 -38.75
SE MSE B 146 74.60 -15.17 -38.48
CE MSE B 146 74.43 -15.98 -40.25
N ASP B 147 80.08 -16.94 -38.18
CA ASP B 147 80.96 -18.05 -38.56
C ASP B 147 80.79 -19.25 -37.62
N ASP B 148 80.82 -19.00 -36.29
CA ASP B 148 80.65 -20.05 -35.29
C ASP B 148 79.28 -20.73 -35.45
N PHE B 149 78.23 -19.93 -35.65
CA PHE B 149 76.89 -20.48 -35.79
C PHE B 149 76.74 -21.30 -37.09
N LEU B 150 77.12 -20.75 -38.25
CA LEU B 150 76.92 -21.42 -39.55
C LEU B 150 77.72 -22.73 -39.63
N LYS B 151 78.84 -22.88 -38.89
CA LYS B 151 79.57 -24.16 -38.83
C LYS B 151 78.66 -25.27 -38.24
N THR B 152 77.74 -24.92 -37.33
CA THR B 152 76.84 -25.88 -36.68
C THR B 152 75.68 -26.34 -37.64
N MSE B 153 75.53 -25.75 -38.86
CA MSE B 153 74.49 -26.18 -39.82
C MSE B 153 74.73 -27.63 -40.30
O MSE B 153 74.23 -28.04 -41.36
CB MSE B 153 74.41 -25.22 -41.04
CG MSE B 153 73.96 -23.77 -40.75
SE MSE B 153 72.05 -23.40 -40.30
CE MSE B 153 71.10 -24.44 -41.76
N GLN C 3 61.25 13.12 2.10
CA GLN C 3 60.39 13.39 3.26
C GLN C 3 58.88 13.21 2.93
N SER C 4 58.07 12.86 3.94
CA SER C 4 56.62 12.70 3.76
C SER C 4 55.89 14.03 3.78
N GLU C 5 54.67 14.08 3.19
CA GLU C 5 53.78 15.23 3.25
C GLU C 5 52.72 14.97 4.28
N VAL C 6 52.64 15.81 5.31
CA VAL C 6 51.66 15.67 6.38
C VAL C 6 50.86 16.97 6.53
N VAL C 7 49.54 16.86 6.37
CA VAL C 7 48.56 17.94 6.56
C VAL C 7 47.69 17.53 7.73
N VAL C 8 47.54 18.42 8.73
CA VAL C 8 46.70 18.14 9.91
C VAL C 8 45.48 19.06 9.89
N LEU C 9 44.30 18.45 9.97
CA LEU C 9 43.02 19.15 10.01
C LEU C 9 42.43 19.02 11.43
N TYR C 10 42.03 20.16 11.99
CA TYR C 10 41.42 20.27 13.33
C TYR C 10 39.95 20.70 13.23
N PRO C 11 39.12 20.53 14.31
CA PRO C 11 37.71 20.98 14.21
C PRO C 11 37.56 22.49 13.96
N ASP C 12 38.54 23.29 14.42
CA ASP C 12 38.56 24.76 14.29
C ASP C 12 39.51 25.27 13.16
N THR C 13 39.90 24.42 12.20
CA THR C 13 40.76 24.82 11.08
C THR C 13 40.13 24.36 9.76
N GLU C 14 40.55 24.98 8.66
CA GLU C 14 40.07 24.66 7.31
C GLU C 14 41.24 24.64 6.35
N ASN C 15 41.30 23.62 5.47
CA ASN C 15 42.38 23.47 4.50
C ASN C 15 41.78 23.57 3.09
N LYS C 16 41.30 24.77 2.74
CA LYS C 16 40.72 25.05 1.43
C LYS C 16 41.71 24.69 0.29
N ASP C 17 41.13 24.32 -0.89
CA ASP C 17 41.84 23.94 -2.12
C ASP C 17 42.67 22.64 -1.90
N LEU C 18 42.16 21.69 -1.09
CA LEU C 18 42.85 20.43 -0.85
C LEU C 18 41.98 19.25 -1.31
N ASP C 19 42.54 18.40 -2.18
CA ASP C 19 41.89 17.19 -2.69
C ASP C 19 42.15 16.05 -1.71
N GLU C 20 41.17 15.75 -0.85
CA GLU C 20 41.28 14.72 0.19
C GLU C 20 41.51 13.30 -0.39
N ALA C 21 41.18 13.09 -1.67
CA ALA C 21 41.33 11.79 -2.35
C ALA C 21 42.80 11.39 -2.59
N VAL C 22 43.75 12.36 -2.67
CA VAL C 22 45.15 12.02 -2.98
C VAL C 22 45.95 11.75 -1.65
N TYR C 23 45.28 11.85 -0.48
CA TYR C 23 45.90 11.63 0.83
C TYR C 23 45.40 10.38 1.53
N GLN C 24 46.27 9.78 2.36
CA GLN C 24 45.89 8.71 3.27
C GLN C 24 45.29 9.42 4.47
N LYS C 25 43.97 9.29 4.65
CA LYS C 25 43.23 9.98 5.68
C LYS C 25 43.21 9.14 6.95
N ILE C 26 43.78 9.68 8.05
CA ILE C 26 43.89 9.00 9.32
C ILE C 26 43.26 9.82 10.40
N PHE C 27 42.30 9.22 11.13
CA PHE C 27 41.64 9.88 12.25
C PHE C 27 42.33 9.49 13.54
N LEU C 28 42.73 10.50 14.35
CA LEU C 28 43.38 10.25 15.66
C LEU C 28 42.32 10.20 16.77
N ALA C 29 41.73 9.01 16.99
CA ALA C 29 40.69 8.79 18.01
C ALA C 29 41.29 8.41 19.33
N GLY C 30 40.53 8.57 20.40
CA GLY C 30 41.04 8.23 21.72
C GLY C 30 41.08 9.38 22.70
N THR C 31 41.81 9.19 23.79
CA THR C 31 41.88 10.12 24.93
C THR C 31 42.34 11.52 24.53
N ILE C 32 41.51 12.50 24.93
CA ILE C 32 41.79 13.92 24.82
C ILE C 32 42.06 14.40 26.24
N ASP C 33 43.34 14.68 26.51
CA ASP C 33 43.87 15.19 27.77
C ASP C 33 44.33 16.63 27.51
N MSE C 34 43.66 17.61 28.14
CA MSE C 34 44.01 19.01 27.90
C MSE C 34 45.10 19.46 28.90
O MSE C 34 45.31 20.66 29.11
CB MSE C 34 42.76 19.90 27.96
CG MSE C 34 41.81 19.68 26.75
SE MSE C 34 42.59 20.02 24.94
CE MSE C 34 40.99 20.06 23.92
N GLY C 35 45.84 18.47 29.37
CA GLY C 35 47.03 18.64 30.20
C GLY C 35 48.20 18.78 29.26
N LYS C 36 48.92 19.90 29.38
CA LYS C 36 50.08 20.28 28.55
C LYS C 36 51.21 19.22 28.53
N SER C 37 51.22 18.28 29.50
CA SER C 37 52.24 17.24 29.63
C SER C 37 52.04 16.02 28.67
N VAL C 38 50.76 15.60 28.37
CA VAL C 38 50.48 14.40 27.56
C VAL C 38 49.50 14.66 26.35
N ASP C 39 50.09 15.05 25.19
CA ASP C 39 49.47 15.32 23.88
C ASP C 39 50.03 14.28 22.88
N TRP C 40 49.55 13.01 22.99
CA TRP C 40 49.98 11.90 22.14
C TRP C 40 49.62 12.18 20.66
N GLN C 41 48.53 12.98 20.43
CA GLN C 41 48.10 13.32 19.08
C GLN C 41 49.16 14.08 18.33
N LYS C 42 49.83 15.08 18.97
CA LYS C 42 50.90 15.88 18.33
C LYS C 42 52.12 14.99 18.06
N ALA C 43 52.49 14.11 19.02
CA ALA C 43 53.60 13.17 18.87
C ALA C 43 53.35 12.21 17.71
N THR C 44 52.08 11.81 17.47
CA THR C 44 51.71 10.91 16.36
C THR C 44 51.85 11.70 15.04
N CYS C 45 51.41 12.96 14.99
CA CYS C 45 51.55 13.83 13.84
C CYS C 45 53.03 14.00 13.50
N ASP C 46 53.88 14.25 14.52
CA ASP C 46 55.33 14.38 14.36
C ASP C 46 55.95 13.09 13.81
N TRP C 47 55.44 11.93 14.24
CA TRP C 47 55.90 10.61 13.78
C TRP C 47 55.69 10.48 12.26
N PHE C 48 54.50 10.88 11.77
CA PHE C 48 54.17 10.85 10.35
C PHE C 48 55.02 11.84 9.57
N ARG C 49 55.30 13.03 10.18
CA ARG C 49 56.17 14.06 9.56
C ARG C 49 57.61 13.54 9.34
N ALA C 50 58.08 12.61 10.21
CA ALA C 50 59.43 12.02 10.19
C ALA C 50 59.56 10.87 9.15
N LEU C 51 58.44 10.39 8.57
CA LEU C 51 58.45 9.31 7.58
C LEU C 51 59.14 9.75 6.25
N PRO C 52 59.77 8.80 5.53
CA PRO C 52 60.49 9.18 4.30
C PRO C 52 59.60 9.35 3.06
N GLU C 53 58.37 8.79 3.08
CA GLU C 53 57.45 8.84 1.94
C GLU C 53 55.99 8.92 2.40
N GLY C 54 55.12 9.33 1.48
CA GLY C 54 53.67 9.35 1.69
C GLY C 54 53.02 10.71 1.84
N ARG C 55 51.71 10.76 1.55
CA ARG C 55 50.85 11.94 1.68
C ARG C 55 49.78 11.60 2.70
N TYR C 56 49.87 12.24 3.87
CA TYR C 56 48.97 11.98 4.97
C TYR C 56 48.15 13.18 5.33
N LEU C 57 46.84 12.95 5.48
CA LEU C 57 45.89 13.92 5.96
C LEU C 57 45.39 13.40 7.31
N LEU C 58 45.84 14.03 8.38
CA LEU C 58 45.50 13.60 9.72
C LEU C 58 44.37 14.43 10.30
N PHE C 59 43.31 13.74 10.75
CA PHE C 59 42.19 14.40 11.38
C PHE C 59 42.39 14.35 12.88
N ASN C 60 42.78 15.47 13.46
CA ASN C 60 43.06 15.57 14.88
C ASN C 60 41.88 16.30 15.59
N PRO C 61 41.06 15.56 16.38
CA PRO C 61 39.89 16.20 17.03
C PRO C 61 40.27 17.05 18.25
N ARG C 62 41.54 16.97 18.67
CA ARG C 62 42.06 17.70 19.81
C ARG C 62 42.47 19.11 19.40
N ARG C 63 41.68 20.10 19.83
CA ARG C 63 41.94 21.51 19.61
C ARG C 63 43.03 21.97 20.56
N ASP C 64 43.75 23.06 20.24
CA ASP C 64 44.80 23.57 21.13
C ASP C 64 44.16 24.12 22.41
N LYS C 65 43.00 24.79 22.28
CA LYS C 65 42.23 25.32 23.41
C LYS C 65 41.00 24.43 23.62
N GLY C 66 40.67 24.13 24.87
CA GLY C 66 39.51 23.31 25.22
C GLY C 66 38.18 23.88 24.73
N LEU C 67 37.09 23.10 24.84
CA LEU C 67 35.79 23.60 24.40
C LEU C 67 35.24 24.61 25.39
N SER C 68 34.56 25.66 24.89
CA SER C 68 33.94 26.71 25.70
C SER C 68 32.80 26.19 26.60
N GLY C 69 32.12 25.15 26.14
CA GLY C 69 30.95 24.62 26.84
C GLY C 69 29.65 25.12 26.20
N GLU C 70 29.76 26.08 25.23
CA GLU C 70 28.63 26.58 24.46
C GLU C 70 28.14 25.40 23.56
N MSE C 71 26.81 25.19 23.50
CA MSE C 71 26.12 24.08 22.85
C MSE C 71 26.39 23.99 21.32
O MSE C 71 26.66 22.89 20.85
CB MSE C 71 24.62 24.17 23.08
CG MSE C 71 23.80 23.07 22.41
SE MSE C 71 24.27 21.23 22.92
CE MSE C 71 23.35 21.12 24.61
N SER C 72 26.30 25.08 20.54
CA SER C 72 26.52 24.97 19.08
C SER C 72 27.96 24.56 18.76
N ASP C 73 28.93 25.03 19.59
CA ASP C 73 30.33 24.68 19.48
C ASP C 73 30.53 23.18 19.76
N PHE C 74 29.80 22.65 20.77
CA PHE C 74 29.85 21.24 21.14
C PHE C 74 29.30 20.36 20.02
N GLU C 75 28.15 20.75 19.45
CA GLU C 75 27.54 20.04 18.33
C GLU C 75 28.49 20.01 17.14
N HIS C 76 29.19 21.12 16.86
CA HIS C 76 30.16 21.21 15.80
C HIS C 76 31.28 20.19 16.06
N GLN C 77 31.72 20.06 17.32
CA GLN C 77 32.76 19.11 17.69
C GLN C 77 32.34 17.66 17.39
N VAL C 78 31.14 17.24 17.84
CA VAL C 78 30.65 15.87 17.70
C VAL C 78 30.41 15.57 16.21
N ASN C 79 29.79 16.48 15.47
CA ASN C 79 29.54 16.29 14.05
C ASN C 79 30.86 16.24 13.26
N TRP C 80 31.87 17.07 13.65
CA TRP C 80 33.19 17.06 13.00
C TRP C 80 33.85 15.70 13.22
N GLU C 81 33.78 15.17 14.45
CA GLU C 81 34.33 13.87 14.82
C GLU C 81 33.70 12.75 14.01
N LEU C 82 32.36 12.65 13.98
CA LEU C 82 31.64 11.58 13.28
C LEU C 82 31.85 11.66 11.78
N GLU C 83 31.86 12.84 11.20
CA GLU C 83 32.08 13.03 9.76
C GLU C 83 33.48 12.60 9.33
N HIS C 84 34.50 12.92 10.14
CA HIS C 84 35.89 12.64 9.80
C HIS C 84 36.27 11.22 10.22
N LEU C 85 35.50 10.59 11.13
CA LEU C 85 35.67 9.18 11.43
C LEU C 85 35.19 8.38 10.21
N GLU C 86 34.08 8.85 9.58
CA GLU C 86 33.52 8.24 8.36
C GLU C 86 34.46 8.43 7.16
N LYS C 87 35.04 9.65 6.97
CA LYS C 87 35.92 9.98 5.85
C LYS C 87 37.30 9.26 5.91
N ALA C 88 37.79 8.93 7.12
CA ALA C 88 39.10 8.33 7.34
C ALA C 88 39.26 6.96 6.63
N ASP C 89 40.47 6.71 6.12
CA ASP C 89 40.90 5.44 5.57
C ASP C 89 41.30 4.52 6.70
N LEU C 90 41.79 5.13 7.80
CA LEU C 90 42.30 4.46 8.99
C LEU C 90 41.98 5.26 10.24
N ILE C 91 41.61 4.57 11.31
CA ILE C 91 41.37 5.17 12.62
C ILE C 91 42.41 4.62 13.60
N ILE C 92 43.29 5.51 14.09
CA ILE C 92 44.26 5.18 15.13
C ILE C 92 43.59 5.54 16.43
N MSE C 93 43.20 4.53 17.23
CA MSE C 93 42.47 4.79 18.47
C MSE C 93 43.36 4.46 19.67
O MSE C 93 43.64 3.30 19.95
CB MSE C 93 41.19 3.98 18.49
CG MSE C 93 40.42 4.20 19.78
SE MSE C 93 38.70 3.40 19.66
CE MSE C 93 37.73 4.66 18.41
N ASN C 94 43.82 5.49 20.40
CA ASN C 94 44.74 5.32 21.51
C ASN C 94 44.03 5.66 22.80
N ILE C 95 43.93 4.67 23.71
CA ILE C 95 43.23 4.76 25.00
C ILE C 95 44.22 4.64 26.13
N LEU C 96 44.35 5.70 26.91
CA LEU C 96 45.30 5.74 28.03
C LEU C 96 44.67 5.12 29.28
N ALA C 97 45.48 4.48 30.12
CA ALA C 97 45.05 3.77 31.33
C ALA C 97 44.29 4.67 32.30
N SER C 98 44.69 5.94 32.43
CA SER C 98 44.09 6.91 33.35
C SER C 98 42.70 7.41 32.89
N SER C 99 42.38 7.30 31.60
CA SER C 99 41.14 7.82 31.01
C SER C 99 39.91 6.96 31.27
N LYS C 100 38.75 7.62 31.20
CA LYS C 100 37.48 6.96 31.28
C LYS C 100 36.95 6.76 29.86
N SER C 101 37.35 7.66 28.91
CA SER C 101 37.08 7.60 27.46
C SER C 101 35.65 7.02 27.08
N PRO C 102 34.48 7.49 27.62
CA PRO C 102 33.19 6.86 27.26
C PRO C 102 32.77 7.06 25.80
N ILE C 103 33.15 8.19 25.16
CA ILE C 103 32.78 8.48 23.78
C ILE C 103 33.76 7.76 22.86
N THR C 104 34.98 7.49 23.32
CA THR C 104 35.94 6.68 22.55
C THR C 104 35.34 5.26 22.33
N LEU C 105 34.70 4.72 23.37
CA LEU C 105 34.09 3.38 23.31
C LEU C 105 32.87 3.38 22.39
N LEU C 106 32.09 4.49 22.34
CA LEU C 106 30.97 4.66 21.42
C LEU C 106 31.51 4.62 19.97
N GLU C 107 32.60 5.37 19.70
CA GLU C 107 33.27 5.45 18.39
C GLU C 107 33.86 4.12 18.01
N MSE C 108 34.37 3.35 19.00
CA MSE C 108 34.94 2.03 18.76
C MSE C 108 33.84 1.08 18.28
O MSE C 108 34.04 0.39 17.30
CB MSE C 108 35.62 1.51 20.02
CG MSE C 108 36.45 0.26 19.78
SE MSE C 108 36.95 -0.66 21.42
CE MSE C 108 38.07 0.68 22.12
N GLY C 109 32.68 1.10 18.94
CA GLY C 109 31.54 0.30 18.54
C GLY C 109 31.06 0.66 17.14
N LEU C 110 30.98 1.98 16.85
CA LEU C 110 30.56 2.50 15.55
C LEU C 110 31.43 2.03 14.41
N PHE C 111 32.76 1.89 14.62
CA PHE C 111 33.66 1.56 13.53
C PHE C 111 34.32 0.21 13.71
N MSE C 112 33.83 -0.58 14.68
CA MSE C 112 34.32 -1.92 14.97
C MSE C 112 34.37 -2.81 13.72
O MSE C 112 35.37 -3.52 13.55
CB MSE C 112 33.39 -2.57 16.00
CG MSE C 112 33.92 -3.86 16.58
SE MSE C 112 35.40 -3.63 17.83
CE MSE C 112 34.44 -2.62 19.21
N ARG C 113 33.33 -2.79 12.86
CA ARG C 113 33.26 -3.69 11.69
C ARG C 113 33.73 -3.06 10.38
N SER C 114 34.20 -1.80 10.40
CA SER C 114 34.64 -1.07 9.21
C SER C 114 35.96 -1.62 8.61
N GLY C 115 36.75 -2.34 9.42
CA GLY C 115 38.05 -2.90 9.04
C GLY C 115 39.16 -1.87 9.06
N LYS C 116 38.83 -0.59 9.40
CA LYS C 116 39.81 0.49 9.39
C LYS C 116 40.23 0.95 10.79
N LEU C 117 39.73 0.29 11.83
CA LEU C 117 40.05 0.62 13.20
C LEU C 117 41.30 -0.18 13.69
N ARG C 118 42.22 0.53 14.33
CA ARG C 118 43.41 0.01 15.01
C ARG C 118 43.36 0.48 16.44
N VAL C 119 43.17 -0.44 17.41
CA VAL C 119 43.00 -0.02 18.81
C VAL C 119 44.30 -0.23 19.57
N ILE C 120 44.71 0.81 20.28
CA ILE C 120 45.87 0.83 21.20
C ILE C 120 45.26 1.09 22.56
N CYS C 121 45.27 0.08 23.44
CA CYS C 121 44.63 0.22 24.74
C CYS C 121 45.61 -0.18 25.80
N GLU C 122 45.98 0.80 26.61
CA GLU C 122 46.97 0.65 27.65
C GLU C 122 46.43 -0.25 28.79
N PRO C 123 47.17 -1.30 29.17
CA PRO C 123 46.73 -2.12 30.33
C PRO C 123 46.60 -1.24 31.56
N GLY C 124 45.53 -1.45 32.30
CA GLY C 124 45.24 -0.60 33.44
C GLY C 124 44.01 0.24 33.16
N PHE C 125 43.59 0.34 31.87
CA PHE C 125 42.36 1.02 31.46
C PHE C 125 41.20 0.30 32.16
N TYR C 126 40.29 1.04 32.84
CA TYR C 126 39.24 0.48 33.71
C TYR C 126 38.25 -0.49 32.94
N ARG C 127 38.19 -0.46 31.61
CA ARG C 127 37.33 -1.38 30.86
C ARG C 127 38.15 -2.12 29.79
N TYR C 128 39.40 -2.43 30.13
CA TYR C 128 40.36 -3.11 29.25
C TYR C 128 39.82 -4.47 28.76
N ASP C 129 39.28 -5.29 29.65
CA ASP C 129 38.84 -6.64 29.28
C ASP C 129 37.67 -6.58 28.32
N ASN C 130 36.79 -5.58 28.45
CA ASN C 130 35.71 -5.37 27.49
C ASN C 130 36.28 -5.04 26.11
N VAL C 131 37.27 -4.15 26.06
CA VAL C 131 37.93 -3.75 24.81
C VAL C 131 38.59 -4.99 24.18
N ARG C 132 39.35 -5.77 24.97
CA ARG C 132 40.06 -6.97 24.52
C ARG C 132 39.08 -8.04 23.96
N LEU C 133 38.01 -8.33 24.70
CA LEU C 133 37.00 -9.33 24.32
C LEU C 133 36.17 -8.92 23.09
N THR C 134 35.85 -7.62 22.94
CA THR C 134 35.07 -7.12 21.79
C THR C 134 35.94 -7.10 20.53
N CYS C 135 37.18 -6.60 20.61
CA CYS C 135 38.13 -6.60 19.49
C CYS C 135 38.40 -8.04 19.02
N ALA C 136 38.55 -8.97 19.97
CA ALA C 136 38.80 -10.39 19.66
C ALA C 136 37.63 -10.95 18.85
N ARG C 137 36.38 -10.68 19.31
CA ARG C 137 35.19 -11.17 18.64
C ARG C 137 35.07 -10.64 17.19
N TYR C 138 35.39 -9.36 16.98
CA TYR C 138 35.18 -8.77 15.66
C TYR C 138 36.48 -8.62 14.85
N GLY C 139 37.57 -9.27 15.29
CA GLY C 139 38.86 -9.29 14.60
C GLY C 139 39.53 -7.95 14.41
N VAL C 140 39.44 -7.07 15.42
CA VAL C 140 40.05 -5.75 15.36
C VAL C 140 41.46 -5.84 15.99
N PRO C 141 42.51 -5.39 15.28
CA PRO C 141 43.87 -5.44 15.87
C PRO C 141 43.94 -4.59 17.15
N LEU C 142 44.52 -5.16 18.21
CA LEU C 142 44.65 -4.55 19.51
C LEU C 142 46.13 -4.58 19.98
N TYR C 143 46.66 -3.40 20.31
CA TYR C 143 48.04 -3.19 20.75
C TYR C 143 48.03 -2.60 22.16
N GLN C 144 49.15 -2.71 22.88
CA GLN C 144 49.26 -2.24 24.27
C GLN C 144 49.95 -0.89 24.34
N ASN C 145 50.63 -0.48 23.27
CA ASN C 145 51.31 0.82 23.19
C ASN C 145 51.47 1.24 21.73
N MSE C 146 51.63 2.55 21.52
CA MSE C 146 51.80 3.21 20.23
C MSE C 146 53.06 2.75 19.53
O MSE C 146 53.01 2.61 18.31
CB MSE C 146 51.83 4.73 20.39
CG MSE C 146 50.44 5.33 20.60
SE MSE C 146 49.20 5.09 19.08
CE MSE C 146 50.05 6.21 17.75
N ASP C 147 54.17 2.49 20.27
CA ASP C 147 55.43 2.04 19.65
C ASP C 147 55.22 0.72 18.90
N ASP C 148 54.58 -0.28 19.51
CA ASP C 148 54.29 -1.57 18.88
C ASP C 148 53.40 -1.38 17.64
N PHE C 149 52.37 -0.54 17.74
CA PHE C 149 51.48 -0.31 16.63
C PHE C 149 52.19 0.42 15.47
N LEU C 150 52.90 1.51 15.77
CA LEU C 150 53.50 2.32 14.71
C LEU C 150 54.57 1.52 13.97
N LYS C 151 55.28 0.58 14.63
CA LYS C 151 56.29 -0.26 13.95
C LYS C 151 55.64 -1.10 12.85
N THR C 152 54.40 -1.54 13.11
CA THR C 152 53.55 -2.40 12.28
C THR C 152 53.20 -1.69 10.95
N MSE C 153 53.24 -0.34 10.97
CA MSE C 153 52.91 0.58 9.90
C MSE C 153 53.80 0.33 8.68
O MSE C 153 54.97 0.74 8.64
CB MSE C 153 53.05 2.02 10.41
CG MSE C 153 52.16 3.01 9.74
SE MSE C 153 50.34 2.96 10.39
CE MSE C 153 49.55 4.19 9.10
N ARG C 154 53.21 -0.37 7.69
CA ARG C 154 53.78 -0.76 6.40
C ARG C 154 52.69 -0.69 5.29
N GLY D 1 -8.10 -15.34 29.98
CA GLY D 1 -8.05 -15.83 28.60
C GLY D 1 -6.69 -15.69 27.95
N ALA D 2 -6.64 -14.93 26.84
CA ALA D 2 -5.47 -14.70 25.98
C ALA D 2 -4.34 -14.01 26.74
N GLN D 3 -3.16 -14.63 26.69
CA GLN D 3 -1.95 -14.09 27.30
C GLN D 3 -0.77 -14.33 26.37
N SER D 4 0.22 -13.46 26.47
CA SER D 4 1.47 -13.60 25.74
C SER D 4 2.33 -14.67 26.37
N GLU D 5 3.24 -15.26 25.57
CA GLU D 5 4.20 -16.24 26.06
C GLU D 5 5.51 -15.52 26.20
N VAL D 6 6.00 -15.37 27.44
CA VAL D 6 7.26 -14.67 27.73
C VAL D 6 8.24 -15.63 28.40
N VAL D 7 9.40 -15.82 27.75
CA VAL D 7 10.51 -16.63 28.24
C VAL D 7 11.68 -15.66 28.44
N VAL D 8 12.30 -15.68 29.63
CA VAL D 8 13.42 -14.81 29.92
C VAL D 8 14.70 -15.68 30.07
N LEU D 9 15.72 -15.34 29.29
CA LEU D 9 17.02 -16.01 29.33
C LEU D 9 18.04 -15.06 29.96
N TYR D 10 18.79 -15.56 30.94
CA TYR D 10 19.84 -14.85 31.69
C TYR D 10 21.23 -15.44 31.38
N PRO D 11 22.35 -14.72 31.68
CA PRO D 11 23.67 -15.32 31.39
C PRO D 11 23.94 -16.61 32.18
N ASP D 12 23.31 -16.77 33.38
CA ASP D 12 23.48 -17.94 34.27
C ASP D 12 22.30 -18.94 34.19
N THR D 13 21.45 -18.87 33.15
CA THR D 13 20.32 -19.79 32.99
C THR D 13 20.35 -20.42 31.60
N GLU D 14 19.63 -21.53 31.43
CA GLU D 14 19.55 -22.27 30.17
C GLU D 14 18.11 -22.69 29.91
N ASN D 15 17.68 -22.57 28.66
CA ASN D 15 16.32 -22.94 28.26
C ASN D 15 16.43 -24.05 27.21
N LYS D 16 16.79 -25.24 27.70
CA LYS D 16 16.89 -26.46 26.88
C LYS D 16 15.57 -26.76 26.18
N ASP D 17 15.66 -27.33 24.96
CA ASP D 17 14.54 -27.74 24.09
C ASP D 17 13.66 -26.53 23.69
N LEU D 18 14.29 -25.35 23.40
CA LEU D 18 13.55 -24.17 22.99
C LEU D 18 14.03 -23.71 21.61
N ASP D 19 13.08 -23.58 20.67
CA ASP D 19 13.31 -23.13 19.30
C ASP D 19 13.23 -21.61 19.28
N GLU D 20 14.40 -20.94 19.31
CA GLU D 20 14.51 -19.47 19.34
C GLU D 20 13.88 -18.78 18.10
N ALA D 21 13.69 -19.53 17.00
CA ALA D 21 13.15 -19.04 15.74
C ALA D 21 11.65 -18.68 15.82
N VAL D 22 10.89 -19.28 16.75
CA VAL D 22 9.44 -19.02 16.82
C VAL D 22 9.12 -17.83 17.78
N TYR D 23 10.16 -17.24 18.38
CA TYR D 23 10.03 -16.12 19.32
C TYR D 23 10.56 -14.79 18.77
N GLN D 24 9.95 -13.69 19.23
CA GLN D 24 10.45 -12.33 19.01
C GLN D 24 11.56 -12.14 20.05
N LYS D 25 12.81 -12.10 19.62
CA LYS D 25 13.97 -12.04 20.51
C LYS D 25 14.33 -10.59 20.79
N ILE D 26 14.26 -10.20 22.07
CA ILE D 26 14.52 -8.82 22.49
C ILE D 26 15.62 -8.81 23.51
N PHE D 27 16.66 -8.01 23.25
CA PHE D 27 17.75 -7.86 24.19
C PHE D 27 17.51 -6.61 25.05
N LEU D 28 17.60 -6.77 26.38
CA LEU D 28 17.43 -5.66 27.31
C LEU D 28 18.80 -5.04 27.65
N ALA D 29 19.26 -4.08 26.84
CA ALA D 29 20.55 -3.41 27.02
C ALA D 29 20.43 -2.17 27.88
N GLY D 30 21.54 -1.76 28.47
CA GLY D 30 21.54 -0.56 29.30
C GLY D 30 21.98 -0.76 30.73
N THR D 31 21.66 0.21 31.58
CA THR D 31 22.06 0.31 32.98
C THR D 31 21.74 -0.95 33.78
N ILE D 32 22.77 -1.50 34.42
CA ILE D 32 22.66 -2.61 35.37
C ILE D 32 23.00 -2.02 36.75
N ASP D 33 21.96 -1.82 37.55
CA ASP D 33 22.06 -1.31 38.92
C ASP D 33 21.62 -2.44 39.86
N MSE D 34 22.57 -2.90 40.71
CA MSE D 34 22.31 -4.02 41.62
C MSE D 34 21.80 -3.51 42.96
O MSE D 34 20.80 -2.80 43.01
CB MSE D 34 23.58 -4.86 41.79
CG MSE D 34 24.05 -5.57 40.49
SE MSE D 34 22.76 -6.86 39.70
CE MSE D 34 23.89 -7.75 38.45
N ASP D 39 15.63 -1.85 38.94
CA ASP D 39 15.51 -3.09 38.14
C ASP D 39 14.43 -2.90 37.05
N TRP D 40 14.71 -1.97 36.13
CA TRP D 40 13.84 -1.65 35.00
C TRP D 40 13.66 -2.91 34.11
N GLN D 41 14.67 -3.81 34.08
CA GLN D 41 14.67 -5.03 33.26
C GLN D 41 13.55 -5.95 33.67
N LYS D 42 13.33 -6.16 35.01
CA LYS D 42 12.21 -6.99 35.52
C LYS D 42 10.85 -6.36 35.17
N ALA D 43 10.73 -5.03 35.34
CA ALA D 43 9.50 -4.28 35.04
C ALA D 43 9.16 -4.36 33.55
N THR D 44 10.20 -4.43 32.68
CA THR D 44 10.03 -4.55 31.22
C THR D 44 9.54 -5.98 30.90
N CYS D 45 10.12 -7.00 31.58
CA CYS D 45 9.71 -8.39 31.43
C CYS D 45 8.24 -8.52 31.84
N ASP D 46 7.85 -7.91 32.98
CA ASP D 46 6.46 -7.91 33.48
C ASP D 46 5.51 -7.24 32.48
N TRP D 47 5.99 -6.17 31.78
CA TRP D 47 5.21 -5.45 30.77
C TRP D 47 4.84 -6.39 29.61
N PHE D 48 5.82 -7.17 29.12
CA PHE D 48 5.62 -8.14 28.06
C PHE D 48 4.71 -9.27 28.51
N ARG D 49 4.81 -9.68 29.80
CA ARG D 49 3.97 -10.74 30.37
C ARG D 49 2.50 -10.33 30.39
N ALA D 50 2.23 -9.01 30.49
CA ALA D 50 0.89 -8.41 30.58
C ALA D 50 0.24 -8.24 29.20
N LEU D 51 0.99 -8.47 28.10
CA LEU D 51 0.46 -8.34 26.73
C LEU D 51 -0.54 -9.48 26.43
N PRO D 52 -1.57 -9.23 25.59
CA PRO D 52 -2.58 -10.29 25.36
C PRO D 52 -2.15 -11.34 24.30
N GLU D 53 -1.14 -11.02 23.47
CA GLU D 53 -0.68 -11.94 22.42
C GLU D 53 0.85 -11.82 22.20
N GLY D 54 1.42 -12.82 21.52
CA GLY D 54 2.83 -12.84 21.15
C GLY D 54 3.70 -13.84 21.90
N ARG D 55 4.81 -14.23 21.28
CA ARG D 55 5.83 -15.13 21.85
C ARG D 55 7.11 -14.35 21.92
N TYR D 56 7.53 -14.04 23.16
CA TYR D 56 8.71 -13.22 23.39
C TYR D 56 9.79 -13.98 24.13
N LEU D 57 11.00 -13.86 23.62
CA LEU D 57 12.19 -14.40 24.24
C LEU D 57 13.04 -13.20 24.59
N LEU D 58 13.11 -12.92 25.89
CA LEU D 58 13.82 -11.75 26.37
C LEU D 58 15.19 -12.14 26.87
N PHE D 59 16.23 -11.50 26.33
CA PHE D 59 17.60 -11.71 26.78
C PHE D 59 17.91 -10.65 27.81
N ASN D 60 17.90 -11.07 29.09
CA ASN D 60 18.17 -10.15 30.19
C ASN D 60 19.60 -10.38 30.72
N PRO D 61 20.54 -9.43 30.47
CA PRO D 61 21.94 -9.62 30.93
C PRO D 61 22.13 -9.38 32.44
N ARG D 62 21.08 -8.87 33.10
CA ARG D 62 21.10 -8.59 34.52
C ARG D 62 20.81 -9.86 35.33
N ARG D 63 21.86 -10.40 35.96
CA ARG D 63 21.72 -11.56 36.84
C ARG D 63 21.12 -11.13 38.16
N ASP D 64 20.50 -12.07 38.92
CA ASP D 64 19.93 -11.72 40.22
C ASP D 64 21.07 -11.36 41.20
N LYS D 65 22.20 -12.09 41.11
CA LYS D 65 23.38 -11.81 41.93
C LYS D 65 24.45 -11.15 41.08
N GLY D 66 25.12 -10.13 41.61
CA GLY D 66 26.21 -9.43 40.92
C GLY D 66 27.39 -10.33 40.58
N LEU D 67 28.29 -9.89 39.69
CA LEU D 67 29.43 -10.72 39.27
C LEU D 67 30.45 -10.87 40.40
N SER D 68 31.06 -12.06 40.49
CA SER D 68 32.08 -12.40 41.49
C SER D 68 33.37 -11.60 41.32
N GLY D 69 33.68 -11.23 40.07
CA GLY D 69 34.92 -10.53 39.77
C GLY D 69 35.97 -11.49 39.22
N GLU D 70 35.67 -12.83 39.23
CA GLU D 70 36.49 -13.90 38.66
C GLU D 70 36.45 -13.73 37.15
N MSE D 71 37.64 -13.81 36.50
CA MSE D 71 37.88 -13.54 35.08
C MSE D 71 37.05 -14.40 34.12
O MSE D 71 36.48 -13.85 33.18
CB MSE D 71 39.36 -13.73 34.75
CG MSE D 71 39.71 -13.45 33.27
SE MSE D 71 39.24 -11.65 32.53
CE MSE D 71 40.72 -10.63 33.28
N SER D 72 37.00 -15.74 34.30
CA SER D 72 36.27 -16.59 33.34
C SER D 72 34.77 -16.28 33.37
N ASP D 73 34.23 -15.94 34.57
CA ASP D 73 32.84 -15.56 34.76
C ASP D 73 32.55 -14.24 34.02
N PHE D 74 33.48 -13.30 34.09
CA PHE D 74 33.37 -12.00 33.44
C PHE D 74 33.38 -12.17 31.91
N GLU D 75 34.29 -13.00 31.38
CA GLU D 75 34.37 -13.29 29.93
C GLU D 75 33.09 -13.92 29.45
N HIS D 76 32.52 -14.84 30.25
CA HIS D 76 31.25 -15.46 29.93
C HIS D 76 30.17 -14.39 29.80
N GLN D 77 30.15 -13.41 30.72
CA GLN D 77 29.17 -12.31 30.72
C GLN D 77 29.27 -11.51 29.43
N VAL D 78 30.47 -11.06 29.04
CA VAL D 78 30.69 -10.19 27.87
C VAL D 78 30.33 -10.96 26.59
N ASN D 79 30.76 -12.22 26.48
CA ASN D 79 30.50 -13.07 25.32
C ASN D 79 29.00 -13.37 25.21
N TRP D 80 28.30 -13.58 26.35
CA TRP D 80 26.86 -13.84 26.39
C TRP D 80 26.13 -12.59 25.88
N GLU D 81 26.55 -11.40 26.34
CA GLU D 81 25.97 -10.11 25.94
C GLU D 81 26.13 -9.90 24.42
N LEU D 82 27.36 -10.04 23.87
CA LEU D 82 27.61 -9.80 22.45
C LEU D 82 26.88 -10.81 21.56
N GLU D 83 26.86 -12.09 21.93
CA GLU D 83 26.17 -13.13 21.16
C GLU D 83 24.64 -12.87 21.11
N HIS D 84 24.05 -12.45 22.21
CA HIS D 84 22.60 -12.27 22.30
C HIS D 84 22.19 -10.90 21.78
N LEU D 85 23.14 -9.92 21.71
CA LEU D 85 22.88 -8.64 21.05
C LEU D 85 22.78 -8.89 19.54
N GLU D 86 23.63 -9.79 19.02
CA GLU D 86 23.62 -10.22 17.63
C GLU D 86 22.37 -11.04 17.28
N LYS D 87 21.95 -11.98 18.17
CA LYS D 87 20.79 -12.87 17.95
C LYS D 87 19.42 -12.13 18.03
N ALA D 88 19.35 -11.04 18.80
CA ALA D 88 18.12 -10.26 19.03
C ALA D 88 17.54 -9.69 17.74
N ASP D 89 16.20 -9.67 17.69
CA ASP D 89 15.40 -9.06 16.62
C ASP D 89 15.27 -7.56 16.90
N LEU D 90 15.33 -7.20 18.19
CA LEU D 90 15.20 -5.85 18.71
C LEU D 90 16.07 -5.67 19.95
N ILE D 91 16.70 -4.50 20.06
CA ILE D 91 17.49 -4.13 21.22
C ILE D 91 16.81 -2.94 21.89
N ILE D 92 16.30 -3.14 23.12
CA ILE D 92 15.74 -2.10 23.95
C ILE D 92 16.89 -1.61 24.81
N MSE D 93 17.37 -0.38 24.56
CA MSE D 93 18.49 0.12 25.33
C MSE D 93 18.04 1.25 26.26
O MSE D 93 17.73 2.35 25.80
CB MSE D 93 19.61 0.59 24.41
CG MSE D 93 20.80 1.16 25.17
SE MSE D 93 22.28 1.43 23.99
CE MSE D 93 22.83 -0.44 23.59
N ASN D 94 18.02 0.97 27.58
CA ASN D 94 17.57 1.94 28.56
C ASN D 94 18.74 2.45 29.39
N ILE D 95 18.98 3.78 29.36
CA ILE D 95 20.10 4.46 30.04
C ILE D 95 19.55 5.41 31.08
N LEU D 96 19.86 5.14 32.35
CA LEU D 96 19.41 5.99 33.46
C LEU D 96 20.38 7.17 33.66
N ALA D 97 19.85 8.31 34.10
CA ALA D 97 20.60 9.57 34.30
C ALA D 97 21.79 9.41 35.25
N SER D 98 21.67 8.58 36.29
CA SER D 98 22.70 8.35 37.30
C SER D 98 23.88 7.49 36.81
N SER D 99 23.70 6.67 35.77
CA SER D 99 24.75 5.75 35.34
C SER D 99 25.81 6.39 34.45
N LYS D 100 26.99 5.75 34.43
CA LYS D 100 28.08 6.12 33.55
C LYS D 100 28.00 5.15 32.37
N SER D 101 28.01 3.82 32.64
CA SER D 101 27.78 2.73 31.65
C SER D 101 28.56 2.94 30.34
N PRO D 102 29.90 2.86 30.41
CA PRO D 102 30.70 3.04 29.19
C PRO D 102 30.51 1.89 28.19
N ILE D 103 30.08 0.70 28.66
CA ILE D 103 29.88 -0.48 27.84
C ILE D 103 28.58 -0.35 27.07
N THR D 104 27.58 0.28 27.68
CA THR D 104 26.31 0.54 27.02
C THR D 104 26.57 1.35 25.75
N LEU D 105 27.46 2.36 25.85
CA LEU D 105 27.79 3.24 24.72
C LEU D 105 28.57 2.46 23.64
N LEU D 106 29.41 1.48 24.04
CA LEU D 106 30.13 0.60 23.12
C LEU D 106 29.10 -0.22 22.32
N GLU D 107 28.12 -0.82 23.02
CA GLU D 107 27.04 -1.63 22.46
C GLU D 107 26.15 -0.79 21.55
N MSE D 108 25.93 0.48 21.92
CA MSE D 108 25.14 1.40 21.12
C MSE D 108 25.81 1.66 19.78
O MSE D 108 25.14 1.55 18.76
CB MSE D 108 24.93 2.73 21.87
CG MSE D 108 23.87 3.60 21.21
SE MSE D 108 23.88 5.38 21.90
CE MSE D 108 23.26 5.01 23.66
N GLY D 109 27.13 1.92 19.80
CA GLY D 109 27.94 2.11 18.60
C GLY D 109 27.88 0.89 17.72
N LEU D 110 28.03 -0.30 18.33
CA LEU D 110 28.02 -1.59 17.63
C LEU D 110 26.75 -1.86 16.87
N PHE D 111 25.58 -1.44 17.39
CA PHE D 111 24.31 -1.76 16.76
C PHE D 111 23.60 -0.51 16.26
N MSE D 112 24.27 0.64 16.28
CA MSE D 112 23.73 1.92 15.81
C MSE D 112 23.15 1.83 14.39
O MSE D 112 22.05 2.33 14.15
CB MSE D 112 24.86 2.96 15.83
CG MSE D 112 24.42 4.36 15.54
SE MSE D 112 23.58 5.23 17.09
CE MSE D 112 25.11 5.19 18.30
N ARG D 113 23.89 1.23 13.44
CA ARG D 113 23.46 1.21 12.05
C ARG D 113 22.71 -0.10 11.69
N SER D 114 22.34 -0.93 12.66
CA SER D 114 21.69 -2.24 12.42
C SER D 114 20.18 -2.12 12.07
N GLY D 115 19.56 -1.05 12.49
CA GLY D 115 18.13 -0.82 12.32
C GLY D 115 17.26 -1.45 13.42
N LYS D 116 17.85 -2.27 14.35
CA LYS D 116 17.08 -2.96 15.41
C LYS D 116 17.29 -2.35 16.81
N LEU D 117 18.02 -1.23 16.89
CA LEU D 117 18.28 -0.55 18.16
C LEU D 117 17.22 0.56 18.43
N ARG D 118 16.73 0.58 19.67
CA ARG D 118 15.80 1.58 20.21
C ARG D 118 16.45 2.15 21.46
N VAL D 119 16.76 3.46 21.49
CA VAL D 119 17.46 4.03 22.65
C VAL D 119 16.49 4.85 23.50
N ILE D 120 16.52 4.58 24.81
CA ILE D 120 15.77 5.29 25.85
C ILE D 120 16.85 5.92 26.74
N CYS D 121 17.01 7.23 26.68
CA CYS D 121 18.08 7.88 27.43
C CYS D 121 17.51 9.00 28.22
N GLU D 122 17.60 8.83 29.54
CA GLU D 122 17.06 9.78 30.50
C GLU D 122 17.83 11.10 30.49
N PRO D 123 17.12 12.24 30.33
CA PRO D 123 17.80 13.54 30.41
C PRO D 123 18.49 13.66 31.77
N GLY D 124 19.72 14.15 31.75
CA GLY D 124 20.52 14.21 32.96
C GLY D 124 21.69 13.26 32.86
N PHE D 125 21.64 12.32 31.92
CA PHE D 125 22.73 11.37 31.65
C PHE D 125 23.96 12.19 31.23
N TYR D 126 25.13 11.93 31.84
CA TYR D 126 26.35 12.75 31.69
C TYR D 126 26.84 12.86 30.21
N ARG D 127 26.42 11.96 29.28
CA ARG D 127 26.81 12.09 27.89
C ARG D 127 25.58 12.10 26.98
N TYR D 128 24.49 12.71 27.47
CA TYR D 128 23.20 12.78 26.78
C TYR D 128 23.30 13.42 25.38
N ASP D 129 23.99 14.55 25.26
CA ASP D 129 24.07 15.26 23.97
C ASP D 129 24.84 14.44 22.93
N ASN D 130 25.83 13.64 23.36
CA ASN D 130 26.53 12.74 22.46
C ASN D 130 25.58 11.67 21.95
N VAL D 131 24.75 11.10 22.85
CA VAL D 131 23.76 10.07 22.49
C VAL D 131 22.77 10.68 21.50
N ARG D 132 22.22 11.88 21.80
CA ARG D 132 21.24 12.58 20.98
C ARG D 132 21.78 12.89 19.57
N LEU D 133 23.02 13.45 19.49
CA LEU D 133 23.66 13.83 18.22
C LEU D 133 24.04 12.62 17.36
N THR D 134 24.45 11.52 17.98
CA THR D 134 24.85 10.30 17.26
C THR D 134 23.59 9.57 16.73
N CYS D 135 22.55 9.43 17.57
CA CYS D 135 21.27 8.81 17.17
C CYS D 135 20.66 9.62 16.03
N ALA D 136 20.70 10.96 16.10
CA ALA D 136 20.18 11.86 15.05
C ALA D 136 20.89 11.59 13.72
N ARG D 137 22.22 11.51 13.74
CA ARG D 137 23.03 11.28 12.55
C ARG D 137 22.70 9.94 11.88
N TYR D 138 22.49 8.88 12.69
CA TYR D 138 22.30 7.56 12.12
C TYR D 138 20.83 7.12 12.14
N GLY D 139 19.91 8.04 12.44
CA GLY D 139 18.47 7.77 12.41
C GLY D 139 17.97 6.72 13.39
N VAL D 140 18.53 6.70 14.61
CA VAL D 140 18.13 5.75 15.65
C VAL D 140 17.04 6.39 16.51
N PRO D 141 15.86 5.73 16.66
CA PRO D 141 14.80 6.30 17.53
C PRO D 141 15.32 6.47 18.96
N LEU D 142 15.10 7.67 19.52
CA LEU D 142 15.53 8.08 20.84
C LEU D 142 14.34 8.60 21.63
N TYR D 143 14.12 8.01 22.82
CA TYR D 143 13.04 8.32 23.74
C TYR D 143 13.63 8.79 25.07
N GLN D 144 12.83 9.47 25.90
CA GLN D 144 13.31 10.00 27.18
C GLN D 144 12.89 9.13 28.36
N ASN D 145 11.92 8.23 28.13
CA ASN D 145 11.46 7.32 29.17
C ASN D 145 10.85 6.06 28.51
N MSE D 146 10.82 4.96 29.29
CA MSE D 146 10.31 3.66 28.88
C MSE D 146 8.82 3.69 28.58
O MSE D 146 8.40 3.00 27.65
CB MSE D 146 10.59 2.61 29.95
CG MSE D 146 12.05 2.14 29.94
SE MSE D 146 12.58 1.21 28.29
CE MSE D 146 11.53 -0.43 28.46
N ASP D 147 8.02 4.51 29.32
CA ASP D 147 6.59 4.62 29.07
C ASP D 147 6.30 5.09 27.64
N ASP D 148 6.96 6.17 27.20
CA ASP D 148 6.80 6.68 25.83
C ASP D 148 7.23 5.62 24.79
N PHE D 149 8.36 4.92 25.02
CA PHE D 149 8.81 3.92 24.07
C PHE D 149 7.87 2.70 24.00
N LEU D 150 7.49 2.13 25.15
CA LEU D 150 6.69 0.92 25.17
C LEU D 150 5.30 1.17 24.59
N LYS D 151 4.76 2.42 24.64
CA LYS D 151 3.48 2.72 24.01
C LYS D 151 3.56 2.53 22.49
N THR D 152 4.76 2.71 21.89
CA THR D 152 4.97 2.57 20.43
C THR D 152 4.95 1.10 20.00
N MSE D 153 5.04 0.17 20.95
CA MSE D 153 4.98 -1.28 20.71
C MSE D 153 3.53 -1.71 20.45
O MSE D 153 3.27 -2.42 19.48
CB MSE D 153 5.55 -2.05 21.91
CG MSE D 153 6.98 -1.63 22.29
SE MSE D 153 8.35 -2.86 21.72
CE MSE D 153 8.19 -2.63 19.79
N ARG D 154 2.61 -1.23 21.33
CA ARG D 154 1.14 -1.34 21.40
C ARG D 154 0.75 -1.87 22.82
N GLY E 1 36.10 -4.27 5.06
CA GLY E 1 35.09 -4.25 6.11
C GLY E 1 33.78 -3.72 5.59
N ALA E 2 32.85 -3.39 6.51
CA ALA E 2 31.53 -2.87 6.22
C ALA E 2 31.57 -1.35 6.28
N GLN E 3 31.62 -0.68 5.09
CA GLN E 3 31.73 0.80 5.01
C GLN E 3 30.71 1.40 4.02
N SER E 4 29.78 0.59 3.55
CA SER E 4 28.68 1.06 2.69
C SER E 4 27.69 1.92 3.47
N GLU E 5 27.00 2.84 2.82
CA GLU E 5 25.91 3.55 3.47
C GLU E 5 24.61 2.86 3.06
N VAL E 6 23.83 2.41 4.05
CA VAL E 6 22.58 1.71 3.74
C VAL E 6 21.45 2.37 4.51
N VAL E 7 20.49 2.95 3.75
CA VAL E 7 19.28 3.56 4.27
C VAL E 7 18.13 2.66 3.82
N VAL E 8 17.29 2.21 4.78
CA VAL E 8 16.14 1.38 4.44
C VAL E 8 14.84 2.23 4.66
N LEU E 9 14.01 2.29 3.62
CA LEU E 9 12.74 2.99 3.67
C LEU E 9 11.60 1.96 3.63
N TYR E 10 10.66 2.11 4.56
CA TYR E 10 9.49 1.26 4.72
C TYR E 10 8.21 2.02 4.41
N PRO E 11 7.07 1.34 4.18
CA PRO E 11 5.84 2.08 3.89
C PRO E 11 5.39 3.00 5.05
N ASP E 12 5.70 2.64 6.30
CA ASP E 12 5.34 3.37 7.54
C ASP E 12 6.54 4.19 8.13
N THR E 13 7.57 4.40 7.32
CA THR E 13 8.79 5.10 7.69
C THR E 13 8.81 6.43 6.97
N GLU E 14 9.32 7.43 7.68
CA GLU E 14 9.50 8.78 7.18
C GLU E 14 10.96 9.18 7.31
N ASN E 15 11.74 8.92 6.26
CA ASN E 15 13.14 9.37 6.22
C ASN E 15 13.14 10.54 5.23
N LYS E 16 12.90 11.74 5.77
CA LYS E 16 12.83 12.99 5.05
C LYS E 16 14.22 13.66 5.05
N ASP E 17 14.40 14.75 4.25
CA ASP E 17 15.65 15.51 4.08
C ASP E 17 16.77 14.58 3.51
N LEU E 18 16.41 13.67 2.58
CA LEU E 18 17.34 12.74 1.93
C LEU E 18 17.27 12.93 0.40
N ASP E 19 18.43 13.10 -0.27
CA ASP E 19 18.54 13.28 -1.72
C ASP E 19 18.62 11.92 -2.40
N GLU E 20 17.43 11.35 -2.77
CA GLU E 20 17.29 10.01 -3.37
C GLU E 20 18.19 9.82 -4.62
N ALA E 21 18.62 10.91 -5.26
CA ALA E 21 19.45 10.89 -6.47
C ALA E 21 20.90 10.40 -6.22
N VAL E 22 21.43 10.54 -4.98
CA VAL E 22 22.84 10.16 -4.72
C VAL E 22 22.93 8.69 -4.27
N TYR E 23 21.78 8.00 -4.17
CA TYR E 23 21.70 6.60 -3.75
C TYR E 23 21.33 5.66 -4.88
N GLN E 24 21.80 4.41 -4.76
CA GLN E 24 21.39 3.31 -5.63
C GLN E 24 20.10 2.83 -5.03
N LYS E 25 18.97 3.05 -5.72
CA LYS E 25 17.64 2.74 -5.19
C LYS E 25 17.24 1.34 -5.61
N ILE E 26 17.06 0.45 -4.62
CA ILE E 26 16.74 -0.94 -4.87
C ILE E 26 15.45 -1.32 -4.16
N PHE E 27 14.48 -1.86 -4.93
CA PHE E 27 13.21 -2.30 -4.38
C PHE E 27 13.28 -3.77 -4.07
N LEU E 28 12.95 -4.16 -2.83
CA LEU E 28 12.95 -5.57 -2.41
C LEU E 28 11.55 -6.16 -2.62
N ALA E 29 11.28 -6.67 -3.85
CA ALA E 29 9.99 -7.27 -4.23
C ALA E 29 10.00 -8.76 -3.92
N GLY E 30 8.83 -9.32 -3.69
CA GLY E 30 8.76 -10.74 -3.37
C GLY E 30 8.00 -11.06 -2.11
N THR E 31 8.13 -12.31 -1.71
CA THR E 31 7.40 -12.94 -0.62
C THR E 31 7.46 -12.16 0.70
N ILE E 32 6.28 -11.72 1.12
CA ILE E 32 6.09 -11.12 2.43
C ILE E 32 5.40 -12.21 3.29
N ASP E 33 6.19 -12.71 4.21
CA ASP E 33 5.94 -13.75 5.19
C ASP E 33 6.21 -13.13 6.59
N MSE E 34 5.16 -13.05 7.42
CA MSE E 34 5.25 -12.44 8.73
C MSE E 34 5.50 -13.52 9.78
O MSE E 34 6.11 -13.27 10.81
CB MSE E 34 3.98 -11.61 9.05
CG MSE E 34 3.75 -10.39 8.11
SE MSE E 34 5.15 -8.96 8.13
CE MSE E 34 4.25 -7.55 7.16
N ASP E 39 13.18 -13.15 7.94
CA ASP E 39 12.76 -12.61 6.67
C ASP E 39 13.97 -12.34 5.79
N TRP E 40 13.85 -12.70 4.50
CA TRP E 40 14.92 -12.58 3.51
C TRP E 40 15.24 -11.11 3.26
N GLN E 41 14.24 -10.22 3.42
CA GLN E 41 14.40 -8.79 3.24
C GLN E 41 15.42 -8.22 4.21
N LYS E 42 15.34 -8.57 5.52
CA LYS E 42 16.30 -8.09 6.52
C LYS E 42 17.70 -8.63 6.21
N ALA E 43 17.81 -9.93 5.87
CA ALA E 43 19.08 -10.58 5.50
C ALA E 43 19.71 -9.92 4.27
N THR E 44 18.88 -9.42 3.32
CA THR E 44 19.34 -8.73 2.11
C THR E 44 19.87 -7.34 2.53
N CYS E 45 19.13 -6.63 3.41
CA CYS E 45 19.56 -5.34 3.94
C CYS E 45 20.90 -5.49 4.66
N ASP E 46 21.06 -6.56 5.48
CA ASP E 46 22.31 -6.86 6.20
C ASP E 46 23.46 -7.14 5.21
N TRP E 47 23.16 -7.78 4.07
CA TRP E 47 24.14 -8.07 3.03
C TRP E 47 24.71 -6.76 2.45
N PHE E 48 23.85 -5.78 2.17
CA PHE E 48 24.24 -4.47 1.68
C PHE E 48 25.03 -3.69 2.73
N ARG E 49 24.65 -3.84 4.02
CA ARG E 49 25.36 -3.21 5.14
C ARG E 49 26.79 -3.75 5.30
N ALA E 50 27.05 -5.01 4.87
CA ALA E 50 28.36 -5.69 4.97
C ALA E 50 29.31 -5.31 3.82
N LEU E 51 28.81 -4.59 2.80
CA LEU E 51 29.60 -4.20 1.63
C LEU E 51 30.67 -3.16 2.00
N PRO E 52 31.82 -3.16 1.29
CA PRO E 52 32.91 -2.24 1.63
C PRO E 52 32.71 -0.81 1.13
N GLU E 53 31.78 -0.59 0.18
CA GLU E 53 31.53 0.75 -0.37
C GLU E 53 30.09 0.87 -0.94
N GLY E 54 29.70 2.10 -1.29
CA GLY E 54 28.40 2.36 -1.93
C GLY E 54 27.37 3.02 -1.06
N ARG E 55 26.40 3.72 -1.69
CA ARG E 55 25.28 4.38 -0.99
C ARG E 55 24.01 3.75 -1.50
N TYR E 56 23.33 3.01 -0.62
CA TYR E 56 22.13 2.25 -1.00
C TYR E 56 20.92 2.72 -0.27
N LEU E 57 19.86 2.93 -1.04
CA LEU E 57 18.54 3.26 -0.53
C LEU E 57 17.66 2.07 -0.87
N LEU E 58 17.32 1.30 0.15
CA LEU E 58 16.55 0.09 -0.05
C LEU E 58 15.10 0.33 0.29
N PHE E 59 14.19 0.04 -0.67
CA PHE E 59 12.76 0.15 -0.46
C PHE E 59 12.25 -1.20 -0.03
N ASN E 60 12.01 -1.35 1.28
CA ASN E 60 11.53 -2.61 1.85
C ASN E 60 10.00 -2.50 2.14
N PRO E 61 9.14 -3.18 1.33
CA PRO E 61 7.69 -3.06 1.53
C PRO E 61 7.19 -3.89 2.71
N ARG E 62 8.11 -4.65 3.35
CA ARG E 62 7.79 -5.49 4.48
C ARG E 62 7.91 -4.72 5.79
N ARG E 63 6.77 -4.35 6.38
CA ARG E 63 6.71 -3.63 7.65
C ARG E 63 7.04 -4.58 8.81
N ASP E 64 7.50 -4.03 9.96
CA ASP E 64 7.81 -4.90 11.09
C ASP E 64 6.51 -5.52 11.67
N LYS E 65 5.43 -4.75 11.68
CA LYS E 65 4.12 -5.23 12.09
C LYS E 65 3.24 -5.43 10.84
N GLY E 66 2.47 -6.51 10.80
CA GLY E 66 1.53 -6.78 9.71
C GLY E 66 0.48 -5.68 9.53
N LEU E 67 -0.23 -5.67 8.39
CA LEU E 67 -1.24 -4.63 8.13
C LEU E 67 -2.43 -4.79 9.05
N SER E 68 -3.02 -3.67 9.49
CA SER E 68 -4.24 -3.68 10.34
C SER E 68 -5.44 -4.31 9.64
N GLY E 69 -5.52 -4.13 8.32
CA GLY E 69 -6.66 -4.58 7.54
C GLY E 69 -7.61 -3.42 7.24
N GLU E 70 -7.33 -2.20 7.82
CA GLU E 70 -8.06 -0.97 7.54
C GLU E 70 -7.73 -0.59 6.08
N MSE E 71 -8.77 -0.20 5.32
CA MSE E 71 -8.71 0.07 3.89
C MSE E 71 -7.74 1.22 3.48
O MSE E 71 -7.02 1.02 2.50
CB MSE E 71 -10.10 0.42 3.37
CG MSE E 71 -10.13 0.76 1.86
SE MSE E 71 -9.52 -0.68 0.69
CE MSE E 71 -11.08 -1.72 0.59
N SER E 72 -7.72 2.39 4.17
CA SER E 72 -6.85 3.50 3.75
C SER E 72 -5.38 3.12 3.93
N ASP E 73 -5.08 2.32 4.97
CA ASP E 73 -3.76 1.79 5.27
C ASP E 73 -3.32 0.84 4.15
N PHE E 74 -4.26 0.01 3.65
CA PHE E 74 -4.00 -0.96 2.59
C PHE E 74 -3.70 -0.22 1.27
N GLU E 75 -4.51 0.82 0.97
CA GLU E 75 -4.29 1.62 -0.24
C GLU E 75 -2.93 2.30 -0.19
N HIS E 76 -2.54 2.79 1.00
CA HIS E 76 -1.23 3.39 1.19
C HIS E 76 -0.13 2.38 0.87
N GLN E 77 -0.30 1.12 1.32
CA GLN E 77 0.65 0.04 1.05
C GLN E 77 0.82 -0.19 -0.46
N VAL E 78 -0.29 -0.35 -1.20
CA VAL E 78 -0.26 -0.67 -2.63
C VAL E 78 0.35 0.51 -3.42
N ASN E 79 -0.06 1.74 -3.10
CA ASN E 79 0.46 2.94 -3.76
C ASN E 79 1.95 3.15 -3.44
N TRP E 80 2.40 2.84 -2.18
CA TRP E 80 3.80 2.95 -1.78
C TRP E 80 4.63 1.94 -2.57
N GLU E 81 4.10 0.73 -2.75
CA GLU E 81 4.76 -0.35 -3.50
C GLU E 81 4.93 0.05 -4.98
N LEU E 82 3.85 0.47 -5.65
CA LEU E 82 3.89 0.81 -7.06
C LEU E 82 4.77 2.03 -7.31
N GLU E 83 4.71 3.03 -6.43
CA GLU E 83 5.48 4.28 -6.56
C GLU E 83 7.01 4.03 -6.43
N HIS E 84 7.42 3.16 -5.51
CA HIS E 84 8.83 2.85 -5.25
C HIS E 84 9.34 1.76 -6.22
N LEU E 85 8.43 0.94 -6.80
CA LEU E 85 8.82 0.00 -7.86
C LEU E 85 9.24 0.83 -9.08
N GLU E 86 8.49 1.90 -9.36
CA GLU E 86 8.74 2.87 -10.41
C GLU E 86 10.05 3.68 -10.14
N LYS E 87 10.27 4.19 -8.90
CA LYS E 87 11.44 5.00 -8.50
C LYS E 87 12.78 4.19 -8.45
N ALA E 88 12.71 2.89 -8.20
CA ALA E 88 13.90 2.03 -8.07
C ALA E 88 14.76 2.00 -9.35
N ASP E 89 16.07 1.92 -9.15
CA ASP E 89 17.07 1.71 -10.18
C ASP E 89 17.15 0.23 -10.53
N LEU E 90 16.85 -0.60 -9.53
CA LEU E 90 16.86 -2.04 -9.60
C LEU E 90 15.76 -2.65 -8.73
N ILE E 91 15.13 -3.72 -9.24
CA ILE E 91 14.14 -4.48 -8.49
C ILE E 91 14.70 -5.89 -8.24
N ILE E 92 14.94 -6.23 -6.97
CA ILE E 92 15.35 -7.56 -6.54
C ILE E 92 14.08 -8.28 -6.18
N MSE E 93 13.69 -9.29 -6.99
CA MSE E 93 12.44 -9.98 -6.73
C MSE E 93 12.72 -11.41 -6.28
O MSE E 93 13.18 -12.22 -7.08
CB MSE E 93 11.54 -9.94 -7.97
CG MSE E 93 10.24 -10.69 -7.77
SE MSE E 93 9.03 -10.34 -9.26
CE MSE E 93 8.54 -8.47 -8.92
N ASN E 94 12.45 -11.71 -5.00
CA ASN E 94 12.75 -13.02 -4.41
C ASN E 94 11.46 -13.73 -4.07
N ILE E 95 11.32 -14.94 -4.62
CA ILE E 95 10.11 -15.76 -4.48
C ILE E 95 10.48 -17.06 -3.87
N LEU E 96 9.92 -17.33 -2.68
CA LEU E 96 10.18 -18.55 -1.90
C LEU E 96 9.28 -19.68 -2.35
N ALA E 97 9.80 -20.92 -2.34
CA ALA E 97 9.10 -22.13 -2.79
C ALA E 97 7.76 -22.33 -2.08
N SER E 98 7.67 -22.00 -0.79
CA SER E 98 6.46 -22.19 0.03
C SER E 98 5.36 -21.15 -0.26
N SER E 99 5.71 -20.01 -0.89
CA SER E 99 4.75 -18.93 -1.13
C SER E 99 3.84 -19.14 -2.33
N LYS E 100 2.72 -18.43 -2.30
CA LYS E 100 1.78 -18.38 -3.41
C LYS E 100 2.07 -17.09 -4.21
N SER E 101 2.59 -16.04 -3.52
CA SER E 101 3.06 -14.73 -4.07
C SER E 101 2.19 -14.19 -5.28
N PRO E 102 0.86 -14.01 -5.16
CA PRO E 102 0.07 -13.58 -6.35
C PRO E 102 0.35 -12.13 -6.81
N ILE E 103 0.65 -11.21 -5.87
CA ILE E 103 0.88 -9.82 -6.20
C ILE E 103 2.32 -9.66 -6.69
N THR E 104 3.22 -10.55 -6.25
CA THR E 104 4.59 -10.57 -6.76
C THR E 104 4.56 -10.81 -8.28
N LEU E 105 3.70 -11.76 -8.73
CA LEU E 105 3.57 -12.10 -10.14
C LEU E 105 2.96 -10.95 -10.93
N LEU E 106 2.03 -10.17 -10.31
CA LEU E 106 1.45 -8.96 -10.93
C LEU E 106 2.57 -7.92 -11.16
N GLU E 107 3.40 -7.69 -10.14
CA GLU E 107 4.53 -6.75 -10.16
C GLU E 107 5.60 -7.22 -11.17
N MSE E 108 5.79 -8.54 -11.30
CA MSE E 108 6.72 -9.10 -12.26
C MSE E 108 6.29 -8.74 -13.68
O MSE E 108 7.14 -8.28 -14.46
CB MSE E 108 6.82 -10.62 -12.10
CG MSE E 108 8.00 -11.20 -12.86
SE MSE E 108 7.92 -13.13 -12.93
CE MSE E 108 8.21 -13.52 -11.03
N GLY E 109 5.00 -8.92 -13.97
CA GLY E 109 4.42 -8.59 -15.27
C GLY E 109 4.59 -7.11 -15.57
N LEU E 110 4.30 -6.27 -14.57
CA LEU E 110 4.41 -4.81 -14.68
C LEU E 110 5.81 -4.33 -15.02
N PHE E 111 6.88 -4.96 -14.48
CA PHE E 111 8.22 -4.47 -14.68
C PHE E 111 9.07 -5.45 -15.51
N MSE E 112 8.43 -6.45 -16.11
CA MSE E 112 9.07 -7.42 -16.99
C MSE E 112 9.93 -6.75 -18.09
O MSE E 112 11.05 -7.20 -18.35
CB MSE E 112 7.98 -8.28 -17.64
CG MSE E 112 8.52 -9.51 -18.37
SE MSE E 112 9.12 -10.92 -17.15
CE MSE E 112 7.43 -11.36 -16.31
N ARG E 113 9.40 -5.69 -18.74
CA ARG E 113 10.09 -5.05 -19.87
C ARG E 113 10.90 -3.81 -19.49
N SER E 114 10.99 -3.48 -18.18
CA SER E 114 11.71 -2.30 -17.67
C SER E 114 13.22 -2.40 -17.83
N GLY E 115 13.76 -3.63 -17.82
CA GLY E 115 15.19 -3.88 -17.89
C GLY E 115 15.88 -3.79 -16.52
N LYS E 116 15.12 -3.40 -15.45
CA LYS E 116 15.71 -3.25 -14.09
C LYS E 116 15.25 -4.38 -13.13
N LEU E 117 14.52 -5.38 -13.64
CA LEU E 117 14.02 -6.49 -12.86
C LEU E 117 15.00 -7.66 -12.86
N ARG E 118 15.25 -8.21 -11.65
CA ARG E 118 16.06 -9.38 -11.41
C ARG E 118 15.20 -10.34 -10.64
N VAL E 119 14.95 -11.55 -11.19
CA VAL E 119 14.05 -12.49 -10.52
C VAL E 119 14.87 -13.62 -9.92
N ILE E 120 14.58 -13.91 -8.65
CA ILE E 120 15.12 -15.05 -7.88
C ILE E 120 13.92 -15.90 -7.52
N CYS E 121 13.80 -17.06 -8.15
CA CYS E 121 12.65 -17.89 -7.91
C CYS E 121 13.11 -19.28 -7.54
N GLU E 122 12.79 -19.66 -6.31
CA GLU E 122 13.21 -20.91 -5.72
C GLU E 122 12.49 -22.08 -6.40
N PRO E 123 13.24 -23.10 -6.91
CA PRO E 123 12.58 -24.28 -7.46
C PRO E 123 11.70 -24.91 -6.38
N GLY E 124 10.51 -25.30 -6.78
CA GLY E 124 9.56 -25.82 -5.83
C GLY E 124 8.38 -24.89 -5.75
N PHE E 125 8.56 -23.63 -6.20
CA PHE E 125 7.49 -22.62 -6.28
C PHE E 125 6.44 -23.18 -7.22
N TYR E 126 5.16 -23.19 -6.80
CA TYR E 126 4.03 -23.85 -7.50
C TYR E 126 3.83 -23.30 -8.97
N ARG E 127 4.35 -22.11 -9.32
CA ARG E 127 4.22 -21.60 -10.69
C ARG E 127 5.61 -21.25 -11.28
N TYR E 128 6.60 -22.01 -10.89
CA TYR E 128 7.98 -21.86 -11.32
C TYR E 128 8.13 -21.89 -12.84
N ASP E 129 7.51 -22.84 -13.54
CA ASP E 129 7.67 -22.99 -14.97
C ASP E 129 7.10 -21.80 -15.73
N ASN E 130 6.03 -21.19 -15.22
CA ASN E 130 5.49 -19.95 -15.79
C ASN E 130 6.52 -18.82 -15.66
N VAL E 131 7.14 -18.69 -14.48
CA VAL E 131 8.12 -17.65 -14.20
C VAL E 131 9.32 -17.87 -15.15
N ARG E 132 9.84 -19.10 -15.22
CA ARG E 132 10.95 -19.49 -16.08
C ARG E 132 10.66 -19.18 -17.54
N LEU E 133 9.48 -19.56 -18.04
CA LEU E 133 9.13 -19.37 -19.44
C LEU E 133 8.93 -17.90 -19.81
N THR E 134 8.30 -17.11 -18.93
CA THR E 134 7.98 -15.69 -19.20
C THR E 134 9.28 -14.86 -19.15
N CYS E 135 10.15 -15.07 -18.15
CA CYS E 135 11.44 -14.39 -18.06
C CYS E 135 12.29 -14.70 -19.27
N ALA E 136 12.30 -15.97 -19.73
CA ALA E 136 13.08 -16.38 -20.89
C ALA E 136 12.61 -15.63 -22.12
N ARG E 137 11.28 -15.54 -22.32
CA ARG E 137 10.69 -14.86 -23.47
C ARG E 137 11.07 -13.37 -23.50
N TYR E 138 11.09 -12.70 -22.34
CA TYR E 138 11.32 -11.26 -22.32
C TYR E 138 12.73 -10.89 -21.84
N GLY E 139 13.61 -11.85 -21.77
CA GLY E 139 15.01 -11.62 -21.43
C GLY E 139 15.29 -11.07 -20.04
N VAL E 140 14.55 -11.55 -19.04
CA VAL E 140 14.74 -11.13 -17.67
C VAL E 140 15.67 -12.13 -16.98
N PRO E 141 16.75 -11.66 -16.32
CA PRO E 141 17.63 -12.60 -15.59
C PRO E 141 16.87 -13.32 -14.47
N LEU E 142 17.01 -14.65 -14.43
CA LEU E 142 16.34 -15.53 -13.49
C LEU E 142 17.38 -16.39 -12.77
N TYR E 143 17.35 -16.33 -11.43
CA TYR E 143 18.26 -17.07 -10.56
C TYR E 143 17.45 -18.01 -9.65
N GLN E 144 18.10 -19.02 -9.08
CA GLN E 144 17.43 -20.00 -8.23
C GLN E 144 17.63 -19.72 -6.75
N ASN E 145 18.62 -18.89 -6.41
CA ASN E 145 18.88 -18.53 -5.02
C ASN E 145 19.55 -17.17 -4.98
N MSE E 146 19.41 -16.50 -3.82
CA MSE E 146 19.94 -15.16 -3.56
C MSE E 146 21.47 -15.15 -3.63
O MSE E 146 22.01 -14.18 -4.13
CB MSE E 146 19.46 -14.63 -2.20
CG MSE E 146 18.01 -14.12 -2.25
SE MSE E 146 17.71 -12.55 -3.45
CE MSE E 146 18.69 -11.19 -2.41
N ASP E 147 22.15 -16.23 -3.17
CA ASP E 147 23.62 -16.31 -3.20
C ASP E 147 24.14 -16.13 -4.62
N ASP E 148 23.62 -16.90 -5.58
CA ASP E 148 24.01 -16.80 -6.99
C ASP E 148 23.75 -15.41 -7.55
N PHE E 149 22.58 -14.81 -7.24
CA PHE E 149 22.27 -13.47 -7.75
C PHE E 149 23.19 -12.40 -7.15
N LEU E 150 23.31 -12.36 -5.81
CA LEU E 150 24.11 -11.37 -5.09
C LEU E 150 25.59 -11.47 -5.49
N LYS E 151 26.04 -12.67 -5.97
CA LYS E 151 27.42 -12.78 -6.46
C LYS E 151 27.62 -11.87 -7.66
N THR E 152 26.62 -11.80 -8.57
CA THR E 152 26.67 -10.99 -9.82
C THR E 152 26.70 -9.48 -9.53
N MSE E 153 26.38 -9.08 -8.29
CA MSE E 153 26.30 -7.71 -7.77
C MSE E 153 27.68 -7.09 -7.58
O MSE E 153 28.31 -7.30 -6.53
CB MSE E 153 25.53 -7.75 -6.45
CG MSE E 153 24.72 -6.54 -6.14
SE MSE E 153 23.07 -6.40 -7.19
CE MSE E 153 22.51 -4.69 -6.46
N ALA F 2 -26.16 -10.24 -42.08
CA ALA F 2 -27.09 -10.92 -41.17
C ALA F 2 -26.35 -11.38 -39.90
N GLN F 3 -25.27 -12.14 -40.08
CA GLN F 3 -24.53 -12.67 -38.95
C GLN F 3 -23.07 -12.32 -39.03
N SER F 4 -22.41 -12.31 -37.87
CA SER F 4 -20.98 -12.13 -37.74
C SER F 4 -20.24 -13.40 -38.12
N GLU F 5 -18.95 -13.27 -38.44
CA GLU F 5 -18.06 -14.40 -38.65
C GLU F 5 -17.19 -14.55 -37.42
N VAL F 6 -17.23 -15.73 -36.79
CA VAL F 6 -16.47 -16.03 -35.59
C VAL F 6 -15.65 -17.29 -35.81
N VAL F 7 -14.33 -17.17 -35.64
CA VAL F 7 -13.38 -18.27 -35.68
C VAL F 7 -12.75 -18.36 -34.29
N VAL F 8 -12.75 -19.56 -33.68
CA VAL F 8 -12.17 -19.74 -32.36
C VAL F 8 -10.92 -20.63 -32.50
N LEU F 9 -9.79 -20.13 -31.98
CA LEU F 9 -8.53 -20.84 -31.99
C LEU F 9 -8.21 -21.27 -30.56
N TYR F 10 -7.88 -22.55 -30.38
CA TYR F 10 -7.51 -23.16 -29.10
C TYR F 10 -6.03 -23.58 -29.10
N PRO F 11 -5.40 -23.82 -27.90
CA PRO F 11 -3.99 -24.25 -27.91
C PRO F 11 -3.77 -25.59 -28.65
N ASP F 12 -4.79 -26.48 -28.69
CA ASP F 12 -4.71 -27.80 -29.32
C ASP F 12 -5.46 -27.84 -30.71
N THR F 13 -5.64 -26.69 -31.37
CA THR F 13 -6.34 -26.59 -32.67
C THR F 13 -5.48 -25.75 -33.62
N GLU F 14 -5.68 -25.97 -34.93
CA GLU F 14 -5.07 -25.29 -36.08
C GLU F 14 -6.13 -24.74 -37.02
N ASN F 15 -5.96 -23.51 -37.52
CA ASN F 15 -6.91 -22.91 -38.46
C ASN F 15 -6.18 -22.65 -39.77
N LYS F 16 -5.91 -23.75 -40.48
CA LYS F 16 -5.20 -23.78 -41.77
C LYS F 16 -5.83 -22.80 -42.78
N ASP F 17 -4.96 -22.15 -43.60
CA ASP F 17 -5.27 -21.19 -44.66
C ASP F 17 -6.13 -19.98 -44.14
N LEU F 18 -5.69 -19.32 -43.02
CA LEU F 18 -6.46 -18.19 -42.48
C LEU F 18 -5.59 -16.92 -42.29
N ASP F 19 -5.99 -15.81 -42.93
CA ASP F 19 -5.32 -14.51 -42.81
C ASP F 19 -5.82 -13.82 -41.53
N GLU F 20 -4.98 -13.82 -40.47
CA GLU F 20 -5.31 -13.24 -39.16
C GLU F 20 -5.48 -11.71 -39.22
N ALA F 21 -4.94 -11.06 -40.26
CA ALA F 21 -4.97 -9.61 -40.42
C ALA F 21 -6.38 -9.04 -40.69
N VAL F 22 -7.31 -9.84 -41.28
CA VAL F 22 -8.65 -9.32 -41.64
C VAL F 22 -9.67 -9.53 -40.47
N TYR F 23 -9.20 -10.11 -39.34
CA TYR F 23 -10.03 -10.37 -38.17
C TYR F 23 -9.67 -9.51 -36.98
N GLN F 24 -10.68 -9.21 -36.15
CA GLN F 24 -10.50 -8.56 -34.86
C GLN F 24 -10.08 -9.66 -33.92
N LYS F 25 -8.80 -9.67 -33.54
CA LYS F 25 -8.23 -10.73 -32.72
C LYS F 25 -8.44 -10.40 -31.23
N ILE F 26 -9.18 -11.28 -30.53
CA ILE F 26 -9.51 -11.10 -29.12
C ILE F 26 -9.02 -12.28 -28.33
N PHE F 27 -8.23 -12.03 -27.28
CA PHE F 27 -7.77 -13.07 -26.40
C PHE F 27 -8.68 -13.14 -25.17
N LEU F 28 -9.17 -14.35 -24.85
CA LEU F 28 -10.04 -14.55 -23.69
C LEU F 28 -9.19 -14.95 -22.48
N ALA F 29 -8.68 -13.97 -21.73
CA ALA F 29 -7.83 -14.20 -20.55
C ALA F 29 -8.65 -14.30 -19.29
N GLY F 30 -8.10 -14.97 -18.28
CA GLY F 30 -8.78 -15.09 -17.01
C GLY F 30 -9.01 -16.51 -16.54
N THR F 31 -9.90 -16.65 -15.57
CA THR F 31 -10.21 -17.88 -14.86
C THR F 31 -10.54 -19.07 -15.80
N ILE F 32 -9.75 -20.15 -15.67
CA ILE F 32 -9.98 -21.43 -16.33
C ILE F 32 -10.50 -22.39 -15.25
N ASP F 33 -11.82 -22.66 -15.30
CA ASP F 33 -12.53 -23.58 -14.42
C ASP F 33 -12.97 -24.76 -15.27
N MSE F 34 -12.44 -25.97 -14.96
CA MSE F 34 -12.74 -27.13 -15.78
C MSE F 34 -14.02 -27.87 -15.32
O MSE F 34 -14.10 -29.10 -15.38
CB MSE F 34 -11.53 -28.08 -15.83
CG MSE F 34 -10.33 -27.49 -16.63
SE MSE F 34 -10.66 -26.94 -18.56
CE MSE F 34 -11.96 -28.32 -19.20
N GLY F 35 -15.05 -27.07 -15.06
CA GLY F 35 -16.40 -27.49 -14.75
C GLY F 35 -17.35 -27.00 -15.83
N LYS F 36 -18.41 -27.80 -16.12
CA LYS F 36 -19.42 -27.52 -17.16
C LYS F 36 -20.17 -26.19 -16.93
N SER F 37 -20.43 -25.84 -15.66
CA SER F 37 -21.16 -24.63 -15.30
C SER F 37 -20.37 -23.33 -15.67
N VAL F 38 -19.13 -23.11 -15.13
CA VAL F 38 -18.35 -21.85 -15.30
C VAL F 38 -17.39 -21.82 -16.55
N ASP F 39 -17.96 -22.07 -17.76
CA ASP F 39 -17.26 -21.94 -19.03
C ASP F 39 -17.69 -20.59 -19.66
N TRP F 40 -17.24 -19.49 -19.05
CA TRP F 40 -17.56 -18.14 -19.48
C TRP F 40 -16.98 -17.89 -20.89
N GLN F 41 -15.89 -18.58 -21.23
CA GLN F 41 -15.23 -18.49 -22.54
C GLN F 41 -16.17 -18.94 -23.67
N LYS F 42 -16.93 -20.05 -23.50
CA LYS F 42 -17.86 -20.53 -24.52
C LYS F 42 -19.02 -19.54 -24.67
N ALA F 43 -19.57 -19.05 -23.53
CA ALA F 43 -20.65 -18.06 -23.50
C ALA F 43 -20.23 -16.76 -24.19
N THR F 44 -18.94 -16.37 -24.07
CA THR F 44 -18.38 -15.15 -24.68
C THR F 44 -18.30 -15.38 -26.19
N CYS F 45 -17.81 -16.57 -26.62
CA CYS F 45 -17.73 -16.96 -28.02
C CYS F 45 -19.13 -16.94 -28.64
N ASP F 46 -20.14 -17.50 -27.93
CA ASP F 46 -21.54 -17.50 -28.38
C ASP F 46 -22.09 -16.09 -28.51
N TRP F 47 -21.67 -15.16 -27.61
CA TRP F 47 -22.10 -13.76 -27.63
C TRP F 47 -21.64 -13.11 -28.95
N PHE F 48 -20.38 -13.34 -29.34
CA PHE F 48 -19.80 -12.81 -30.59
C PHE F 48 -20.47 -13.44 -31.80
N ARG F 49 -20.85 -14.73 -31.72
CA ARG F 49 -21.54 -15.44 -32.79
C ARG F 49 -22.94 -14.85 -33.05
N ALA F 50 -23.56 -14.26 -32.00
CA ALA F 50 -24.93 -13.68 -32.03
C ALA F 50 -24.92 -12.22 -32.55
N LEU F 51 -23.73 -11.61 -32.77
CA LEU F 51 -23.61 -10.25 -33.30
C LEU F 51 -24.06 -10.20 -34.78
N PRO F 52 -24.62 -9.08 -35.25
CA PRO F 52 -25.10 -9.05 -36.65
C PRO F 52 -24.01 -8.79 -37.69
N GLU F 53 -22.83 -8.29 -37.28
CA GLU F 53 -21.72 -7.96 -38.18
C GLU F 53 -20.34 -8.19 -37.50
N GLY F 54 -19.29 -8.23 -38.34
CA GLY F 54 -17.91 -8.34 -37.89
C GLY F 54 -17.24 -9.67 -38.13
N ARG F 55 -15.89 -9.63 -38.17
CA ARG F 55 -15.04 -10.82 -38.34
C ARG F 55 -14.15 -10.92 -37.10
N TYR F 56 -14.41 -11.96 -36.29
CA TYR F 56 -13.72 -12.13 -35.03
C TYR F 56 -12.92 -13.42 -34.98
N LEU F 57 -11.68 -13.29 -34.55
CA LEU F 57 -10.80 -14.39 -34.31
C LEU F 57 -10.56 -14.42 -32.80
N LEU F 58 -11.16 -15.39 -32.13
CA LEU F 58 -11.07 -15.47 -30.68
C LEU F 58 -10.03 -16.50 -30.27
N PHE F 59 -9.06 -16.06 -29.45
CA PHE F 59 -8.04 -16.94 -28.90
C PHE F 59 -8.52 -17.42 -27.56
N ASN F 60 -8.97 -18.68 -27.50
CA ASN F 60 -9.49 -19.27 -26.27
C ASN F 60 -8.46 -20.24 -25.69
N PRO F 61 -7.80 -19.88 -24.55
CA PRO F 61 -6.76 -20.75 -23.98
C PRO F 61 -7.33 -21.97 -23.23
N ARG F 62 -8.68 -21.99 -23.05
CA ARG F 62 -9.37 -23.07 -22.36
C ARG F 62 -9.65 -24.24 -23.32
N ARG F 63 -8.92 -25.33 -23.12
CA ARG F 63 -9.12 -26.56 -23.89
C ARG F 63 -10.36 -27.29 -23.38
N ASP F 64 -10.95 -28.16 -24.22
CA ASP F 64 -12.13 -28.93 -23.79
C ASP F 64 -11.74 -29.92 -22.68
N LYS F 65 -10.55 -30.54 -22.79
CA LYS F 65 -9.99 -31.43 -21.78
C LYS F 65 -8.88 -30.71 -21.03
N GLY F 66 -8.84 -30.87 -19.71
CA GLY F 66 -7.81 -30.26 -18.87
C GLY F 66 -6.39 -30.68 -19.21
N LEU F 67 -5.37 -29.99 -18.66
CA LEU F 67 -3.97 -30.34 -18.96
C LEU F 67 -3.59 -31.63 -18.28
N SER F 68 -2.83 -32.49 -19.00
CA SER F 68 -2.36 -33.79 -18.52
C SER F 68 -1.39 -33.66 -17.36
N GLY F 69 -0.62 -32.60 -17.33
CA GLY F 69 0.44 -32.41 -16.36
C GLY F 69 1.80 -32.77 -16.95
N GLU F 70 1.81 -33.25 -18.23
CA GLU F 70 3.03 -33.52 -18.99
C GLU F 70 3.64 -32.14 -19.32
N MSE F 71 4.94 -32.02 -19.15
CA MSE F 71 5.64 -30.76 -19.12
C MSE F 71 5.97 -30.15 -20.51
O MSE F 71 6.03 -28.93 -20.53
CB MSE F 71 6.92 -30.93 -18.30
CG MSE F 71 6.58 -31.04 -16.77
SE MSE F 71 5.39 -29.55 -16.08
CE MSE F 71 4.13 -30.47 -15.10
N SER F 72 6.03 -30.89 -21.62
CA SER F 72 6.20 -30.24 -22.93
C SER F 72 4.85 -29.70 -23.39
N ASP F 73 3.74 -30.31 -22.92
CA ASP F 73 2.37 -29.84 -23.17
C ASP F 73 2.12 -28.50 -22.46
N PHE F 74 2.57 -28.44 -21.19
CA PHE F 74 2.47 -27.28 -20.33
C PHE F 74 3.23 -26.10 -20.96
N GLU F 75 4.47 -26.33 -21.44
CA GLU F 75 5.25 -25.27 -22.10
C GLU F 75 4.53 -24.77 -23.33
N HIS F 76 3.92 -25.69 -24.10
CA HIS F 76 3.15 -25.32 -25.27
C HIS F 76 1.98 -24.42 -24.87
N GLN F 77 1.31 -24.73 -23.75
CA GLN F 77 0.20 -23.94 -23.24
C GLN F 77 0.66 -22.51 -22.91
N VAL F 78 1.76 -22.34 -22.14
CA VAL F 78 2.25 -21.03 -21.69
C VAL F 78 2.72 -20.21 -22.91
N ASN F 79 3.47 -20.84 -23.83
CA ASN F 79 3.96 -20.17 -25.03
C ASN F 79 2.81 -19.78 -25.96
N TRP F 80 1.76 -20.62 -26.06
CA TRP F 80 0.58 -20.32 -26.87
C TRP F 80 -0.13 -19.10 -26.29
N GLU F 81 -0.28 -19.07 -24.95
CA GLU F 81 -0.91 -17.98 -24.22
C GLU F 81 -0.16 -16.66 -24.46
N LEU F 82 1.15 -16.62 -24.23
CA LEU F 82 1.95 -15.39 -24.38
C LEU F 82 1.98 -14.89 -25.82
N GLU F 83 2.13 -15.78 -26.78
CA GLU F 83 2.17 -15.43 -28.19
C GLU F 83 0.85 -14.80 -28.67
N HIS F 84 -0.29 -15.35 -28.21
CA HIS F 84 -1.62 -14.91 -28.66
C HIS F 84 -2.09 -13.74 -27.81
N LEU F 85 -1.52 -13.52 -26.62
CA LEU F 85 -1.78 -12.30 -25.83
C LEU F 85 -1.12 -11.11 -26.56
N GLU F 86 0.07 -11.34 -27.13
CA GLU F 86 0.82 -10.37 -27.92
C GLU F 86 0.12 -10.08 -29.25
N LYS F 87 -0.35 -11.13 -30.00
CA LYS F 87 -1.02 -11.00 -31.30
C LYS F 87 -2.41 -10.31 -31.23
N ALA F 88 -3.11 -10.43 -30.09
CA ALA F 88 -4.48 -9.92 -29.90
C ALA F 88 -4.57 -8.39 -30.06
N ASP F 89 -5.68 -7.95 -30.64
CA ASP F 89 -6.04 -6.54 -30.77
C ASP F 89 -6.68 -6.07 -29.46
N LEU F 90 -7.32 -7.02 -28.74
CA LEU F 90 -8.02 -6.79 -27.50
C LEU F 90 -7.88 -8.01 -26.58
N ILE F 91 -7.70 -7.75 -25.28
CA ILE F 91 -7.65 -8.80 -24.26
C ILE F 91 -8.85 -8.60 -23.34
N ILE F 92 -9.78 -9.57 -23.35
CA ILE F 92 -10.91 -9.61 -22.42
C ILE F 92 -10.44 -10.44 -21.26
N MSE F 93 -10.25 -9.81 -20.09
CA MSE F 93 -9.74 -10.55 -18.93
C MSE F 93 -10.83 -10.67 -17.89
O MSE F 93 -11.20 -9.69 -17.25
CB MSE F 93 -8.49 -9.89 -18.37
CG MSE F 93 -7.96 -10.62 -17.17
SE MSE F 93 -6.24 -9.96 -16.65
CE MSE F 93 -5.09 -10.64 -18.11
N ASN F 94 -11.37 -11.89 -17.70
CA ASN F 94 -12.46 -12.14 -16.78
C ASN F 94 -11.98 -12.96 -15.60
N ILE F 95 -12.07 -12.38 -14.39
CA ILE F 95 -11.63 -12.98 -13.12
C ILE F 95 -12.84 -13.24 -12.22
N LEU F 96 -13.10 -14.52 -11.93
CA LEU F 96 -14.21 -14.95 -11.08
C LEU F 96 -13.79 -14.87 -9.61
N ALA F 97 -14.75 -14.57 -8.73
CA ALA F 97 -14.54 -14.40 -7.28
C ALA F 97 -13.92 -15.64 -6.62
N SER F 98 -14.26 -16.85 -7.08
CA SER F 98 -13.82 -18.12 -6.51
C SER F 98 -12.36 -18.47 -6.89
N SER F 99 -11.82 -17.87 -7.96
CA SER F 99 -10.50 -18.18 -8.47
C SER F 99 -9.36 -17.54 -7.68
N LYS F 100 -8.19 -18.16 -7.81
CA LYS F 100 -6.96 -17.63 -7.25
C LYS F 100 -6.22 -16.92 -8.39
N SER F 101 -6.43 -17.37 -9.65
CA SER F 101 -5.92 -16.78 -10.91
C SER F 101 -4.45 -16.19 -10.77
N PRO F 102 -3.41 -16.91 -10.31
CA PRO F 102 -2.08 -16.26 -10.16
C PRO F 102 -1.40 -15.87 -11.48
N ILE F 103 -1.64 -16.64 -12.57
CA ILE F 103 -1.03 -16.40 -13.86
C ILE F 103 -1.85 -15.33 -14.58
N THR F 104 -3.13 -15.19 -14.27
CA THR F 104 -3.97 -14.12 -14.80
C THR F 104 -3.38 -12.76 -14.34
N LEU F 105 -2.95 -12.68 -13.08
CA LEU F 105 -2.37 -11.46 -12.50
C LEU F 105 -1.00 -11.16 -13.14
N LEU F 106 -0.21 -12.19 -13.51
CA LEU F 106 1.05 -12.03 -14.24
C LEU F 106 0.76 -11.41 -15.63
N GLU F 107 -0.23 -11.97 -16.35
CA GLU F 107 -0.68 -11.52 -17.66
C GLU F 107 -1.25 -10.12 -17.58
N MSE F 108 -1.96 -9.81 -16.49
CA MSE F 108 -2.51 -8.46 -16.29
C MSE F 108 -1.38 -7.41 -16.19
O MSE F 108 -1.44 -6.39 -16.86
CB MSE F 108 -3.39 -8.42 -15.04
CG MSE F 108 -4.20 -7.15 -14.95
SE MSE F 108 -5.00 -6.94 -13.18
CE MSE F 108 -6.20 -8.37 -13.24
N GLY F 109 -0.33 -7.73 -15.41
CA GLY F 109 0.83 -6.86 -15.29
C GLY F 109 1.53 -6.67 -16.63
N LEU F 110 1.69 -7.76 -17.38
CA LEU F 110 2.33 -7.76 -18.70
C LEU F 110 1.64 -6.87 -19.70
N PHE F 111 0.29 -6.79 -19.68
CA PHE F 111 -0.43 -6.04 -20.68
C PHE F 111 -1.18 -4.83 -20.08
N MSE F 112 -0.88 -4.50 -18.81
CA MSE F 112 -1.44 -3.36 -18.10
C MSE F 112 -1.29 -2.04 -18.91
O MSE F 112 -2.23 -1.27 -18.95
CB MSE F 112 -0.70 -3.20 -16.76
CG MSE F 112 -1.33 -2.20 -15.80
SE MSE F 112 -3.00 -2.86 -15.00
CE MSE F 112 -2.30 -4.33 -13.98
N ARG F 113 -0.11 -1.79 -19.50
CA ARG F 113 0.14 -0.52 -20.18
C ARG F 113 -0.10 -0.58 -21.70
N SER F 114 -0.52 -1.75 -22.25
CA SER F 114 -0.71 -1.97 -23.69
C SER F 114 -1.85 -1.13 -24.30
N GLY F 115 -2.85 -0.78 -23.50
CA GLY F 115 -4.04 -0.07 -23.96
C GLY F 115 -5.10 -0.99 -24.55
N LYS F 116 -4.80 -2.31 -24.68
CA LYS F 116 -5.75 -3.27 -25.26
C LYS F 116 -6.37 -4.22 -24.20
N LEU F 117 -6.06 -3.99 -22.91
CA LEU F 117 -6.57 -4.82 -21.82
C LEU F 117 -7.87 -4.23 -21.25
N ARG F 118 -8.85 -5.10 -21.05
CA ARG F 118 -10.14 -4.81 -20.40
C ARG F 118 -10.30 -5.78 -19.27
N VAL F 119 -10.37 -5.29 -18.02
CA VAL F 119 -10.42 -6.21 -16.87
C VAL F 119 -11.85 -6.26 -16.31
N ILE F 120 -12.34 -7.47 -16.12
CA ILE F 120 -13.63 -7.80 -15.51
C ILE F 120 -13.28 -8.57 -14.26
N CYS F 121 -13.46 -7.97 -13.09
CA CYS F 121 -13.07 -8.62 -11.85
C CYS F 121 -14.24 -8.61 -10.91
N GLU F 122 -14.73 -9.81 -10.63
CA GLU F 122 -15.88 -10.03 -9.77
C GLU F 122 -15.56 -9.66 -8.30
N PRO F 123 -16.38 -8.79 -7.69
CA PRO F 123 -16.18 -8.47 -6.26
C PRO F 123 -16.24 -9.78 -5.44
N GLY F 124 -15.33 -9.90 -4.49
CA GLY F 124 -15.22 -11.14 -3.74
C GLY F 124 -13.94 -11.87 -4.09
N PHE F 125 -13.30 -11.49 -5.24
CA PHE F 125 -12.01 -12.02 -5.63
C PHE F 125 -11.01 -11.67 -4.53
N TYR F 126 -10.19 -12.64 -4.06
CA TYR F 126 -9.32 -12.51 -2.88
C TYR F 126 -8.25 -11.36 -3.04
N ARG F 127 -7.97 -10.88 -4.25
CA ARG F 127 -7.01 -9.77 -4.44
C ARG F 127 -7.67 -8.65 -5.23
N TYR F 128 -8.97 -8.44 -5.03
CA TYR F 128 -9.77 -7.44 -5.74
C TYR F 128 -9.22 -6.03 -5.57
N ASP F 129 -8.90 -5.62 -4.34
CA ASP F 129 -8.44 -4.24 -4.10
C ASP F 129 -7.11 -3.95 -4.78
N ASN F 130 -6.23 -4.96 -4.90
CA ASN F 130 -4.97 -4.84 -5.65
C ASN F 130 -5.26 -4.61 -7.11
N VAL F 131 -6.21 -5.36 -7.68
CA VAL F 131 -6.62 -5.23 -9.09
C VAL F 131 -7.18 -3.82 -9.29
N ARG F 132 -8.11 -3.41 -8.44
CA ARG F 132 -8.75 -2.08 -8.49
C ARG F 132 -7.75 -0.93 -8.46
N LEU F 133 -6.82 -0.95 -7.49
CA LEU F 133 -5.82 0.08 -7.25
C LEU F 133 -4.76 0.15 -8.36
N THR F 134 -4.35 -1.01 -8.92
CA THR F 134 -3.34 -1.07 -9.99
C THR F 134 -3.97 -0.58 -11.32
N CYS F 135 -5.18 -1.03 -11.63
CA CYS F 135 -5.94 -0.61 -12.82
C CYS F 135 -6.18 0.88 -12.80
N ALA F 136 -6.52 1.44 -11.61
CA ALA F 136 -6.76 2.87 -11.43
C ALA F 136 -5.49 3.66 -11.72
N ARG F 137 -4.34 3.22 -11.18
CA ARG F 137 -3.06 3.88 -11.40
C ARG F 137 -2.65 3.91 -12.88
N TYR F 138 -2.90 2.82 -13.62
CA TYR F 138 -2.43 2.75 -15.00
C TYR F 138 -3.57 2.97 -16.03
N GLY F 139 -4.76 3.34 -15.55
CA GLY F 139 -5.91 3.69 -16.39
C GLY F 139 -6.48 2.56 -17.22
N VAL F 140 -6.62 1.38 -16.61
CA VAL F 140 -7.16 0.20 -17.28
C VAL F 140 -8.63 0.13 -16.98
N PRO F 141 -9.53 0.05 -17.99
CA PRO F 141 -10.97 -0.09 -17.69
C PRO F 141 -11.23 -1.34 -16.85
N LEU F 142 -12.02 -1.19 -15.77
CA LEU F 142 -12.35 -2.24 -14.81
C LEU F 142 -13.85 -2.33 -14.65
N TYR F 143 -14.39 -3.53 -14.88
CA TYR F 143 -15.82 -3.84 -14.79
C TYR F 143 -16.05 -4.91 -13.72
N GLN F 144 -17.30 -5.02 -13.23
CA GLN F 144 -17.63 -6.00 -12.18
C GLN F 144 -18.26 -7.25 -12.73
N ASN F 145 -18.72 -7.20 -13.99
CA ASN F 145 -19.34 -8.36 -14.63
C ASN F 145 -19.23 -8.21 -16.16
N MSE F 146 -19.32 -9.34 -16.86
CA MSE F 146 -19.23 -9.44 -18.31
C MSE F 146 -20.37 -8.73 -19.02
O MSE F 146 -20.12 -8.13 -20.08
CB MSE F 146 -19.20 -10.90 -18.77
CG MSE F 146 -17.82 -11.55 -18.54
SE MSE F 146 -16.35 -10.76 -19.61
CE MSE F 146 -16.94 -11.35 -21.39
N ASP F 147 -21.60 -8.73 -18.44
CA ASP F 147 -22.76 -8.05 -19.04
C ASP F 147 -22.47 -6.55 -19.21
N ASP F 148 -22.00 -5.87 -18.15
CA ASP F 148 -21.64 -4.45 -18.21
C ASP F 148 -20.55 -4.20 -19.23
N PHE F 149 -19.51 -5.05 -19.28
CA PHE F 149 -18.42 -4.85 -20.22
C PHE F 149 -18.88 -5.06 -21.69
N LEU F 150 -19.55 -6.18 -21.98
CA LEU F 150 -19.93 -6.52 -23.36
C LEU F 150 -20.88 -5.46 -23.92
N LYS F 151 -21.72 -4.80 -23.08
CA LYS F 151 -22.61 -3.73 -23.56
C LYS F 151 -21.83 -2.53 -24.11
N THR F 152 -20.58 -2.29 -23.61
CA THR F 152 -19.71 -1.17 -24.04
C THR F 152 -19.18 -1.39 -25.46
N MSE F 153 -19.26 -2.62 -25.98
CA MSE F 153 -18.85 -2.95 -27.33
C MSE F 153 -20.04 -2.85 -28.27
O MSE F 153 -20.34 -1.75 -28.74
CB MSE F 153 -18.25 -4.35 -27.38
CG MSE F 153 -16.93 -4.42 -26.64
SE MSE F 153 -16.18 -6.18 -26.77
CE MSE F 153 -15.60 -6.19 -28.68
N GLY G 1 -7.30 -14.81 34.81
CA GLY G 1 -7.19 -13.60 35.61
C GLY G 1 -8.51 -12.90 35.87
N ALA G 2 -8.49 -11.56 36.01
CA ALA G 2 -9.69 -10.75 36.24
C ALA G 2 -10.55 -10.66 34.99
N GLN G 3 -11.86 -10.41 35.16
CA GLN G 3 -12.83 -10.28 34.06
C GLN G 3 -13.20 -8.85 33.77
N SER G 4 -13.65 -8.59 32.55
CA SER G 4 -14.25 -7.31 32.23
C SER G 4 -15.70 -7.27 32.73
N GLU G 5 -16.26 -6.06 32.92
CA GLU G 5 -17.68 -5.90 33.24
C GLU G 5 -18.41 -5.52 31.95
N VAL G 6 -19.37 -6.35 31.52
CA VAL G 6 -20.13 -6.12 30.31
C VAL G 6 -21.64 -6.13 30.64
N VAL G 7 -22.30 -5.00 30.35
CA VAL G 7 -23.73 -4.79 30.48
C VAL G 7 -24.26 -4.56 29.07
N VAL G 8 -25.29 -5.31 28.68
CA VAL G 8 -25.90 -5.17 27.36
C VAL G 8 -27.31 -4.62 27.52
N LEU G 9 -27.59 -3.50 26.86
CA LEU G 9 -28.90 -2.86 26.86
C LEU G 9 -29.55 -3.09 25.50
N TYR G 10 -30.81 -3.56 25.51
CA TYR G 10 -31.63 -3.85 24.33
C TYR G 10 -32.80 -2.87 24.25
N PRO G 11 -33.46 -2.70 23.09
CA PRO G 11 -34.62 -1.76 23.03
C PRO G 11 -35.76 -2.17 23.97
N ASP G 12 -35.91 -3.49 24.27
CA ASP G 12 -36.97 -4.03 25.13
C ASP G 12 -36.46 -4.42 26.56
N THR G 13 -35.30 -3.88 27.01
CA THR G 13 -34.77 -4.12 28.36
C THR G 13 -34.43 -2.78 29.00
N GLU G 14 -34.34 -2.76 30.34
CA GLU G 14 -33.97 -1.55 31.04
C GLU G 14 -33.11 -1.91 32.23
N ASN G 15 -32.08 -1.12 32.46
CA ASN G 15 -31.14 -1.29 33.55
C ASN G 15 -31.22 -0.03 34.40
N LYS G 16 -32.36 0.12 35.08
CA LYS G 16 -32.64 1.25 35.97
C LYS G 16 -31.53 1.36 37.01
N ASP G 17 -31.25 2.60 37.46
CA ASP G 17 -30.26 2.94 38.50
C ASP G 17 -28.82 2.49 38.06
N LEU G 18 -28.47 2.70 36.78
CA LEU G 18 -27.13 2.43 36.25
C LEU G 18 -26.52 3.75 35.79
N ASP G 19 -25.30 4.05 36.25
CA ASP G 19 -24.58 5.28 35.87
C ASP G 19 -23.83 5.02 34.56
N GLU G 20 -24.40 5.47 33.44
CA GLU G 20 -23.86 5.28 32.09
C GLU G 20 -22.49 5.98 31.90
N ALA G 21 -22.17 6.95 32.74
CA ALA G 21 -20.93 7.74 32.69
C ALA G 21 -19.67 6.91 33.05
N VAL G 22 -19.81 5.83 33.87
CA VAL G 22 -18.63 5.07 34.31
C VAL G 22 -18.33 3.91 33.31
N TYR G 23 -19.14 3.77 32.24
CA TYR G 23 -18.96 2.74 31.22
C TYR G 23 -18.51 3.28 29.86
N GLN G 24 -17.76 2.44 29.13
CA GLN G 24 -17.45 2.68 27.71
C GLN G 24 -18.68 2.26 26.94
N LYS G 25 -19.41 3.21 26.38
CA LYS G 25 -20.67 2.95 25.70
C LYS G 25 -20.42 2.67 24.22
N ILE G 26 -20.80 1.47 23.78
CA ILE G 26 -20.59 1.05 22.39
C ILE G 26 -21.91 0.64 21.77
N PHE G 27 -22.24 1.24 20.61
CA PHE G 27 -23.44 0.90 19.88
C PHE G 27 -23.11 -0.12 18.81
N LEU G 28 -23.84 -1.25 18.78
CA LEU G 28 -23.64 -2.28 17.77
C LEU G 28 -24.60 -2.03 16.56
N ALA G 29 -24.15 -1.22 15.58
CA ALA G 29 -24.92 -0.88 14.39
C ALA G 29 -24.70 -1.87 13.27
N GLY G 30 -25.64 -1.96 12.35
CA GLY G 30 -25.47 -2.85 11.19
C GLY G 30 -26.55 -3.89 11.01
N THR G 31 -26.26 -4.89 10.15
CA THR G 31 -27.18 -5.94 9.71
C THR G 31 -27.85 -6.70 10.85
N ILE G 32 -29.19 -6.71 10.82
CA ILE G 32 -30.01 -7.47 11.76
C ILE G 32 -30.68 -8.56 10.92
N ASP G 33 -30.21 -9.80 11.11
CA ASP G 33 -30.68 -11.02 10.47
C ASP G 33 -31.38 -11.88 11.53
N MSE G 34 -32.70 -12.02 11.39
CA MSE G 34 -33.56 -12.79 12.29
C MSE G 34 -33.84 -14.17 11.73
O MSE G 34 -34.02 -15.12 12.51
CB MSE G 34 -34.91 -12.09 12.53
CG MSE G 34 -34.84 -10.73 13.21
SE MSE G 34 -34.08 -10.70 15.02
CE MSE G 34 -34.73 -8.93 15.50
N GLY G 35 -34.01 -14.23 10.40
CA GLY G 35 -34.29 -15.46 9.67
C GLY G 35 -33.10 -16.40 9.61
N LYS G 36 -32.01 -16.03 10.33
CA LYS G 36 -30.75 -16.76 10.47
C LYS G 36 -30.24 -16.66 11.92
N SER G 37 -29.59 -17.74 12.40
CA SER G 37 -28.98 -17.86 13.73
C SER G 37 -27.56 -17.21 13.74
N VAL G 38 -27.23 -16.38 12.69
CA VAL G 38 -25.99 -15.63 12.45
C VAL G 38 -26.12 -14.21 13.10
N ASP G 39 -26.03 -14.22 14.45
CA ASP G 39 -26.07 -13.09 15.38
C ASP G 39 -24.63 -12.61 15.67
N TRP G 40 -24.11 -11.69 14.84
CA TRP G 40 -22.75 -11.16 15.04
C TRP G 40 -22.70 -10.31 16.31
N GLN G 41 -23.84 -9.69 16.66
CA GLN G 41 -24.00 -8.84 17.84
C GLN G 41 -23.74 -9.63 19.11
N LYS G 42 -24.27 -10.88 19.25
CA LYS G 42 -24.03 -11.70 20.44
C LYS G 42 -22.56 -12.09 20.52
N ALA G 43 -21.96 -12.48 19.38
CA ALA G 43 -20.55 -12.85 19.29
C ALA G 43 -19.64 -11.67 19.68
N THR G 44 -20.05 -10.42 19.37
CA THR G 44 -19.31 -9.21 19.70
C THR G 44 -19.43 -8.97 21.22
N CYS G 45 -20.64 -9.14 21.78
CA CYS G 45 -20.88 -9.03 23.23
C CYS G 45 -20.01 -10.04 23.97
N ASP G 46 -19.94 -11.31 23.48
CA ASP G 46 -19.11 -12.38 24.05
C ASP G 46 -17.64 -12.03 23.99
N TRP G 47 -17.20 -11.36 22.90
CA TRP G 47 -15.81 -10.93 22.73
C TRP G 47 -15.41 -9.95 23.84
N PHE G 48 -16.29 -8.97 24.14
CA PHE G 48 -16.07 -8.00 25.22
C PHE G 48 -16.09 -8.68 26.59
N ARG G 49 -16.95 -9.71 26.77
CA ARG G 49 -17.04 -10.48 28.02
C ARG G 49 -15.73 -11.25 28.31
N ALA G 50 -14.99 -11.63 27.24
CA ALA G 50 -13.74 -12.38 27.31
C ALA G 50 -12.50 -11.49 27.60
N LEU G 51 -12.67 -10.13 27.58
CA LEU G 51 -11.58 -9.18 27.84
C LEU G 51 -11.17 -9.20 29.32
N PRO G 52 -9.88 -8.96 29.65
CA PRO G 52 -9.46 -9.06 31.07
C PRO G 52 -9.78 -7.81 31.90
N GLU G 53 -10.06 -6.65 31.27
CA GLU G 53 -10.34 -5.40 31.99
C GLU G 53 -11.39 -4.55 31.26
N GLY G 54 -11.92 -3.55 31.97
CA GLY G 54 -12.87 -2.59 31.42
C GLY G 54 -14.32 -2.74 31.83
N ARG G 55 -15.06 -1.63 31.74
CA ARG G 55 -16.50 -1.55 32.02
C ARG G 55 -17.17 -1.14 30.73
N TYR G 56 -17.93 -2.05 30.12
CA TYR G 56 -18.58 -1.83 28.84
C TYR G 56 -20.07 -1.88 28.95
N LEU G 57 -20.71 -0.88 28.37
CA LEU G 57 -22.14 -0.81 28.21
C LEU G 57 -22.42 -0.90 26.71
N LEU G 58 -22.95 -2.04 26.27
CA LEU G 58 -23.19 -2.28 24.86
C LEU G 58 -24.67 -2.10 24.53
N PHE G 59 -24.92 -1.20 23.57
CA PHE G 59 -26.27 -0.94 23.09
C PHE G 59 -26.51 -1.83 21.90
N ASN G 60 -27.27 -2.91 22.13
CA ASN G 60 -27.57 -3.89 21.09
C ASN G 60 -29.01 -3.67 20.60
N PRO G 61 -29.19 -3.16 19.36
CA PRO G 61 -30.56 -2.90 18.85
C PRO G 61 -31.29 -4.17 18.39
N ARG G 62 -30.57 -5.32 18.34
CA ARG G 62 -31.13 -6.61 17.94
C ARG G 62 -31.87 -7.28 19.09
N ARG G 63 -33.20 -7.31 18.99
CA ARG G 63 -34.04 -7.98 20.00
C ARG G 63 -34.02 -9.48 19.77
N ASP G 64 -34.32 -10.29 20.81
CA ASP G 64 -34.35 -11.74 20.66
C ASP G 64 -35.50 -12.15 19.70
N LYS G 65 -36.66 -11.48 19.83
CA LYS G 65 -37.80 -11.70 18.94
C LYS G 65 -37.91 -10.51 17.98
N GLY G 66 -38.23 -10.78 16.72
CA GLY G 66 -38.41 -9.74 15.71
C GLY G 66 -39.51 -8.73 16.05
N LEU G 67 -39.60 -7.64 15.30
CA LEU G 67 -40.63 -6.61 15.55
C LEU G 67 -41.99 -7.11 15.11
N SER G 68 -43.04 -6.81 15.91
CA SER G 68 -44.43 -7.19 15.66
C SER G 68 -44.99 -6.58 14.38
N GLY G 69 -44.50 -5.40 14.02
CA GLY G 69 -45.01 -4.65 12.88
C GLY G 69 -45.95 -3.54 13.31
N GLU G 70 -46.34 -3.52 14.64
CA GLU G 70 -47.18 -2.49 15.26
C GLU G 70 -46.34 -1.21 15.23
N MSE G 71 -46.95 -0.09 14.82
CA MSE G 71 -46.12 1.05 14.53
CA MSE G 71 -46.35 1.24 14.59
C MSE G 71 -45.67 1.83 15.82
O MSE G 71 -44.58 2.39 15.71
CB MSE G 71 -46.83 1.94 13.52
CB MSE G 71 -47.39 2.27 14.11
CG MSE G 71 -47.06 1.18 12.14
CG MSE G 71 -46.80 3.69 13.86
SE MSE G 71 -45.45 0.35 11.25
SE MSE G 71 -45.42 3.80 12.43
CE MSE G 71 -44.39 1.89 11.13
CE MSE G 71 -46.59 4.02 11.03
N SER G 72 -46.33 1.82 17.01
CA SER G 72 -45.73 2.49 18.19
C SER G 72 -44.46 1.74 18.64
N ASP G 73 -44.45 0.39 18.46
CA ASP G 73 -43.32 -0.47 18.75
C ASP G 73 -42.15 -0.13 17.79
N PHE G 74 -42.49 0.13 16.52
CA PHE G 74 -41.50 0.48 15.50
C PHE G 74 -40.86 1.85 15.81
N GLU G 75 -41.69 2.83 16.20
CA GLU G 75 -41.20 4.17 16.57
C GLU G 75 -40.29 4.08 17.76
N HIS G 76 -40.63 3.23 18.73
CA HIS G 76 -39.79 3.00 19.90
C HIS G 76 -38.42 2.47 19.45
N GLN G 77 -38.40 1.55 18.47
CA GLN G 77 -37.17 0.97 17.95
C GLN G 77 -36.28 2.05 17.33
N VAL G 78 -36.84 2.89 16.43
CA VAL G 78 -36.08 3.93 15.72
C VAL G 78 -35.56 4.98 16.71
N ASN G 79 -36.40 5.42 17.65
CA ASN G 79 -36.02 6.43 18.63
C ASN G 79 -34.95 5.88 19.59
N TRP G 80 -35.05 4.58 19.96
CA TRP G 80 -34.07 3.92 20.81
C TRP G 80 -32.71 3.88 20.10
N GLU G 81 -32.72 3.52 18.81
CA GLU G 81 -31.54 3.46 17.96
C GLU G 81 -30.85 4.83 17.85
N LEU G 82 -31.60 5.89 17.51
CA LEU G 82 -31.02 7.23 17.32
C LEU G 82 -30.49 7.80 18.62
N GLU G 83 -31.20 7.61 19.73
CA GLU G 83 -30.79 8.10 21.04
C GLU G 83 -29.50 7.44 21.51
N HIS G 84 -29.37 6.11 21.30
CA HIS G 84 -28.23 5.35 21.79
C HIS G 84 -27.06 5.43 20.79
N LEU G 85 -27.32 5.81 19.53
CA LEU G 85 -26.24 6.10 18.58
C LEU G 85 -25.57 7.42 19.02
N GLU G 86 -26.38 8.37 19.49
CA GLU G 86 -25.91 9.66 20.02
C GLU G 86 -25.14 9.48 21.36
N LYS G 87 -25.65 8.62 22.28
CA LYS G 87 -25.06 8.38 23.60
C LYS G 87 -23.72 7.61 23.56
N ALA G 88 -23.52 6.77 22.52
CA ALA G 88 -22.35 5.90 22.38
C ALA G 88 -21.03 6.68 22.27
N ASP G 89 -19.97 6.12 22.87
CA ASP G 89 -18.60 6.58 22.79
C ASP G 89 -17.96 6.06 21.49
N LEU G 90 -18.47 4.93 21.02
CA LEU G 90 -18.02 4.23 19.83
C LEU G 90 -19.18 3.53 19.15
N ILE G 91 -19.21 3.57 17.81
CA ILE G 91 -20.20 2.86 17.00
C ILE G 91 -19.46 1.81 16.17
N ILE G 92 -19.73 0.52 16.47
CA ILE G 92 -19.21 -0.61 15.70
C ILE G 92 -20.28 -0.91 14.66
N MSE G 93 -20.00 -0.62 13.37
CA MSE G 93 -21.01 -0.83 12.33
C MSE G 93 -20.60 -1.97 11.43
O MSE G 93 -19.66 -1.82 10.62
CB MSE G 93 -21.23 0.46 11.54
CG MSE G 93 -22.25 0.29 10.42
SE MSE G 93 -22.67 1.98 9.60
CE MSE G 93 -23.73 2.82 11.07
N ASN G 94 -21.31 -3.09 11.55
CA ASN G 94 -20.98 -4.27 10.77
C ASN G 94 -22.05 -4.55 9.70
N ILE G 95 -21.63 -4.58 8.43
CA ILE G 95 -22.48 -4.76 7.25
C ILE G 95 -22.12 -6.05 6.55
N LEU G 96 -23.06 -6.98 6.51
CA LEU G 96 -22.85 -8.28 5.86
C LEU G 96 -23.14 -8.19 4.36
N ALA G 97 -22.45 -8.99 3.55
CA ALA G 97 -22.55 -8.99 2.08
C ALA G 97 -23.99 -9.28 1.60
N SER G 98 -24.72 -10.15 2.31
CA SER G 98 -26.07 -10.56 1.94
C SER G 98 -27.14 -9.49 2.22
N SER G 99 -26.83 -8.50 3.06
CA SER G 99 -27.79 -7.49 3.48
C SER G 99 -27.97 -6.35 2.49
N LYS G 100 -29.13 -5.70 2.58
CA LYS G 100 -29.44 -4.51 1.83
C LYS G 100 -29.16 -3.31 2.73
N SER G 101 -29.32 -3.49 4.07
CA SER G 101 -29.01 -2.52 5.14
C SER G 101 -29.32 -1.00 4.75
N PRO G 102 -30.55 -0.60 4.31
CA PRO G 102 -30.76 0.80 3.90
C PRO G 102 -30.70 1.81 5.05
N ILE G 103 -31.14 1.41 6.27
CA ILE G 103 -31.14 2.28 7.45
C ILE G 103 -29.74 2.29 8.06
N THR G 104 -28.95 1.24 7.84
CA THR G 104 -27.55 1.23 8.28
C THR G 104 -26.78 2.35 7.56
N LEU G 105 -27.08 2.55 6.24
CA LEU G 105 -26.44 3.58 5.42
C LEU G 105 -26.90 4.97 5.85
N LEU G 106 -28.16 5.11 6.31
CA LEU G 106 -28.67 6.38 6.86
C LEU G 106 -27.88 6.72 8.14
N GLU G 107 -27.72 5.75 9.05
CA GLU G 107 -26.99 5.87 10.31
C GLU G 107 -25.52 6.14 10.07
N MSE G 108 -24.94 5.55 8.99
CA MSE G 108 -23.57 5.78 8.61
C MSE G 108 -23.36 7.24 8.24
O MSE G 108 -22.43 7.86 8.76
CB MSE G 108 -23.16 4.87 7.46
CG MSE G 108 -21.65 4.84 7.23
SE MSE G 108 -21.23 3.98 5.50
CE MSE G 108 -21.69 2.23 5.99
N GLY G 109 -24.25 7.78 7.41
CA GLY G 109 -24.25 9.19 7.01
C GLY G 109 -24.35 10.11 8.21
N LEU G 110 -25.25 9.78 9.16
CA LEU G 110 -25.51 10.55 10.36
C LEU G 110 -24.31 10.65 11.26
N PHE G 111 -23.49 9.60 11.36
CA PHE G 111 -22.37 9.63 12.29
C PHE G 111 -21.02 9.57 11.55
N MSE G 112 -21.03 9.75 10.24
CA MSE G 112 -19.84 9.78 9.42
C MSE G 112 -18.77 10.76 9.94
O MSE G 112 -17.58 10.42 9.96
CB MSE G 112 -20.22 10.20 7.98
CG MSE G 112 -19.10 10.02 6.97
SE MSE G 112 -18.78 8.15 6.46
CE MSE G 112 -20.52 7.78 5.62
N ARG G 113 -19.17 11.98 10.37
CA ARG G 113 -18.20 13.00 10.80
C ARG G 113 -18.00 13.04 12.33
N SER G 114 -18.67 12.13 13.07
CA SER G 114 -18.61 12.06 14.52
C SER G 114 -17.19 11.79 15.05
N GLY G 115 -16.41 10.98 14.32
CA GLY G 115 -15.10 10.50 14.76
C GLY G 115 -15.20 9.21 15.59
N LYS G 116 -16.45 8.76 15.91
CA LYS G 116 -16.64 7.59 16.77
C LYS G 116 -17.17 6.37 15.96
N LEU G 117 -17.30 6.52 14.63
CA LEU G 117 -17.78 5.45 13.75
C LEU G 117 -16.62 4.61 13.21
N ARG G 118 -16.85 3.29 13.24
CA ARG G 118 -15.96 2.27 12.70
C ARG G 118 -16.77 1.41 11.79
N VAL G 119 -16.42 1.34 10.51
CA VAL G 119 -17.24 0.58 9.57
C VAL G 119 -16.53 -0.73 9.19
N ILE G 120 -17.28 -1.83 9.31
CA ILE G 120 -16.87 -3.16 8.89
C ILE G 120 -17.82 -3.54 7.76
N CYS G 121 -17.34 -3.58 6.52
CA CYS G 121 -18.21 -3.83 5.38
C CYS G 121 -17.64 -4.95 4.57
N GLU G 122 -18.38 -6.04 4.55
CA GLU G 122 -18.00 -7.26 3.87
C GLU G 122 -18.00 -7.06 2.33
N PRO G 123 -16.88 -7.39 1.65
CA PRO G 123 -16.89 -7.33 0.17
C PRO G 123 -17.99 -8.24 -0.38
N GLY G 124 -18.71 -7.74 -1.36
CA GLY G 124 -19.84 -8.45 -1.91
C GLY G 124 -21.12 -7.73 -1.56
N PHE G 125 -21.04 -6.77 -0.59
CA PHE G 125 -22.17 -5.92 -0.23
C PHE G 125 -22.54 -5.11 -1.48
N TYR G 126 -23.83 -5.06 -1.85
CA TYR G 126 -24.29 -4.49 -3.12
C TYR G 126 -23.94 -2.96 -3.27
N ARG G 127 -23.61 -2.23 -2.19
CA ARG G 127 -23.21 -0.83 -2.31
C ARG G 127 -21.84 -0.59 -1.65
N TYR G 128 -20.97 -1.59 -1.74
CA TYR G 128 -19.63 -1.58 -1.16
C TYR G 128 -18.79 -0.39 -1.63
N ASP G 129 -18.77 -0.10 -2.94
CA ASP G 129 -17.92 0.97 -3.47
C ASP G 129 -18.38 2.33 -2.97
N ASN G 130 -19.69 2.53 -2.78
CA ASN G 130 -20.21 3.75 -2.17
C ASN G 130 -19.69 3.90 -0.74
N VAL G 131 -19.74 2.81 0.04
CA VAL G 131 -19.28 2.80 1.43
C VAL G 131 -17.78 3.15 1.45
N ARG G 132 -16.97 2.46 0.62
CA ARG G 132 -15.53 2.64 0.52
C ARG G 132 -15.16 4.10 0.15
N LEU G 133 -15.81 4.66 -0.88
CA LEU G 133 -15.54 6.01 -1.38
C LEU G 133 -15.96 7.10 -0.38
N THR G 134 -17.06 6.91 0.35
CA THR G 134 -17.58 7.88 1.31
C THR G 134 -16.71 7.86 2.59
N CYS G 135 -16.35 6.67 3.10
CA CYS G 135 -15.45 6.53 4.26
C CYS G 135 -14.08 7.15 3.95
N ALA G 136 -13.57 6.94 2.72
CA ALA G 136 -12.30 7.52 2.30
C ALA G 136 -12.34 9.02 2.34
N ARG G 137 -13.41 9.62 1.78
CA ARG G 137 -13.58 11.07 1.74
C ARG G 137 -13.64 11.69 3.15
N TYR G 138 -14.32 11.03 4.09
CA TYR G 138 -14.49 11.63 5.39
C TYR G 138 -13.56 11.02 6.47
N GLY G 139 -12.62 10.17 6.06
CA GLY G 139 -11.63 9.59 6.95
C GLY G 139 -12.15 8.64 8.00
N VAL G 140 -13.11 7.81 7.64
CA VAL G 140 -13.69 6.84 8.56
C VAL G 140 -12.99 5.48 8.37
N PRO G 141 -12.43 4.88 9.46
CA PRO G 141 -11.80 3.54 9.34
C PRO G 141 -12.77 2.50 8.77
N LEU G 142 -12.31 1.76 7.75
CA LEU G 142 -13.08 0.74 7.05
C LEU G 142 -12.33 -0.60 7.05
N TYR G 143 -12.98 -1.64 7.55
CA TYR G 143 -12.44 -2.99 7.66
C TYR G 143 -13.31 -3.95 6.84
N GLN G 144 -12.76 -5.13 6.50
CA GLN G 144 -13.48 -6.11 5.68
C GLN G 144 -14.10 -7.21 6.53
N ASN G 145 -13.67 -7.34 7.79
CA ASN G 145 -14.21 -8.34 8.70
C ASN G 145 -14.00 -7.88 10.14
N MSE G 146 -14.83 -8.42 11.06
CA MSE G 146 -14.82 -8.13 12.49
C MSE G 146 -13.52 -8.57 13.15
O MSE G 146 -13.07 -7.85 14.05
CB MSE G 146 -16.01 -8.78 13.20
CG MSE G 146 -17.30 -8.05 12.96
SE MSE G 146 -17.35 -6.23 13.70
CE MSE G 146 -17.36 -6.71 15.64
N ASP G 147 -12.93 -9.70 12.74
CA ASP G 147 -11.67 -10.16 13.31
C ASP G 147 -10.57 -9.09 13.17
N ASP G 148 -10.38 -8.53 11.95
CA ASP G 148 -9.39 -7.48 11.71
C ASP G 148 -9.69 -6.25 12.55
N PHE G 149 -10.96 -5.84 12.66
CA PHE G 149 -11.31 -4.65 13.43
C PHE G 149 -11.07 -4.87 14.95
N LEU G 150 -11.59 -5.98 15.52
CA LEU G 150 -11.50 -6.22 16.96
C LEU G 150 -10.04 -6.37 17.40
N LYS G 151 -9.11 -6.84 16.51
CA LYS G 151 -7.68 -6.90 16.86
C LYS G 151 -7.08 -5.49 17.10
N THR G 152 -7.68 -4.44 16.46
CA THR G 152 -7.19 -3.05 16.61
C THR G 152 -7.60 -2.46 17.95
N MSE G 153 -8.62 -3.07 18.60
CA MSE G 153 -9.13 -2.62 19.89
C MSE G 153 -8.06 -2.71 20.96
O MSE G 153 -7.79 -3.79 21.52
CB MSE G 153 -10.37 -3.41 20.29
CG MSE G 153 -11.55 -3.22 19.34
SE MSE G 153 -12.87 -1.95 19.95
CE MSE G 153 -11.79 -0.26 19.80
N ARG G 154 -7.39 -1.53 21.13
CA ARG G 154 -6.31 -1.14 22.05
C ARG G 154 -4.99 -1.91 21.70
N ALA H 2 -39.75 39.08 -18.39
CA ALA H 2 -38.61 38.69 -17.54
C ALA H 2 -38.64 37.21 -17.25
N GLN H 3 -37.45 36.60 -17.22
CA GLN H 3 -37.26 35.18 -16.95
C GLN H 3 -36.09 34.98 -15.97
N SER H 4 -36.09 33.83 -15.31
CA SER H 4 -34.99 33.49 -14.40
C SER H 4 -33.77 33.06 -15.22
N GLU H 5 -32.57 33.08 -14.59
CA GLU H 5 -31.37 32.55 -15.24
C GLU H 5 -31.11 31.17 -14.65
N VAL H 6 -31.15 30.12 -15.50
CA VAL H 6 -30.98 28.76 -15.00
C VAL H 6 -29.82 28.05 -15.76
N VAL H 7 -28.83 27.59 -14.98
CA VAL H 7 -27.68 26.82 -15.46
C VAL H 7 -27.73 25.47 -14.78
N VAL H 8 -27.68 24.39 -15.57
CA VAL H 8 -27.73 23.02 -15.03
C VAL H 8 -26.37 22.36 -15.28
N LEU H 9 -25.74 21.88 -14.22
CA LEU H 9 -24.45 21.19 -14.27
C LEU H 9 -24.68 19.70 -14.01
N TYR H 10 -24.11 18.84 -14.88
CA TYR H 10 -24.19 17.38 -14.82
C TYR H 10 -22.82 16.76 -14.52
N PRO H 11 -22.73 15.48 -14.06
CA PRO H 11 -21.39 14.89 -13.82
C PRO H 11 -20.51 14.81 -15.08
N ASP H 12 -21.14 14.72 -16.27
CA ASP H 12 -20.45 14.58 -17.57
C ASP H 12 -20.43 15.93 -18.37
N THR H 13 -20.74 17.08 -17.72
CA THR H 13 -20.64 18.40 -18.36
C THR H 13 -19.74 19.33 -17.54
N GLU H 14 -19.12 20.30 -18.23
CA GLU H 14 -18.28 21.33 -17.63
CA GLU H 14 -18.28 21.34 -17.64
C GLU H 14 -18.82 22.70 -18.05
N ASN H 15 -18.96 23.63 -17.09
CA ASN H 15 -19.43 24.98 -17.38
C ASN H 15 -18.33 25.95 -16.96
N LYS H 16 -17.14 25.81 -17.61
CA LYS H 16 -15.96 26.62 -17.34
C LYS H 16 -16.26 28.10 -17.55
N ASP H 17 -15.60 28.97 -16.74
CA ASP H 17 -15.70 30.42 -16.72
C ASP H 17 -17.15 30.86 -16.28
N LEU H 18 -17.62 30.27 -15.16
CA LEU H 18 -18.91 30.61 -14.58
C LEU H 18 -18.71 30.99 -13.11
N ASP H 19 -19.18 32.18 -12.71
CA ASP H 19 -19.06 32.63 -11.32
C ASP H 19 -20.17 32.00 -10.51
N GLU H 20 -19.86 30.85 -9.86
CA GLU H 20 -20.79 30.10 -9.03
C GLU H 20 -21.40 30.95 -7.90
N ALA H 21 -20.65 31.97 -7.42
CA ALA H 21 -21.01 32.83 -6.28
C ALA H 21 -22.29 33.65 -6.49
N VAL H 22 -22.66 33.98 -7.74
CA VAL H 22 -23.84 34.83 -7.98
C VAL H 22 -25.12 33.97 -8.10
N TYR H 23 -24.97 32.63 -8.16
CA TYR H 23 -26.12 31.75 -8.29
C TYR H 23 -26.51 31.13 -6.99
N GLN H 24 -27.79 30.75 -6.91
CA GLN H 24 -28.34 29.98 -5.82
C GLN H 24 -28.11 28.53 -6.22
N LYS H 25 -27.09 27.88 -5.63
CA LYS H 25 -26.63 26.50 -5.94
C LYS H 25 -27.49 25.46 -5.26
N ILE H 26 -28.21 24.67 -6.07
CA ILE H 26 -29.15 23.68 -5.57
C ILE H 26 -28.80 22.31 -6.10
N PHE H 27 -28.65 21.34 -5.19
CA PHE H 27 -28.36 19.97 -5.58
C PHE H 27 -29.66 19.18 -5.64
N LEU H 28 -29.91 18.50 -6.77
CA LEU H 28 -31.11 17.67 -6.97
C LEU H 28 -30.81 16.23 -6.54
N ALA H 29 -30.99 15.93 -5.26
CA ALA H 29 -30.74 14.59 -4.69
C ALA H 29 -31.98 13.74 -4.76
N GLY H 30 -31.80 12.43 -4.72
CA GLY H 30 -32.93 11.53 -4.72
C GLY H 30 -32.93 10.51 -5.83
N THR H 31 -34.10 9.93 -6.08
CA THR H 31 -34.31 8.81 -7.00
C THR H 31 -33.84 9.13 -8.42
N ILE H 32 -32.97 8.25 -8.95
CA ILE H 32 -32.49 8.31 -10.32
C ILE H 32 -33.10 7.08 -11.03
N ASP H 33 -34.11 7.37 -11.85
CA ASP H 33 -34.87 6.42 -12.67
C ASP H 33 -34.53 6.69 -14.14
N MSE H 34 -33.91 5.70 -14.81
CA MSE H 34 -33.46 5.93 -16.18
C MSE H 34 -34.59 5.56 -17.23
O MSE H 34 -34.31 4.90 -18.22
CB MSE H 34 -32.15 5.16 -16.44
CG MSE H 34 -30.94 5.76 -15.69
SE MSE H 34 -30.51 7.67 -16.17
CE MSE H 34 -28.81 7.84 -15.31
N GLY H 35 -35.77 6.16 -17.04
CA GLY H 35 -36.95 6.01 -17.89
C GLY H 35 -38.01 7.06 -17.64
N ASP H 39 -37.97 10.94 -14.01
CA ASP H 39 -37.14 12.11 -14.41
C ASP H 39 -37.79 13.44 -13.93
N TRP H 40 -38.01 13.47 -12.63
CA TRP H 40 -38.50 14.61 -11.88
C TRP H 40 -37.46 15.73 -11.92
N GLN H 41 -36.18 15.37 -12.13
CA GLN H 41 -35.08 16.30 -12.19
C GLN H 41 -35.23 17.25 -13.37
N LYS H 42 -35.56 16.76 -14.58
CA LYS H 42 -35.76 17.65 -15.74
C LYS H 42 -36.95 18.57 -15.49
N ALA H 43 -38.05 18.03 -14.93
CA ALA H 43 -39.25 18.80 -14.62
C ALA H 43 -38.98 19.89 -13.58
N THR H 44 -38.10 19.60 -12.59
CA THR H 44 -37.72 20.57 -11.55
C THR H 44 -36.96 21.72 -12.20
N CYS H 45 -35.99 21.38 -13.10
CA CYS H 45 -35.18 22.32 -13.87
C CYS H 45 -36.10 23.22 -14.72
N ASP H 46 -37.07 22.63 -15.41
CA ASP H 46 -38.07 23.36 -16.21
C ASP H 46 -38.91 24.30 -15.35
N TRP H 47 -39.26 23.89 -14.11
CA TRP H 47 -40.04 24.71 -13.16
C TRP H 47 -39.27 25.99 -12.81
N PHE H 48 -37.95 25.84 -12.56
CA PHE H 48 -37.07 26.93 -12.25
C PHE H 48 -36.90 27.84 -13.47
N ARG H 49 -36.83 27.27 -14.69
CA ARG H 49 -36.73 28.04 -15.95
C ARG H 49 -37.97 28.92 -16.20
N ALA H 50 -39.15 28.48 -15.68
CA ALA H 50 -40.44 29.16 -15.85
C ALA H 50 -40.65 30.29 -14.81
N LEU H 51 -39.79 30.39 -13.75
CA LEU H 51 -39.89 31.46 -12.73
C LEU H 51 -39.56 32.80 -13.34
N PRO H 52 -40.20 33.92 -12.90
CA PRO H 52 -39.94 35.21 -13.57
C PRO H 52 -38.64 35.88 -13.14
N GLU H 53 -38.06 35.47 -11.98
CA GLU H 53 -36.86 36.10 -11.43
C GLU H 53 -35.87 35.08 -10.86
N GLY H 54 -34.63 35.51 -10.65
CA GLY H 54 -33.60 34.72 -9.98
C GLY H 54 -32.55 34.09 -10.85
N ARG H 55 -31.40 33.74 -10.22
CA ARG H 55 -30.26 33.06 -10.84
C ARG H 55 -30.00 31.75 -10.12
N TYR H 56 -30.23 30.63 -10.82
CA TYR H 56 -30.07 29.31 -10.21
C TYR H 56 -29.03 28.45 -10.94
N LEU H 57 -28.15 27.80 -10.16
CA LEU H 57 -27.16 26.82 -10.62
C LEU H 57 -27.57 25.49 -10.03
N LEU H 58 -28.13 24.64 -10.87
CA LEU H 58 -28.66 23.35 -10.42
C LEU H 58 -27.67 22.23 -10.70
N PHE H 59 -27.32 21.47 -9.64
CA PHE H 59 -26.45 20.32 -9.77
C PHE H 59 -27.32 19.10 -9.95
N ASN H 60 -27.40 18.63 -11.21
CA ASN H 60 -28.23 17.47 -11.54
C ASN H 60 -27.36 16.19 -11.65
N PRO H 61 -27.39 15.26 -10.65
CA PRO H 61 -26.49 14.08 -10.71
C PRO H 61 -26.95 13.02 -11.72
N ARG H 62 -28.13 13.23 -12.34
CA ARG H 62 -28.72 12.34 -13.32
C ARG H 62 -28.23 12.66 -14.74
N ARG H 63 -27.41 11.77 -15.29
CA ARG H 63 -26.91 11.88 -16.65
C ARG H 63 -28.00 11.46 -17.65
N ASP H 64 -27.91 11.90 -18.91
CA ASP H 64 -28.89 11.50 -19.93
C ASP H 64 -28.74 10.02 -20.23
N LYS H 65 -27.50 9.50 -20.28
CA LYS H 65 -27.20 8.07 -20.46
C LYS H 65 -26.78 7.47 -19.13
N GLY H 66 -27.22 6.25 -18.83
CA GLY H 66 -26.85 5.55 -17.59
C GLY H 66 -25.36 5.26 -17.48
N LEU H 67 -24.89 4.84 -16.29
CA LEU H 67 -23.46 4.57 -16.08
C LEU H 67 -23.03 3.31 -16.79
N SER H 68 -21.81 3.32 -17.36
CA SER H 68 -21.24 2.18 -18.11
C SER H 68 -20.98 0.96 -17.23
N GLY H 69 -20.69 1.21 -15.96
CA GLY H 69 -20.32 0.14 -15.05
C GLY H 69 -18.81 0.06 -14.87
N GLU H 70 -18.04 0.87 -15.65
CA GLU H 70 -16.58 0.99 -15.53
C GLU H 70 -16.31 1.71 -14.19
N MSE H 71 -15.33 1.20 -13.43
CA MSE H 71 -15.02 1.61 -12.06
C MSE H 71 -14.62 3.12 -11.93
O MSE H 71 -15.13 3.77 -11.02
CB MSE H 71 -13.88 0.73 -11.48
CG MSE H 71 -13.46 1.10 -10.05
SE MSE H 71 -14.89 1.08 -8.69
CE MSE H 71 -14.86 -0.77 -8.28
N SER H 72 -13.71 3.65 -12.77
CA SER H 72 -13.27 5.04 -12.65
C SER H 72 -14.41 6.00 -12.91
N ASP H 73 -15.31 5.65 -13.86
CA ASP H 73 -16.51 6.41 -14.18
C ASP H 73 -17.45 6.45 -12.97
N PHE H 74 -17.59 5.30 -12.26
CA PHE H 74 -18.43 5.20 -11.07
C PHE H 74 -17.87 6.08 -9.94
N GLU H 75 -16.54 6.03 -9.70
CA GLU H 75 -15.88 6.84 -8.69
C GLU H 75 -16.06 8.31 -9.01
N HIS H 76 -16.00 8.69 -10.31
CA HIS H 76 -16.21 10.06 -10.72
C HIS H 76 -17.63 10.50 -10.33
N GLN H 77 -18.62 9.61 -10.53
CA GLN H 77 -20.01 9.89 -10.20
C GLN H 77 -20.17 10.15 -8.70
N VAL H 78 -19.62 9.28 -7.83
CA VAL H 78 -19.77 9.39 -6.38
C VAL H 78 -19.05 10.66 -5.87
N ASN H 79 -17.84 10.92 -6.36
CA ASN H 79 -17.06 12.08 -5.95
C ASN H 79 -17.72 13.38 -6.46
N TRP H 80 -18.31 13.36 -7.66
CA TRP H 80 -19.05 14.52 -8.19
C TRP H 80 -20.26 14.81 -7.30
N GLU H 81 -21.01 13.76 -6.92
CA GLU H 81 -22.17 13.86 -6.04
C GLU H 81 -21.80 14.45 -4.68
N LEU H 82 -20.77 13.89 -3.99
CA LEU H 82 -20.37 14.34 -2.66
C LEU H 82 -19.82 15.76 -2.70
N GLU H 83 -19.02 16.12 -3.71
CA GLU H 83 -18.45 17.45 -3.84
C GLU H 83 -19.54 18.53 -4.05
N HIS H 84 -20.55 18.23 -4.88
CA HIS H 84 -21.60 19.17 -5.23
C HIS H 84 -22.70 19.16 -4.16
N LEU H 85 -22.79 18.11 -3.33
CA LEU H 85 -23.69 18.11 -2.17
C LEU H 85 -23.13 19.08 -1.13
N GLU H 86 -21.80 19.09 -0.99
CA GLU H 86 -21.06 19.99 -0.11
C GLU H 86 -21.13 21.45 -0.61
N LYS H 87 -20.96 21.69 -1.94
CA LYS H 87 -20.97 23.03 -2.55
C LYS H 87 -22.36 23.71 -2.55
N ALA H 88 -23.44 22.91 -2.59
CA ALA H 88 -24.81 23.40 -2.68
C ALA H 88 -25.21 24.29 -1.50
N ASP H 89 -26.03 25.29 -1.81
CA ASP H 89 -26.63 26.19 -0.84
C ASP H 89 -27.86 25.52 -0.26
N LEU H 90 -28.50 24.68 -1.08
CA LEU H 90 -29.71 23.92 -0.78
C LEU H 90 -29.68 22.56 -1.44
N ILE H 91 -30.17 21.55 -0.71
CA ILE H 91 -30.31 20.20 -1.22
C ILE H 91 -31.81 19.88 -1.30
N ILE H 92 -32.32 19.69 -2.53
CA ILE H 92 -33.69 19.25 -2.78
C ILE H 92 -33.62 17.73 -2.90
N MSE H 93 -34.13 17.00 -1.90
CA MSE H 93 -34.04 15.55 -1.93
C MSE H 93 -35.41 14.95 -2.18
O MSE H 93 -36.26 15.00 -1.30
CB MSE H 93 -33.42 15.03 -0.65
CG MSE H 93 -33.35 13.53 -0.62
SE MSE H 93 -32.28 12.93 0.87
CE MSE H 93 -30.46 13.49 0.28
N ASN H 94 -35.62 14.39 -3.39
CA ASN H 94 -36.92 13.83 -3.77
C ASN H 94 -36.83 12.31 -3.86
N ILE H 95 -37.66 11.63 -3.05
CA ILE H 95 -37.70 10.17 -2.94
C ILE H 95 -39.04 9.66 -3.39
N LEU H 96 -39.04 8.89 -4.48
CA LEU H 96 -40.27 8.32 -5.05
C LEU H 96 -40.64 7.01 -4.31
N ALA H 97 -41.93 6.73 -4.21
CA ALA H 97 -42.48 5.56 -3.51
C ALA H 97 -41.94 4.21 -4.04
N SER H 98 -41.72 4.13 -5.36
CA SER H 98 -41.27 2.90 -6.03
C SER H 98 -39.76 2.60 -5.81
N SER H 99 -38.97 3.60 -5.41
CA SER H 99 -37.54 3.46 -5.26
C SER H 99 -37.11 2.79 -3.96
N LYS H 100 -35.91 2.24 -4.01
CA LYS H 100 -35.26 1.67 -2.84
C LYS H 100 -34.29 2.73 -2.29
N SER H 101 -33.77 3.62 -3.18
CA SER H 101 -32.92 4.78 -2.88
C SER H 101 -31.91 4.54 -1.68
N PRO H 102 -31.04 3.50 -1.66
CA PRO H 102 -30.17 3.30 -0.48
C PRO H 102 -29.08 4.38 -0.32
N ILE H 103 -28.58 4.96 -1.43
CA ILE H 103 -27.54 5.98 -1.40
C ILE H 103 -28.17 7.33 -1.12
N THR H 104 -29.43 7.50 -1.46
CA THR H 104 -30.17 8.72 -1.10
C THR H 104 -30.23 8.84 0.43
N LEU H 105 -30.46 7.69 1.13
CA LEU H 105 -30.58 7.66 2.59
C LEU H 105 -29.23 7.90 3.23
N LEU H 106 -28.12 7.44 2.58
CA LEU H 106 -26.75 7.73 3.04
C LEU H 106 -26.49 9.24 2.97
N GLU H 107 -26.86 9.88 1.83
CA GLU H 107 -26.72 11.32 1.59
C GLU H 107 -27.59 12.11 2.54
N MSE H 108 -28.78 11.59 2.88
CA MSE H 108 -29.67 12.23 3.83
C MSE H 108 -29.01 12.30 5.22
O MSE H 108 -29.00 13.36 5.83
CB MSE H 108 -31.00 11.50 3.90
CG MSE H 108 -32.06 12.28 4.66
SE MSE H 108 -33.58 11.12 5.06
CE MSE H 108 -34.23 10.91 3.30
N GLY H 109 -28.44 11.18 5.67
CA GLY H 109 -27.72 11.11 6.93
C GLY H 109 -26.54 12.09 6.95
N LEU H 110 -25.77 12.13 5.84
CA LEU H 110 -24.63 13.02 5.67
C LEU H 110 -24.96 14.49 5.80
N PHE H 111 -26.14 14.93 5.30
CA PHE H 111 -26.46 16.34 5.31
C PHE H 111 -27.65 16.66 6.22
N MSE H 112 -28.07 15.68 7.03
CA MSE H 112 -29.16 15.83 7.98
C MSE H 112 -28.99 17.08 8.88
O MSE H 112 -29.96 17.81 9.08
CB MSE H 112 -29.23 14.58 8.87
CG MSE H 112 -30.49 14.50 9.73
SE MSE H 112 -32.12 14.07 8.72
CE MSE H 112 -31.59 12.24 8.17
N ARG H 113 -27.78 17.32 9.40
CA ARG H 113 -27.55 18.42 10.36
C ARG H 113 -27.02 19.70 9.69
N SER H 114 -26.92 19.76 8.34
CA SER H 114 -26.37 20.89 7.60
C SER H 114 -27.27 22.13 7.63
N GLY H 115 -28.56 21.94 7.79
CA GLY H 115 -29.49 23.04 7.75
C GLY H 115 -29.98 23.39 6.34
N LYS H 116 -29.36 22.81 5.29
CA LYS H 116 -29.68 23.10 3.89
C LYS H 116 -30.44 21.94 3.19
N LEU H 117 -30.80 20.88 3.93
CA LEU H 117 -31.51 19.74 3.37
C LEU H 117 -33.03 19.93 3.50
N ARG H 118 -33.73 19.65 2.40
CA ARG H 118 -35.19 19.66 2.26
C ARG H 118 -35.58 18.31 1.73
N VAL H 119 -36.36 17.55 2.49
CA VAL H 119 -36.69 16.18 2.08
C VAL H 119 -38.14 16.15 1.59
N ILE H 120 -38.34 15.53 0.41
CA ILE H 120 -39.61 15.27 -0.23
C ILE H 120 -39.70 13.75 -0.31
N CYS H 121 -40.55 13.14 0.50
CA CYS H 121 -40.62 11.68 0.51
C CYS H 121 -42.05 11.26 0.31
N GLU H 122 -42.27 10.58 -0.82
CA GLU H 122 -43.58 10.13 -1.25
C GLU H 122 -44.09 9.02 -0.32
N PRO H 123 -45.30 9.17 0.25
CA PRO H 123 -45.88 8.07 1.06
C PRO H 123 -45.97 6.81 0.21
N GLY H 124 -45.60 5.71 0.80
CA GLY H 124 -45.53 4.47 0.06
C GLY H 124 -44.10 4.01 -0.07
N PHE H 125 -43.14 4.93 0.13
CA PHE H 125 -41.71 4.61 0.15
C PHE H 125 -41.49 3.57 1.27
N TYR H 126 -40.78 2.47 0.96
CA TYR H 126 -40.64 1.31 1.88
C TYR H 126 -39.97 1.68 3.23
N ARG H 127 -39.26 2.81 3.34
CA ARG H 127 -38.66 3.21 4.63
C ARG H 127 -39.11 4.62 5.02
N TYR H 128 -40.35 4.96 4.68
CA TYR H 128 -40.97 6.26 4.94
C TYR H 128 -40.94 6.63 6.44
N ASP H 129 -41.32 5.72 7.33
CA ASP H 129 -41.40 6.03 8.76
C ASP H 129 -40.02 6.31 9.35
N ASN H 130 -38.97 5.64 8.86
CA ASN H 130 -37.59 5.95 9.25
C ASN H 130 -37.21 7.37 8.83
N VAL H 131 -37.54 7.74 7.59
CA VAL H 131 -37.29 9.09 7.07
C VAL H 131 -38.05 10.13 7.93
N ARG H 132 -39.34 9.89 8.19
CA ARG H 132 -40.21 10.79 8.97
C ARG H 132 -39.67 10.99 10.41
N LEU H 133 -39.32 9.89 11.09
CA LEU H 133 -38.85 9.90 12.47
C LEU H 133 -37.47 10.54 12.61
N THR H 134 -36.57 10.33 11.63
CA THR H 134 -35.20 10.89 11.67
C THR H 134 -35.25 12.40 11.37
N CYS H 135 -36.00 12.83 10.35
CA CYS H 135 -36.18 14.26 10.03
C CYS H 135 -36.82 15.00 11.22
N ALA H 136 -37.79 14.38 11.91
CA ALA H 136 -38.44 14.97 13.07
C ALA H 136 -37.42 15.20 14.18
N ARG H 137 -36.58 14.21 14.45
CA ARG H 137 -35.57 14.29 15.50
C ARG H 137 -34.55 15.40 15.22
N TYR H 138 -34.12 15.56 13.96
CA TYR H 138 -33.07 16.52 13.66
C TYR H 138 -33.61 17.83 13.03
N GLY H 139 -34.93 18.02 13.06
CA GLY H 139 -35.57 19.23 12.58
C GLY H 139 -35.42 19.54 11.11
N VAL H 140 -35.47 18.49 10.25
CA VAL H 140 -35.34 18.64 8.80
C VAL H 140 -36.74 18.73 8.19
N PRO H 141 -37.03 19.79 7.40
CA PRO H 141 -38.35 19.90 6.75
C PRO H 141 -38.62 18.71 5.85
N LEU H 142 -39.82 18.10 6.00
CA LEU H 142 -40.26 16.91 5.26
C LEU H 142 -41.61 17.20 4.59
N TYR H 143 -41.66 17.01 3.28
CA TYR H 143 -42.83 17.22 2.44
C TYR H 143 -43.24 15.91 1.77
N GLN H 144 -44.48 15.80 1.32
CA GLN H 144 -44.98 14.57 0.68
C GLN H 144 -44.96 14.65 -0.83
N ASN H 145 -44.82 15.87 -1.38
CA ASN H 145 -44.75 16.08 -2.82
C ASN H 145 -43.98 17.36 -3.11
N MSE H 146 -43.44 17.45 -4.32
CA MSE H 146 -42.64 18.55 -4.83
C MSE H 146 -43.46 19.84 -4.93
O MSE H 146 -42.91 20.90 -4.64
CB MSE H 146 -42.05 18.22 -6.21
CG MSE H 146 -40.87 17.25 -6.15
SE MSE H 146 -39.29 18.00 -5.24
CE MSE H 146 -38.81 19.41 -6.52
N ASP H 147 -44.75 19.77 -5.27
CA ASP H 147 -45.61 20.96 -5.37
C ASP H 147 -45.66 21.71 -4.03
N ASP H 148 -45.90 21.00 -2.91
CA ASP H 148 -45.95 21.62 -1.59
C ASP H 148 -44.59 22.26 -1.25
N PHE H 149 -43.49 21.55 -1.53
CA PHE H 149 -42.17 22.05 -1.23
C PHE H 149 -41.79 23.26 -2.11
N LEU H 150 -41.89 23.13 -3.45
CA LEU H 150 -41.49 24.18 -4.37
C LEU H 150 -42.29 25.50 -4.15
N LYS H 151 -43.53 25.43 -3.57
CA LYS H 151 -44.32 26.65 -3.24
C LYS H 151 -43.60 27.46 -2.13
N THR H 152 -42.81 26.77 -1.25
CA THR H 152 -42.06 27.42 -0.17
C THR H 152 -40.76 28.16 -0.76
N MSE H 153 -40.44 27.98 -2.08
CA MSE H 153 -39.28 28.63 -2.72
C MSE H 153 -39.43 30.17 -2.75
O MSE H 153 -38.89 30.86 -3.62
CB MSE H 153 -39.05 28.13 -4.18
CG MSE H 153 -38.52 26.68 -4.33
SE MSE H 153 -36.75 26.25 -3.59
CE MSE H 153 -35.60 27.77 -4.33
N ALA I 2 -57.86 -31.18 14.18
CA ALA I 2 -58.58 -31.01 12.92
C ALA I 2 -58.64 -29.52 12.57
N GLN I 3 -59.83 -28.85 12.62
CA GLN I 3 -59.94 -27.44 12.26
C GLN I 3 -60.95 -26.65 13.15
N SER I 4 -60.82 -25.33 13.11
CA SER I 4 -61.66 -24.35 13.78
C SER I 4 -63.11 -24.38 13.27
N GLU I 5 -64.03 -23.86 14.10
CA GLU I 5 -65.41 -23.61 13.72
C GLU I 5 -65.56 -22.12 13.40
N VAL I 6 -65.90 -21.80 12.14
CA VAL I 6 -66.06 -20.42 11.69
C VAL I 6 -67.48 -20.20 11.11
N VAL I 7 -68.23 -19.31 11.76
CA VAL I 7 -69.58 -18.89 11.35
C VAL I 7 -69.46 -17.42 10.90
N VAL I 8 -69.92 -17.12 9.69
CA VAL I 8 -69.88 -15.76 9.15
C VAL I 8 -71.32 -15.22 9.07
N LEU I 9 -71.57 -14.08 9.72
CA LEU I 9 -72.86 -13.41 9.71
C LEU I 9 -72.75 -12.15 8.83
N TYR I 10 -73.69 -11.99 7.91
CA TYR I 10 -73.80 -10.84 7.00
C TYR I 10 -75.04 -9.99 7.31
N PRO I 11 -75.15 -8.73 6.84
CA PRO I 11 -76.36 -7.93 7.14
C PRO I 11 -77.65 -8.57 6.57
N ASP I 12 -77.54 -9.33 5.46
CA ASP I 12 -78.68 -9.98 4.78
C ASP I 12 -78.77 -11.52 5.10
N THR I 13 -78.14 -11.99 6.19
CA THR I 13 -78.22 -13.40 6.61
C THR I 13 -78.60 -13.47 8.09
N GLU I 14 -79.09 -14.63 8.54
CA GLU I 14 -79.52 -14.88 9.93
C GLU I 14 -78.98 -16.25 10.39
N ASN I 15 -78.48 -16.33 11.64
CA ASN I 15 -77.92 -17.56 12.19
C ASN I 15 -78.75 -17.98 13.41
N LYS I 16 -80.00 -18.38 13.12
CA LYS I 16 -80.98 -18.82 14.11
C LYS I 16 -80.42 -19.93 15.00
N ASP I 17 -80.83 -19.94 16.29
CA ASP I 17 -80.49 -20.92 17.34
C ASP I 17 -78.95 -21.03 17.55
N LEU I 18 -78.25 -19.86 17.57
CA LEU I 18 -76.80 -19.80 17.82
C LEU I 18 -76.55 -18.97 19.08
N ASP I 19 -75.78 -19.53 20.04
CA ASP I 19 -75.40 -18.82 21.27
C ASP I 19 -74.11 -18.04 21.00
N GLU I 20 -74.25 -16.72 20.74
CA GLU I 20 -73.16 -15.80 20.41
C GLU I 20 -72.09 -15.72 21.54
N ALA I 21 -72.47 -16.04 22.79
CA ALA I 21 -71.58 -15.99 23.96
C ALA I 21 -70.48 -17.06 23.93
N VAL I 22 -70.66 -18.16 23.14
CA VAL I 22 -69.71 -19.28 23.07
C VAL I 22 -68.61 -19.02 21.98
N TYR I 23 -68.83 -18.01 21.12
CA TYR I 23 -67.92 -17.63 20.02
C TYR I 23 -67.12 -16.37 20.29
N GLN I 24 -65.84 -16.35 19.80
CA GLN I 24 -65.08 -15.09 19.81
C GLN I 24 -65.58 -14.31 18.60
N LYS I 25 -66.32 -13.21 18.86
CA LYS I 25 -67.02 -12.36 17.90
C LYS I 25 -66.06 -11.31 17.37
N ILE I 26 -65.83 -11.34 16.05
CA ILE I 26 -64.91 -10.43 15.40
C ILE I 26 -65.65 -9.67 14.29
N PHE I 27 -65.58 -8.34 14.34
CA PHE I 27 -66.18 -7.49 13.33
C PHE I 27 -65.13 -7.14 12.29
N LEU I 28 -65.43 -7.37 11.01
CA LEU I 28 -64.52 -7.04 9.91
C LEU I 28 -64.84 -5.62 9.39
N ALA I 29 -64.23 -4.60 10.01
CA ALA I 29 -64.46 -3.19 9.62
C ALA I 29 -63.47 -2.75 8.56
N GLY I 30 -63.82 -1.72 7.80
CA GLY I 30 -62.91 -1.23 6.77
C GLY I 30 -63.45 -1.20 5.37
N THR I 31 -62.54 -1.03 4.40
CA THR I 31 -62.83 -0.82 2.98
C THR I 31 -63.76 -1.90 2.37
N ILE I 32 -64.86 -1.42 1.78
CA ILE I 32 -65.83 -2.22 1.04
C ILE I 32 -65.69 -1.79 -0.44
N ASP I 33 -65.08 -2.69 -1.23
CA ASP I 33 -64.83 -2.58 -2.65
C ASP I 33 -65.67 -3.64 -3.39
N VAL I 38 -60.19 -10.91 -5.33
CA VAL I 38 -61.00 -11.25 -4.17
C VAL I 38 -60.96 -10.12 -3.15
N ASP I 39 -61.98 -10.05 -2.25
CA ASP I 39 -62.12 -9.04 -1.19
C ASP I 39 -61.38 -9.51 0.06
N TRP I 40 -60.75 -8.57 0.82
CA TRP I 40 -59.92 -8.90 1.98
C TRP I 40 -60.71 -9.58 3.07
N GLN I 41 -62.00 -9.27 3.16
CA GLN I 41 -62.93 -9.79 4.13
C GLN I 41 -63.07 -11.29 3.99
N LYS I 42 -63.26 -11.81 2.75
CA LYS I 42 -63.36 -13.25 2.49
C LYS I 42 -62.03 -13.95 2.82
N ALA I 43 -60.89 -13.34 2.43
CA ALA I 43 -59.55 -13.87 2.68
C ALA I 43 -59.27 -13.99 4.18
N THR I 44 -59.84 -13.06 4.99
CA THR I 44 -59.68 -13.06 6.45
C THR I 44 -60.53 -14.21 7.02
N CYS I 45 -61.77 -14.38 6.52
CA CYS I 45 -62.65 -15.48 6.91
C CYS I 45 -61.96 -16.83 6.61
N ASP I 46 -61.35 -16.97 5.40
CA ASP I 46 -60.61 -18.16 4.98
C ASP I 46 -59.42 -18.44 5.90
N TRP I 47 -58.75 -17.36 6.37
CA TRP I 47 -57.61 -17.47 7.29
C TRP I 47 -58.05 -18.13 8.61
N PHE I 48 -59.19 -17.68 9.17
CA PHE I 48 -59.76 -18.24 10.40
C PHE I 48 -60.22 -19.68 10.19
N ARG I 49 -60.74 -20.00 8.98
CA ARG I 49 -61.20 -21.36 8.63
C ARG I 49 -60.04 -22.34 8.60
N ALA I 50 -58.81 -21.86 8.28
CA ALA I 50 -57.58 -22.67 8.18
C ALA I 50 -56.92 -22.93 9.56
N LEU I 51 -57.41 -22.26 10.64
CA LEU I 51 -56.88 -22.42 12.01
C LEU I 51 -57.21 -23.81 12.56
N PRO I 52 -56.34 -24.39 13.41
CA PRO I 52 -56.61 -25.76 13.90
C PRO I 52 -57.65 -25.87 15.01
N GLU I 53 -57.91 -24.76 15.74
CA GLU I 53 -58.83 -24.73 16.90
C GLU I 53 -59.58 -23.40 17.00
N GLY I 54 -60.62 -23.37 17.86
CA GLY I 54 -61.39 -22.17 18.19
C GLY I 54 -62.77 -22.02 17.59
N ARG I 55 -63.63 -21.21 18.25
CA ARG I 55 -65.00 -20.98 17.78
C ARG I 55 -65.16 -19.48 17.44
N TYR I 56 -65.15 -19.16 16.12
CA TYR I 56 -65.18 -17.78 15.65
C TYR I 56 -66.50 -17.42 14.94
N LEU I 57 -67.08 -16.27 15.36
CA LEU I 57 -68.28 -15.68 14.78
C LEU I 57 -67.82 -14.39 14.14
N LEU I 58 -67.75 -14.36 12.82
CA LEU I 58 -67.26 -13.20 12.11
C LEU I 58 -68.41 -12.38 11.56
N PHE I 59 -68.45 -11.09 11.92
CA PHE I 59 -69.47 -10.15 11.43
C PHE I 59 -68.92 -9.47 10.21
N ASN I 60 -69.36 -9.90 9.03
CA ASN I 60 -68.89 -9.33 7.78
C ASN I 60 -69.95 -8.38 7.20
N PRO I 61 -69.71 -7.04 7.23
CA PRO I 61 -70.72 -6.09 6.74
C PRO I 61 -70.78 -6.04 5.21
N ARG I 62 -69.84 -6.71 4.52
CA ARG I 62 -69.76 -6.72 3.08
C ARG I 62 -70.71 -7.78 2.50
N ARG I 63 -71.80 -7.30 1.90
CA ARG I 63 -72.76 -8.21 1.24
C ARG I 63 -72.22 -8.67 -0.10
N ASP I 64 -72.68 -9.84 -0.60
CA ASP I 64 -72.21 -10.35 -1.88
C ASP I 64 -72.69 -9.42 -3.00
N LYS I 65 -73.95 -8.94 -2.91
CA LYS I 65 -74.51 -7.98 -3.85
C LYS I 65 -74.59 -6.60 -3.17
N GLY I 66 -74.26 -5.55 -3.91
CA GLY I 66 -74.27 -4.19 -3.38
C GLY I 66 -75.64 -3.72 -2.89
N LEU I 67 -75.66 -2.55 -2.21
CA LEU I 67 -76.93 -2.01 -1.71
C LEU I 67 -77.79 -1.48 -2.85
N SER I 68 -79.12 -1.69 -2.76
CA SER I 68 -80.11 -1.22 -3.76
C SER I 68 -80.17 0.30 -3.87
N GLY I 69 -79.90 0.99 -2.78
CA GLY I 69 -80.01 2.44 -2.72
C GLY I 69 -81.31 2.86 -2.04
N GLU I 70 -82.21 1.88 -1.78
CA GLU I 70 -83.47 2.09 -1.09
C GLU I 70 -83.10 2.40 0.37
N MSE I 71 -83.78 3.43 0.93
CA MSE I 71 -83.53 4.05 2.24
C MSE I 71 -83.66 3.08 3.45
O MSE I 71 -82.79 3.11 4.31
CB MSE I 71 -84.51 5.22 2.43
CG MSE I 71 -84.32 5.94 3.79
SE MSE I 71 -82.47 6.65 4.13
CE MSE I 71 -82.66 8.31 3.11
N SER I 72 -84.74 2.26 3.55
CA SER I 72 -84.91 1.36 4.69
C SER I 72 -83.80 0.30 4.70
N ASP I 73 -83.36 -0.14 3.50
CA ASP I 73 -82.28 -1.10 3.37
C ASP I 73 -80.96 -0.50 3.84
N PHE I 74 -80.74 0.80 3.55
CA PHE I 74 -79.56 1.54 3.95
C PHE I 74 -79.52 1.68 5.48
N GLU I 75 -80.66 2.04 6.09
CA GLU I 75 -80.76 2.17 7.54
C GLU I 75 -80.50 0.83 8.22
N HIS I 76 -80.99 -0.28 7.63
CA HIS I 76 -80.73 -1.60 8.15
C HIS I 76 -79.22 -1.87 8.12
N GLN I 77 -78.52 -1.48 7.04
CA GLN I 77 -77.08 -1.66 6.91
C GLN I 77 -76.32 -0.94 8.04
N VAL I 78 -76.62 0.36 8.27
CA VAL I 78 -75.91 1.18 9.24
C VAL I 78 -76.20 0.67 10.67
N ASN I 79 -77.45 0.35 10.97
CA ASN I 79 -77.83 -0.17 12.28
C ASN I 79 -77.21 -1.54 12.52
N TRP I 80 -77.12 -2.41 11.46
CA TRP I 80 -76.49 -3.73 11.58
C TRP I 80 -75.00 -3.56 11.92
N GLU I 81 -74.32 -2.62 11.23
CA GLU I 81 -72.91 -2.29 11.44
C GLU I 81 -72.67 -1.82 12.86
N LEU I 82 -73.43 -0.81 13.35
CA LEU I 82 -73.23 -0.23 14.69
C LEU I 82 -73.51 -1.25 15.78
N GLU I 83 -74.57 -2.06 15.63
CA GLU I 83 -74.95 -3.08 16.60
C GLU I 83 -73.89 -4.16 16.75
N HIS I 84 -73.34 -4.61 15.63
CA HIS I 84 -72.38 -5.70 15.59
C HIS I 84 -70.96 -5.19 15.90
N LEU I 85 -70.71 -3.86 15.75
CA LEU I 85 -69.44 -3.26 16.18
C LEU I 85 -69.42 -3.25 17.72
N GLU I 86 -70.59 -2.99 18.31
CA GLU I 86 -70.80 -3.00 19.76
C GLU I 86 -70.71 -4.42 20.34
N LYS I 87 -71.36 -5.43 19.68
CA LYS I 87 -71.36 -6.84 20.11
C LYS I 87 -69.98 -7.54 20.01
N ALA I 88 -69.12 -7.11 19.06
CA ALA I 88 -67.83 -7.74 18.78
C ALA I 88 -66.87 -7.73 19.99
N ASP I 89 -66.10 -8.80 20.13
CA ASP I 89 -65.04 -8.93 21.14
C ASP I 89 -63.77 -8.26 20.64
N LEU I 90 -63.64 -8.20 19.30
CA LEU I 90 -62.53 -7.62 18.57
C LEU I 90 -62.99 -7.04 17.26
N ILE I 91 -62.44 -5.88 16.90
CA ILE I 91 -62.70 -5.21 15.63
C ILE I 91 -61.40 -5.20 14.83
N ILE I 92 -61.39 -5.94 13.70
CA ILE I 92 -60.30 -5.94 12.74
C ILE I 92 -60.66 -4.87 11.72
N MSE I 93 -59.91 -3.75 11.72
CA MSE I 93 -60.24 -2.65 10.82
C MSE I 93 -59.16 -2.52 9.76
O MSE I 93 -58.04 -2.11 10.05
CB MSE I 93 -60.42 -1.35 11.57
CG MSE I 93 -60.72 -0.17 10.67
SE MSE I 93 -61.25 1.37 11.73
CE MSE I 93 -63.04 0.86 12.33
N ASN I 94 -59.50 -2.88 8.51
CA ASN I 94 -58.53 -2.87 7.42
C ASN I 94 -58.86 -1.78 6.41
N ILE I 95 -57.91 -0.85 6.21
CA ILE I 95 -58.06 0.31 5.34
C ILE I 95 -57.06 0.23 4.20
N LEU I 96 -57.57 0.12 2.97
CA LEU I 96 -56.72 0.00 1.77
C LEU I 96 -56.31 1.39 1.28
N ALA I 97 -55.11 1.49 0.69
CA ALA I 97 -54.51 2.74 0.21
C ALA I 97 -55.40 3.48 -0.81
N SER I 98 -56.10 2.75 -1.68
CA SER I 98 -56.95 3.30 -2.74
C SER I 98 -58.29 3.87 -2.21
N SER I 99 -58.73 3.46 -1.00
CA SER I 99 -60.01 3.86 -0.45
C SER I 99 -60.03 5.27 0.15
N LYS I 100 -61.26 5.81 0.22
CA LYS I 100 -61.52 7.08 0.87
C LYS I 100 -62.03 6.79 2.27
N SER I 101 -62.71 5.62 2.45
CA SER I 101 -63.21 5.06 3.73
C SER I 101 -63.74 6.17 4.76
N PRO I 102 -64.68 7.09 4.42
CA PRO I 102 -65.09 8.11 5.42
C PRO I 102 -65.88 7.55 6.62
N ILE I 103 -66.64 6.48 6.43
CA ILE I 103 -67.44 5.88 7.50
C ILE I 103 -66.54 4.95 8.34
N THR I 104 -65.48 4.41 7.75
CA THR I 104 -64.51 3.62 8.48
C THR I 104 -63.86 4.51 9.56
N LEU I 105 -63.56 5.78 9.21
CA LEU I 105 -62.95 6.74 10.13
C LEU I 105 -63.94 7.13 11.23
N LEU I 106 -65.26 7.23 10.93
CA LEU I 106 -66.31 7.48 11.92
C LEU I 106 -66.33 6.32 12.95
N GLU I 107 -66.33 5.07 12.46
CA GLU I 107 -66.33 3.85 13.26
C GLU I 107 -65.05 3.73 14.08
N MSE I 108 -63.91 4.19 13.52
CA MSE I 108 -62.63 4.17 14.22
C MSE I 108 -62.69 5.09 15.44
O MSE I 108 -62.33 4.66 16.52
CB MSE I 108 -61.50 4.61 13.28
CG MSE I 108 -60.12 4.34 13.85
SE MSE I 108 -58.71 5.24 12.86
CE MSE I 108 -58.84 4.20 11.26
N GLY I 109 -63.19 6.31 15.24
CA GLY I 109 -63.38 7.24 16.34
C GLY I 109 -64.31 6.70 17.40
N LEU I 110 -65.43 6.09 16.96
CA LEU I 110 -66.45 5.52 17.82
C LEU I 110 -65.93 4.37 18.72
N PHE I 111 -64.90 3.61 18.27
CA PHE I 111 -64.42 2.46 19.07
C PHE I 111 -62.94 2.64 19.47
N MSE I 112 -62.36 3.83 19.20
CA MSE I 112 -60.99 4.16 19.52
C MSE I 112 -60.62 3.82 20.97
O MSE I 112 -59.53 3.29 21.21
CB MSE I 112 -60.78 5.66 19.28
CG MSE I 112 -59.32 6.12 19.32
SE MSE I 112 -58.30 5.65 17.69
CE MSE I 112 -59.27 6.68 16.39
N ARG I 113 -61.50 4.13 21.95
CA ARG I 113 -61.17 3.94 23.38
C ARG I 113 -61.72 2.63 23.96
N SER I 114 -62.35 1.77 23.12
CA SER I 114 -62.95 0.51 23.55
C SER I 114 -61.93 -0.55 24.01
N GLY I 115 -60.70 -0.48 23.48
CA GLY I 115 -59.65 -1.44 23.75
C GLY I 115 -59.72 -2.66 22.85
N LYS I 116 -60.79 -2.77 22.01
CA LYS I 116 -60.98 -3.96 21.17
C LYS I 116 -60.71 -3.68 19.67
N LEU I 117 -60.25 -2.46 19.34
CA LEU I 117 -59.95 -2.05 17.97
C LEU I 117 -58.48 -2.34 17.62
N ARG I 118 -58.29 -2.94 16.43
CA ARG I 118 -57.01 -3.22 15.80
C ARG I 118 -57.06 -2.59 14.44
N VAL I 119 -56.17 -1.62 14.16
CA VAL I 119 -56.22 -0.91 12.89
C VAL I 119 -55.08 -1.37 12.00
N ILE I 120 -55.43 -1.69 10.75
CA ILE I 120 -54.53 -2.07 9.68
C ILE I 120 -54.72 -1.00 8.62
N CYS I 121 -53.74 -0.13 8.42
CA CYS I 121 -53.88 0.97 7.50
C CYS I 121 -52.70 0.96 6.56
N GLU I 122 -53.00 0.71 5.30
CA GLU I 122 -52.00 0.60 4.24
C GLU I 122 -51.35 1.96 3.95
N PRO I 123 -50.00 2.03 3.99
CA PRO I 123 -49.34 3.30 3.61
C PRO I 123 -49.74 3.68 2.19
N GLY I 124 -50.03 4.95 2.01
CA GLY I 124 -50.53 5.43 0.74
C GLY I 124 -51.96 5.88 0.89
N PHE I 125 -52.65 5.47 1.99
CA PHE I 125 -54.00 5.92 2.32
C PHE I 125 -53.97 7.43 2.48
N TYR I 126 -54.91 8.17 1.82
CA TYR I 126 -54.88 9.64 1.73
C TYR I 126 -54.94 10.36 3.11
N ARG I 127 -55.36 9.68 4.21
CA ARG I 127 -55.38 10.30 5.54
C ARG I 127 -54.61 9.42 6.55
N TYR I 128 -53.54 8.78 6.08
CA TYR I 128 -52.71 7.87 6.85
C TYR I 128 -52.14 8.54 8.12
N ASP I 129 -51.59 9.75 7.98
CA ASP I 129 -50.93 10.43 9.10
C ASP I 129 -51.93 10.79 10.19
N ASN I 130 -53.18 11.10 9.83
CA ASN I 130 -54.24 11.32 10.81
C ASN I 130 -54.53 10.04 11.58
N VAL I 131 -54.64 8.91 10.87
CA VAL I 131 -54.88 7.60 11.48
C VAL I 131 -53.72 7.26 12.44
N ARG I 132 -52.47 7.41 11.98
CA ARG I 132 -51.27 7.12 12.75
C ARG I 132 -51.19 7.98 14.03
N LEU I 133 -51.40 9.30 13.92
CA LEU I 133 -51.32 10.25 15.04
C LEU I 133 -52.43 10.04 16.07
N THR I 134 -53.66 9.70 15.62
CA THR I 134 -54.81 9.48 16.51
C THR I 134 -54.65 8.12 17.25
N CYS I 135 -54.28 7.04 16.55
CA CYS I 135 -54.05 5.75 17.17
C CYS I 135 -52.92 5.85 18.20
N ALA I 136 -51.86 6.60 17.89
CA ALA I 136 -50.73 6.80 18.80
C ALA I 136 -51.20 7.47 20.09
N ARG I 137 -52.03 8.53 19.97
CA ARG I 137 -52.54 9.28 21.10
C ARG I 137 -53.40 8.39 22.02
N TYR I 138 -54.23 7.51 21.44
CA TYR I 138 -55.15 6.74 22.24
C TYR I 138 -54.70 5.27 22.44
N GLY I 139 -53.48 4.97 22.06
CA GLY I 139 -52.90 3.65 22.28
C GLY I 139 -53.55 2.49 21.54
N VAL I 140 -54.02 2.75 20.31
CA VAL I 140 -54.62 1.72 19.47
C VAL I 140 -53.54 1.07 18.59
N PRO I 141 -53.37 -0.27 18.65
CA PRO I 141 -52.38 -0.94 17.77
C PRO I 141 -52.67 -0.65 16.29
N LEU I 142 -51.60 -0.26 15.56
CA LEU I 142 -51.65 0.10 14.15
C LEU I 142 -50.61 -0.72 13.37
N TYR I 143 -51.07 -1.42 12.33
CA TYR I 143 -50.29 -2.28 11.45
C TYR I 143 -50.38 -1.78 10.03
N GLN I 144 -49.44 -2.19 9.19
CA GLN I 144 -49.38 -1.72 7.80
C GLN I 144 -49.97 -2.73 6.84
N ASN I 145 -50.13 -3.97 7.26
CA ASN I 145 -50.71 -5.02 6.44
C ASN I 145 -51.29 -6.10 7.34
N MSE I 146 -52.24 -6.87 6.78
CA MSE I 146 -52.96 -7.95 7.44
C MSE I 146 -52.02 -9.09 7.84
O MSE I 146 -52.24 -9.67 8.90
CB MSE I 146 -54.07 -8.48 6.53
CG MSE I 146 -55.30 -7.57 6.49
SE MSE I 146 -56.25 -7.42 8.21
CE MSE I 146 -56.92 -9.15 8.40
N ASP I 147 -50.98 -9.39 7.04
CA ASP I 147 -50.03 -10.46 7.39
C ASP I 147 -49.35 -10.19 8.72
N ASP I 148 -48.83 -8.97 8.93
CA ASP I 148 -48.19 -8.58 10.19
C ASP I 148 -49.17 -8.67 11.36
N PHE I 149 -50.42 -8.21 11.17
CA PHE I 149 -51.41 -8.23 12.23
C PHE I 149 -51.83 -9.67 12.57
N LEU I 150 -52.19 -10.48 11.56
CA LEU I 150 -52.73 -11.82 11.79
C LEU I 150 -51.66 -12.71 12.43
N LYS I 151 -50.35 -12.44 12.16
CA LYS I 151 -49.26 -13.18 12.78
C LYS I 151 -49.11 -12.84 14.28
N THR I 152 -49.76 -11.75 14.78
CA THR I 152 -49.70 -11.36 16.19
C THR I 152 -50.79 -12.06 17.01
N MSE I 153 -51.83 -12.58 16.34
CA MSE I 153 -52.98 -13.19 17.00
C MSE I 153 -52.60 -14.46 17.78
O MSE I 153 -52.08 -15.43 17.21
CB MSE I 153 -54.10 -13.47 16.01
CG MSE I 153 -54.62 -12.21 15.40
SE MSE I 153 -56.46 -12.36 14.83
CE MSE I 153 -57.32 -12.41 16.59
N ARG I 154 -52.89 -14.41 19.11
CA ARG I 154 -52.54 -15.28 20.22
C ARG I 154 -51.00 -15.44 20.28
N ALA J 2 -70.38 45.99 28.65
CA ALA J 2 -71.54 45.90 27.78
C ALA J 2 -71.54 44.63 26.92
N GLN J 3 -70.41 43.90 26.93
CA GLN J 3 -70.20 42.72 26.09
C GLN J 3 -69.48 41.56 26.77
N SER J 4 -69.60 40.41 26.14
CA SER J 4 -68.87 39.22 26.50
C SER J 4 -67.39 39.39 26.24
N GLU J 5 -66.57 38.63 26.96
CA GLU J 5 -65.14 38.54 26.72
C GLU J 5 -64.93 37.30 25.86
N VAL J 6 -64.47 37.49 24.61
CA VAL J 6 -64.22 36.38 23.68
C VAL J 6 -62.73 36.34 23.29
N VAL J 7 -62.06 35.25 23.66
CA VAL J 7 -60.67 34.97 23.31
C VAL J 7 -60.67 33.81 22.29
N VAL J 8 -59.92 33.96 21.16
CA VAL J 8 -59.82 32.95 20.11
C VAL J 8 -58.37 32.46 20.00
N LEU J 9 -58.17 31.17 20.25
CA LEU J 9 -56.90 30.48 20.15
C LEU J 9 -56.90 29.66 18.84
N TYR J 10 -55.80 29.78 18.08
CA TYR J 10 -55.55 29.08 16.80
C TYR J 10 -54.36 28.14 16.93
N PRO J 11 -54.13 27.17 16.02
CA PRO J 11 -52.94 26.30 16.18
C PRO J 11 -51.60 27.08 16.06
N ASP J 12 -51.58 28.24 15.36
CA ASP J 12 -50.39 29.10 15.17
C ASP J 12 -50.42 30.37 16.06
N THR J 13 -51.19 30.31 17.16
CA THR J 13 -51.40 31.38 18.12
C THR J 13 -51.08 30.82 19.51
N GLU J 14 -50.81 31.73 20.45
CA GLU J 14 -50.47 31.45 21.84
C GLU J 14 -51.03 32.56 22.72
N ASN J 15 -51.59 32.22 23.90
CA ASN J 15 -52.04 33.26 24.82
C ASN J 15 -51.73 32.82 26.27
N LYS J 16 -50.46 32.98 26.63
CA LYS J 16 -49.95 32.75 27.98
C LYS J 16 -50.64 33.74 28.95
N ASP J 17 -50.55 33.46 30.26
CA ASP J 17 -51.15 34.24 31.37
C ASP J 17 -52.70 34.25 31.27
N LEU J 18 -53.30 33.14 30.77
CA LEU J 18 -54.73 32.96 30.67
C LEU J 18 -55.12 31.67 31.39
N ASP J 19 -56.03 31.78 32.36
CA ASP J 19 -56.53 30.62 33.10
C ASP J 19 -57.72 30.04 32.32
N GLU J 20 -57.47 28.95 31.56
CA GLU J 20 -58.49 28.28 30.73
C GLU J 20 -59.65 27.72 31.57
N ALA J 21 -59.41 27.45 32.87
CA ALA J 21 -60.41 26.90 33.80
C ALA J 21 -61.59 27.85 34.07
N VAL J 22 -61.39 29.18 33.88
CA VAL J 22 -62.45 30.15 34.19
C VAL J 22 -63.16 30.65 32.89
N TYR J 23 -63.01 29.92 31.77
CA TYR J 23 -63.66 30.22 30.47
C TYR J 23 -64.53 29.08 29.96
N GLN J 24 -65.56 29.42 29.19
CA GLN J 24 -66.37 28.40 28.54
C GLN J 24 -65.62 28.08 27.26
N LYS J 25 -64.99 26.90 27.23
CA LYS J 25 -64.13 26.48 26.13
C LYS J 25 -64.95 25.76 25.07
N ILE J 26 -64.97 26.35 23.85
CA ILE J 26 -65.74 25.81 22.74
C ILE J 26 -64.82 25.53 21.57
N PHE J 27 -64.85 24.29 21.07
CA PHE J 27 -64.07 23.89 19.92
C PHE J 27 -64.92 24.00 18.67
N LEU J 28 -64.42 24.71 17.65
CA LEU J 28 -65.12 24.88 16.37
C LEU J 28 -64.68 23.78 15.38
N ALA J 29 -65.35 22.62 15.44
CA ALA J 29 -65.03 21.48 14.59
C ALA J 29 -65.80 21.53 13.28
N GLY J 30 -65.29 20.86 12.25
CA GLY J 30 -66.00 20.82 10.97
C GLY J 30 -65.24 21.31 9.79
N THR J 31 -65.98 21.62 8.71
CA THR J 31 -65.46 21.98 7.40
C THR J 31 -64.51 23.18 7.46
N ILE J 32 -63.30 22.97 6.91
CA ILE J 32 -62.27 23.98 6.72
C ILE J 32 -62.18 24.20 5.20
N ASP J 33 -62.74 25.32 4.78
CA ASP J 33 -62.80 25.81 3.41
C ASP J 33 -61.95 27.06 3.32
N MSE J 34 -60.83 26.95 2.59
CA MSE J 34 -59.88 28.06 2.42
C MSE J 34 -60.27 28.88 1.18
O MSE J 34 -59.48 29.71 0.71
CB MSE J 34 -58.43 27.52 2.33
CG MSE J 34 -57.91 26.85 3.62
SE MSE J 34 -57.87 27.98 5.26
CE MSE J 34 -56.81 26.81 6.42
N GLY J 35 -61.48 28.65 0.67
CA GLY J 35 -62.06 29.32 -0.49
C GLY J 35 -63.51 29.70 -0.26
N LYS J 36 -63.78 30.38 0.88
CA LYS J 36 -65.12 30.85 1.26
C LYS J 36 -65.17 32.39 1.27
N SER J 37 -66.35 32.98 0.93
CA SER J 37 -66.62 34.44 0.93
C SER J 37 -66.41 35.06 2.33
N VAL J 38 -66.65 34.22 3.37
CA VAL J 38 -66.45 34.33 4.83
C VAL J 38 -66.65 32.89 5.36
N ASP J 39 -65.67 32.43 6.17
CA ASP J 39 -65.65 31.14 6.86
C ASP J 39 -66.69 31.15 8.00
N TRP J 40 -67.41 30.02 8.21
CA TRP J 40 -68.45 29.90 9.22
C TRP J 40 -67.87 30.08 10.63
N GLN J 41 -66.59 29.71 10.81
CA GLN J 41 -65.84 29.77 12.06
C GLN J 41 -65.72 31.21 12.57
N LYS J 42 -65.33 32.17 11.69
CA LYS J 42 -65.24 33.59 12.02
C LYS J 42 -66.62 34.15 12.39
N ALA J 43 -67.66 33.77 11.62
CA ALA J 43 -69.04 34.21 11.86
C ALA J 43 -69.55 33.73 13.23
N THR J 44 -69.10 32.53 13.67
CA THR J 44 -69.48 31.95 14.96
C THR J 44 -68.78 32.76 16.07
N CYS J 45 -67.48 33.08 15.89
CA CYS J 45 -66.68 33.89 16.81
C CYS J 45 -67.36 35.25 16.98
N ASP J 46 -67.77 35.88 15.86
CA ASP J 46 -68.47 37.17 15.87
C ASP J 46 -69.80 37.11 16.63
N TRP J 47 -70.52 35.97 16.54
CA TRP J 47 -71.81 35.73 17.20
C TRP J 47 -71.63 35.76 18.73
N PHE J 48 -70.55 35.10 19.21
CA PHE J 48 -70.20 35.06 20.62
C PHE J 48 -69.71 36.42 21.11
N ARG J 49 -69.04 37.21 20.22
CA ARG J 49 -68.57 38.56 20.55
C ARG J 49 -69.74 39.52 20.76
N ALA J 50 -70.90 39.24 20.11
CA ALA J 50 -72.12 40.06 20.17
C ALA J 50 -72.96 39.81 21.46
N LEU J 51 -72.64 38.75 22.24
CA LEU J 51 -73.33 38.39 23.49
C LEU J 51 -73.12 39.46 24.58
N PRO J 52 -74.09 39.63 25.49
CA PRO J 52 -73.96 40.68 26.51
C PRO J 52 -72.99 40.35 27.64
N GLU J 53 -72.76 39.05 27.95
CA GLU J 53 -71.86 38.58 29.02
C GLU J 53 -71.25 37.20 28.70
N GLY J 54 -70.36 36.75 29.58
CA GLY J 54 -69.71 35.45 29.49
C GLY J 54 -68.26 35.49 29.07
N ARG J 55 -67.47 34.52 29.54
CA ARG J 55 -66.06 34.43 29.19
C ARG J 55 -65.89 33.22 28.32
N TYR J 56 -65.62 33.43 27.02
CA TYR J 56 -65.52 32.34 26.07
C TYR J 56 -64.17 32.25 25.45
N LEU J 57 -63.67 31.05 25.42
CA LEU J 57 -62.40 30.70 24.83
C LEU J 57 -62.72 29.79 23.68
N LEU J 58 -62.59 30.30 22.45
CA LEU J 58 -62.95 29.53 21.27
C LEU J 58 -61.72 28.97 20.60
N PHE J 59 -61.65 27.64 20.47
CA PHE J 59 -60.55 26.93 19.82
C PHE J 59 -60.89 26.79 18.37
N ASN J 60 -60.24 27.62 17.52
CA ASN J 60 -60.49 27.60 16.08
C ASN J 60 -59.31 26.91 15.35
N PRO J 61 -59.50 25.67 14.80
CA PRO J 61 -58.37 25.00 14.11
C PRO J 61 -58.10 25.59 12.71
N ARG J 62 -58.98 26.48 12.24
CA ARG J 62 -58.84 27.10 10.92
C ARG J 62 -57.87 28.27 10.99
N ARG J 63 -56.68 28.05 10.43
CA ARG J 63 -55.65 29.09 10.36
C ARG J 63 -55.99 30.06 9.24
N ASP J 64 -55.48 31.30 9.30
CA ASP J 64 -55.77 32.28 8.23
C ASP J 64 -55.09 31.82 6.93
N LYS J 65 -53.86 31.27 7.03
CA LYS J 65 -53.14 30.71 5.89
C LYS J 65 -53.19 29.17 5.95
N GLY J 66 -53.40 28.52 4.81
CA GLY J 66 -53.44 27.05 4.76
C GLY J 66 -52.15 26.38 5.24
N LEU J 67 -52.17 25.04 5.37
CA LEU J 67 -50.98 24.32 5.83
C LEU J 67 -49.95 24.26 4.72
N SER J 68 -48.65 24.42 5.09
CA SER J 68 -47.51 24.36 4.18
C SER J 68 -47.34 22.98 3.52
N GLY J 69 -47.75 21.93 4.22
CA GLY J 69 -47.57 20.56 3.79
C GLY J 69 -46.35 19.91 4.44
N GLU J 70 -45.60 20.68 5.28
CA GLU J 70 -44.46 20.17 6.04
C GLU J 70 -45.00 19.28 7.15
N MSE J 71 -44.42 18.07 7.30
CA MSE J 71 -44.86 17.01 8.22
C MSE J 71 -44.93 17.45 9.70
O MSE J 71 -45.93 17.12 10.33
CB MSE J 71 -43.93 15.80 8.12
CG MSE J 71 -44.30 14.66 9.09
SE MSE J 71 -46.11 13.92 8.81
CE MSE J 71 -45.67 12.67 7.47
N SER J 72 -43.91 18.15 10.26
CA SER J 72 -43.96 18.53 11.70
C SER J 72 -45.07 19.55 11.94
N ASP J 73 -45.32 20.44 10.96
CA ASP J 73 -46.41 21.41 10.99
C ASP J 73 -47.76 20.70 10.99
N PHE J 74 -47.89 19.63 10.18
CA PHE J 74 -49.10 18.84 10.07
C PHE J 74 -49.37 18.10 11.40
N GLU J 75 -48.34 17.49 11.99
CA GLU J 75 -48.47 16.80 13.27
C GLU J 75 -48.90 17.77 14.35
N HIS J 76 -48.35 19.00 14.34
CA HIS J 76 -48.73 20.03 15.29
C HIS J 76 -50.23 20.34 15.14
N GLN J 77 -50.73 20.42 13.90
CA GLN J 77 -52.13 20.68 13.62
C GLN J 77 -53.03 19.58 14.22
N VAL J 78 -52.76 18.30 13.93
CA VAL J 78 -53.57 17.16 14.39
C VAL J 78 -53.54 17.08 15.92
N ASN J 79 -52.33 17.19 16.52
CA ASN J 79 -52.19 17.13 17.98
C ASN J 79 -52.88 18.31 18.65
N TRP J 80 -52.85 19.51 18.03
CA TRP J 80 -53.54 20.67 18.57
C TRP J 80 -55.04 20.44 18.55
N GLU J 81 -55.56 19.92 17.42
CA GLU J 81 -56.97 19.61 17.25
C GLU J 81 -57.44 18.61 18.33
N LEU J 82 -56.74 17.47 18.49
CA LEU J 82 -57.13 16.43 19.44
C LEU J 82 -57.04 16.92 20.88
N GLU J 83 -56.00 17.65 21.23
CA GLU J 83 -55.81 18.17 22.59
C GLU J 83 -56.93 19.16 22.97
N HIS J 84 -57.31 20.05 22.04
CA HIS J 84 -58.29 21.09 22.31
C HIS J 84 -59.72 20.54 22.13
N LEU J 85 -59.91 19.42 21.43
CA LEU J 85 -61.20 18.74 21.38
C LEU J 85 -61.47 18.11 22.76
N GLU J 86 -60.41 17.59 23.38
CA GLU J 86 -60.47 17.02 24.72
C GLU J 86 -60.69 18.10 25.79
N LYS J 87 -59.99 19.27 25.68
CA LYS J 87 -60.09 20.38 26.65
C LYS J 87 -61.44 21.13 26.59
N ALA J 88 -62.13 21.14 25.43
CA ALA J 88 -63.38 21.86 25.21
C ALA J 88 -64.52 21.40 26.13
N ASP J 89 -65.34 22.36 26.56
CA ASP J 89 -66.56 22.15 27.34
C ASP J 89 -67.69 21.80 26.39
N LEU J 90 -67.59 22.30 25.15
CA LEU J 90 -68.55 22.11 24.08
C LEU J 90 -67.85 22.03 22.74
N ILE J 91 -68.31 21.14 21.86
CA ILE J 91 -67.84 21.01 20.49
C ILE J 91 -68.98 21.38 19.53
N ILE J 92 -68.80 22.50 18.80
CA ILE J 92 -69.73 22.92 17.75
C ILE J 92 -69.19 22.33 16.47
N MSE J 93 -69.87 21.32 15.91
CA MSE J 93 -69.36 20.68 14.71
C MSE J 93 -70.24 21.05 13.51
O MSE J 93 -71.38 20.58 13.42
CB MSE J 93 -69.28 19.17 14.90
CG MSE J 93 -68.78 18.45 13.65
SE MSE J 93 -68.45 16.61 14.03
CE MSE J 93 -66.78 16.75 15.17
N ASN J 94 -69.70 21.88 12.60
CA ASN J 94 -70.45 22.34 11.44
C ASN J 94 -69.93 21.69 10.13
N ILE J 95 -70.82 20.94 9.44
CA ILE J 95 -70.48 20.19 8.21
C ILE J 95 -71.27 20.73 7.04
N LEU J 96 -70.55 21.29 6.05
CA LEU J 96 -71.18 21.88 4.87
C LEU J 96 -71.45 20.80 3.81
N ALA J 97 -72.50 20.99 3.02
CA ALA J 97 -72.95 20.03 2.01
C ALA J 97 -71.87 19.71 0.95
N SER J 98 -71.06 20.70 0.58
CA SER J 98 -70.02 20.56 -0.44
C SER J 98 -68.78 19.78 0.06
N SER J 99 -68.59 19.67 1.38
CA SER J 99 -67.40 19.06 1.96
C SER J 99 -67.42 17.54 1.96
N LYS J 100 -66.22 16.95 2.02
CA LYS J 100 -66.05 15.53 2.17
C LYS J 100 -65.77 15.26 3.64
N SER J 101 -65.16 16.24 4.36
CA SER J 101 -64.91 16.24 5.81
C SER J 101 -64.55 14.79 6.40
N PRO J 102 -63.54 14.03 5.90
CA PRO J 102 -63.31 12.67 6.48
C PRO J 102 -62.76 12.67 7.92
N ILE J 103 -61.99 13.70 8.30
CA ILE J 103 -61.40 13.81 9.64
C ILE J 103 -62.46 14.38 10.59
N THR J 104 -63.41 15.17 10.07
CA THR J 104 -64.55 15.64 10.88
C THR J 104 -65.34 14.43 11.39
N LEU J 105 -65.53 13.41 10.52
CA LEU J 105 -66.28 12.20 10.88
C LEU J 105 -65.51 11.38 11.90
N LEU J 106 -64.15 11.34 11.81
CA LEU J 106 -63.29 10.68 12.80
C LEU J 106 -63.50 11.36 14.18
N GLU J 107 -63.43 12.70 14.22
CA GLU J 107 -63.61 13.51 15.41
C GLU J 107 -65.02 13.36 15.98
N MSE J 108 -66.03 13.22 15.09
CA MSE J 108 -67.40 13.01 15.51
C MSE J 108 -67.52 11.68 16.28
O MSE J 108 -68.09 11.65 17.36
CB MSE J 108 -68.34 13.01 14.30
CG MSE J 108 -69.81 13.09 14.70
SE MSE J 108 -71.00 12.73 13.20
CE MSE J 108 -70.64 14.27 12.16
N GLY J 109 -66.95 10.62 15.72
CA GLY J 109 -66.89 9.30 16.35
C GLY J 109 -66.21 9.35 17.70
N LEU J 110 -65.06 10.03 17.77
CA LEU J 110 -64.27 10.20 18.99
C LEU J 110 -65.04 10.89 20.13
N PHE J 111 -65.92 11.86 19.81
CA PHE J 111 -66.59 12.60 20.87
C PHE J 111 -68.10 12.36 20.87
N MSE J 112 -68.56 11.37 20.10
CA MSE J 112 -69.96 10.99 20.00
C MSE J 112 -70.61 10.75 21.38
O MSE J 112 -71.73 11.20 21.60
CB MSE J 112 -70.07 9.70 19.17
CG MSE J 112 -71.48 9.33 18.78
SE MSE J 112 -72.24 10.42 17.35
CE MSE J 112 -71.01 10.00 15.92
N ARG J 113 -69.91 10.05 22.31
CA ARG J 113 -70.48 9.70 23.61
C ARG J 113 -70.09 10.66 24.74
N SER J 114 -69.39 11.75 24.43
CA SER J 114 -68.89 12.71 25.43
C SER J 114 -70.01 13.54 26.07
N GLY J 115 -71.10 13.73 25.35
CA GLY J 115 -72.20 14.56 25.82
C GLY J 115 -72.01 16.04 25.52
N LYS J 116 -70.82 16.44 25.00
CA LYS J 116 -70.51 17.84 24.72
C LYS J 116 -70.50 18.14 23.19
N LEU J 117 -70.84 17.17 22.35
CA LEU J 117 -70.88 17.34 20.90
C LEU J 117 -72.30 17.80 20.41
N ARG J 118 -72.29 18.84 19.57
CA ARG J 118 -73.45 19.40 18.87
C ARG J 118 -73.15 19.34 17.38
N VAL J 119 -73.93 18.58 16.60
CA VAL J 119 -73.63 18.42 15.18
C VAL J 119 -74.61 19.24 14.36
N ILE J 120 -74.07 20.03 13.44
CA ILE J 120 -74.78 20.83 12.45
C ILE J 120 -74.37 20.25 11.09
N CYS J 121 -75.28 19.55 10.42
CA CYS J 121 -74.95 18.89 9.17
C CYS J 121 -75.94 19.29 8.12
N GLU J 122 -75.43 20.00 7.12
CA GLU J 122 -76.21 20.53 6.03
C GLU J 122 -76.75 19.39 5.14
N PRO J 123 -78.09 19.36 4.88
CA PRO J 123 -78.63 18.37 3.93
C PRO J 123 -77.95 18.54 2.57
N GLY J 124 -77.57 17.44 1.97
CA GLY J 124 -76.84 17.46 0.73
C GLY J 124 -75.44 16.93 0.95
N PHE J 125 -74.99 16.86 2.21
CA PHE J 125 -73.69 16.28 2.59
C PHE J 125 -73.69 14.81 2.15
N TYR J 126 -72.65 14.35 1.45
CA TYR J 126 -72.59 13.02 0.81
C TYR J 126 -72.74 11.83 1.83
N ARG J 127 -72.54 12.04 3.13
CA ARG J 127 -72.74 10.97 4.11
C ARG J 127 -73.74 11.42 5.18
N TYR J 128 -74.72 12.22 4.79
CA TYR J 128 -75.74 12.78 5.68
C TYR J 128 -76.50 11.71 6.47
N ASP J 129 -76.96 10.65 5.79
CA ASP J 129 -77.78 9.62 6.45
C ASP J 129 -76.96 8.84 7.47
N ASN J 130 -75.65 8.67 7.25
CA ASN J 130 -74.77 8.05 8.23
C ASN J 130 -74.68 8.91 9.48
N VAL J 131 -74.50 10.24 9.30
CA VAL J 131 -74.44 11.20 10.38
C VAL J 131 -75.77 11.16 11.17
N ARG J 132 -76.91 11.24 10.47
CA ARG J 132 -78.25 11.25 11.06
C ARG J 132 -78.52 9.95 11.88
N LEU J 133 -78.22 8.79 11.31
CA LEU J 133 -78.46 7.48 11.94
C LEU J 133 -77.53 7.22 13.14
N THR J 134 -76.26 7.66 13.08
CA THR J 134 -75.30 7.48 14.18
C THR J 134 -75.64 8.45 15.35
N CYS J 135 -75.95 9.73 15.07
CA CYS J 135 -76.36 10.70 16.09
C CYS J 135 -77.64 10.24 16.78
N ALA J 136 -78.59 9.68 16.00
CA ALA J 136 -79.86 9.15 16.54
C ALA J 136 -79.58 8.02 17.53
N ARG J 137 -78.68 7.07 17.16
CA ARG J 137 -78.34 5.92 18.00
C ARG J 137 -77.70 6.36 19.31
N TYR J 138 -76.84 7.38 19.27
CA TYR J 138 -76.09 7.75 20.49
C TYR J 138 -76.61 9.04 21.14
N GLY J 139 -77.78 9.51 20.69
CA GLY J 139 -78.46 10.67 21.28
C GLY J 139 -77.73 11.99 21.18
N VAL J 140 -77.10 12.23 20.03
CA VAL J 140 -76.35 13.47 19.80
C VAL J 140 -77.28 14.48 19.07
N PRO J 141 -77.44 15.71 19.62
CA PRO J 141 -78.25 16.72 18.93
C PRO J 141 -77.72 17.01 17.53
N LEU J 142 -78.61 17.00 16.54
CA LEU J 142 -78.32 17.21 15.13
C LEU J 142 -79.21 18.32 14.57
N TYR J 143 -78.58 19.34 13.98
CA TYR J 143 -79.23 20.51 13.39
C TYR J 143 -78.90 20.59 11.91
N GLN J 144 -79.68 21.34 11.12
CA GLN J 144 -79.49 21.45 9.69
C GLN J 144 -78.77 22.73 9.30
N ASN J 145 -78.71 23.70 10.20
CA ASN J 145 -78.02 24.97 9.97
C ASN J 145 -77.63 25.60 11.31
N MSE J 146 -76.63 26.47 11.28
CA MSE J 146 -76.06 27.18 12.42
C MSE J 146 -77.09 28.11 13.07
O MSE J 146 -77.09 28.19 14.30
CB MSE J 146 -74.82 27.99 12.02
CG MSE J 146 -73.59 27.11 11.87
SE MSE J 146 -73.01 26.24 13.55
CE MSE J 146 -72.45 27.77 14.60
N ASP J 147 -77.96 28.77 12.30
CA ASP J 147 -78.99 29.66 12.86
C ASP J 147 -79.89 28.91 13.85
N ASP J 148 -80.41 27.75 13.46
CA ASP J 148 -81.24 26.90 14.33
C ASP J 148 -80.47 26.47 15.58
N PHE J 149 -79.19 26.07 15.44
CA PHE J 149 -78.42 25.63 16.59
C PHE J 149 -78.12 26.78 17.57
N LEU J 150 -77.51 27.89 17.11
CA LEU J 150 -77.12 28.98 18.00
C LEU J 150 -78.36 29.52 18.77
N LYS J 151 -79.58 29.52 18.16
CA LYS J 151 -80.81 29.98 18.85
C LYS J 151 -81.12 29.11 20.10
N THR J 152 -80.64 27.84 20.14
CA THR J 152 -80.86 26.93 21.28
C THR J 152 -79.93 27.23 22.45
N MSE J 153 -78.80 27.87 22.18
CA MSE J 153 -77.84 28.16 23.23
C MSE J 153 -78.41 29.20 24.17
O MSE J 153 -78.69 30.35 23.79
CB MSE J 153 -76.51 28.62 22.67
CG MSE J 153 -75.82 27.53 21.91
SE MSE J 153 -74.01 28.02 21.61
CE MSE J 153 -73.33 27.88 23.51
N ARG J 154 -78.70 28.73 25.40
CA ARG J 154 -79.28 29.48 26.51
C ARG J 154 -78.67 28.91 27.80
CL CL K . 65.84 -0.48 -11.52
CL CL L . 63.07 -3.22 -44.83
CL CL M . 38.68 19.02 22.00
CL CL N . 25.31 -8.77 35.77
CL CL O . -6.74 -25.47 -20.32
CL CL P . -34.96 -6.01 16.10
CL CL Q . -26.66 8.54 -13.19
CL CL R . -72.25 -3.37 1.87
CL CL S . -56.11 24.93 8.91
#